data_5D81
# 
_entry.id   5D81 
# 
_audit_conform.dict_name       mmcif_pdbx.dic 
_audit_conform.dict_version    5.403 
_audit_conform.dict_location   http://mmcif.pdb.org/dictionaries/ascii/mmcif_pdbx.dic 
# 
loop_
_database_2.database_id 
_database_2.database_code 
_database_2.pdbx_database_accession 
_database_2.pdbx_DOI 
PDB   5D81         pdb_00005d81 10.2210/pdb5d81/pdb 
WWPDB D_1000209603 ?            ?                   
# 
loop_
_pdbx_audit_revision_history.ordinal 
_pdbx_audit_revision_history.data_content_type 
_pdbx_audit_revision_history.major_revision 
_pdbx_audit_revision_history.minor_revision 
_pdbx_audit_revision_history.revision_date 
_pdbx_audit_revision_history.part_number 
1 'Structure model' 1 0 2015-12-02 ? 
2 'Structure model' 1 1 2015-12-23 ? 
3 'Structure model' 1 2 2019-12-25 ? 
4 'Structure model' 1 3 2025-04-02 ? 
# 
_pdbx_audit_revision_details.ordinal             1 
_pdbx_audit_revision_details.revision_ordinal    1 
_pdbx_audit_revision_details.data_content_type   'Structure model' 
_pdbx_audit_revision_details.provider            repository 
_pdbx_audit_revision_details.type                'Initial release' 
_pdbx_audit_revision_details.description         ? 
_pdbx_audit_revision_details.details             ? 
# 
loop_
_pdbx_audit_revision_group.ordinal 
_pdbx_audit_revision_group.revision_ordinal 
_pdbx_audit_revision_group.data_content_type 
_pdbx_audit_revision_group.group 
1 2 'Structure model' 'Data collection'            
2 3 'Structure model' 'Author supporting evidence' 
3 3 'Structure model' 'Derived calculations'       
4 4 'Structure model' 'Data collection'            
5 4 'Structure model' 'Database references'        
6 4 'Structure model' 'Structure summary'          
# 
loop_
_pdbx_audit_revision_category.ordinal 
_pdbx_audit_revision_category.revision_ordinal 
_pdbx_audit_revision_category.data_content_type 
_pdbx_audit_revision_category.category 
1 3 'Structure model' pdbx_audit_support        
2 3 'Structure model' pdbx_struct_oper_list     
3 4 'Structure model' chem_comp_atom            
4 4 'Structure model' chem_comp_bond            
5 4 'Structure model' database_2                
6 4 'Structure model' pdbx_entry_details        
7 4 'Structure model' pdbx_modification_feature 
# 
loop_
_pdbx_audit_revision_item.ordinal 
_pdbx_audit_revision_item.revision_ordinal 
_pdbx_audit_revision_item.data_content_type 
_pdbx_audit_revision_item.item 
1 3 'Structure model' '_pdbx_audit_support.funding_organization'  
2 3 'Structure model' '_pdbx_struct_oper_list.symmetry_operation' 
3 4 'Structure model' '_database_2.pdbx_DOI'                      
4 4 'Structure model' '_database_2.pdbx_database_accession'       
# 
_pdbx_database_status.status_code                     REL 
_pdbx_database_status.status_code_sf                  REL 
_pdbx_database_status.status_code_mr                  ? 
_pdbx_database_status.entry_id                        5D81 
_pdbx_database_status.recvd_initial_deposition_date   2015-08-15 
_pdbx_database_status.SG_entry                        N 
_pdbx_database_status.deposit_site                    RCSB 
_pdbx_database_status.process_site                    RCSB 
_pdbx_database_status.status_code_cs                  ? 
_pdbx_database_status.methods_development_category    ? 
_pdbx_database_status.pdb_format_compatible           Y 
_pdbx_database_status.status_code_nmr_data            ? 
# 
loop_
_pdbx_database_related.content_type 
_pdbx_database_related.db_id 
_pdbx_database_related.db_name 
_pdbx_database_related.details 
unspecified 5D82 PDB . 
unspecified 5D83 PDB . 
# 
loop_
_audit_author.name 
_audit_author.pdbx_ordinal 
'Wu, Y.'      1 
'Fried, S.D.' 2 
'Boxer, S.G.' 3 
# 
_citation.abstract                  ? 
_citation.abstract_id_CAS           ? 
_citation.book_id_ISBN              ? 
_citation.book_publisher            ? 
_citation.book_publisher_city       ? 
_citation.book_title                ? 
_citation.coordinate_linkage        ? 
_citation.country                   US 
_citation.database_id_Medline       ? 
_citation.details                   ? 
_citation.id                        primary 
_citation.journal_abbrev            Biochemistry 
_citation.journal_id_ASTM           BICHAW 
_citation.journal_id_CSD            0033 
_citation.journal_id_ISSN           0006-2960 
_citation.journal_full              ? 
_citation.journal_issue             ? 
_citation.journal_volume            54 
_citation.language                  ? 
_citation.page_first                7110 
_citation.page_last                 7119 
_citation.title                     
;Dissecting Proton Delocalization in an Enzyme's Hydrogen Bond Network with Unnatural Amino Acids.
;
_citation.year                      2015 
_citation.database_id_CSD           ? 
_citation.pdbx_database_id_DOI      10.1021/acs.biochem.5b00958 
_citation.pdbx_database_id_PubMed   26571340 
_citation.unpublished_flag          ? 
# 
loop_
_citation_author.citation_id 
_citation_author.name 
_citation_author.ordinal 
_citation_author.identifier_ORCID 
primary 'Wu, Y.'      1 ? 
primary 'Fried, S.D.' 2 ? 
primary 'Boxer, S.G.' 3 ? 
# 
loop_
_entity.id 
_entity.type 
_entity.src_method 
_entity.pdbx_description 
_entity.formula_weight 
_entity.pdbx_number_of_molecules 
_entity.pdbx_ec 
_entity.pdbx_mutation 
_entity.pdbx_fragment 
_entity.details 
1 polymer     man 'Delta(5)-3-ketosteroid isomerase' 15048.559 1   5.3.3.1 'D40N,Y57(Cl-Y)' ? ? 
2 non-polymer syn 'SULFATE ION'                      96.063    2   ?       ?                ? ? 
3 water       nat water                              18.015    109 ?       ?                ? ? 
# 
_entity_poly.entity_id                      1 
_entity_poly.type                           'polypeptide(L)' 
_entity_poly.nstd_linkage                   no 
_entity_poly.nstd_monomer                   yes 
_entity_poly.pdbx_seq_one_letter_code       
;MNLPTAQEVQGLMARYIELVDVGDIEAIVQMYADDATVENPFGQPPIHGREQIAAF(3CT)RQGLGGGKVRACLTGPVRA
SHNGCGAMPFRVEMVWNGQPCALDVIDVMRFDEHGRIQTMQAYWSEVNLSVREPQLVPR
;
_entity_poly.pdbx_seq_one_letter_code_can   
;MNLPTAQEVQGLMARYIELVDVGDIEAIVQMYADDATVENPFGQPPIHGREQIAAFXRQGLGGGKVRACLTGPVRASHNG
CGAMPFRVEMVWNGQPCALDVIDVMRFDEHGRIQTMQAYWSEVNLSVREPQLVPR
;
_entity_poly.pdbx_strand_id                 A 
_entity_poly.pdbx_target_identifier         ? 
# 
loop_
_pdbx_entity_nonpoly.entity_id 
_pdbx_entity_nonpoly.name 
_pdbx_entity_nonpoly.comp_id 
2 'SULFATE ION' SO4 
3 water         HOH 
# 
loop_
_entity_poly_seq.entity_id 
_entity_poly_seq.num 
_entity_poly_seq.mon_id 
_entity_poly_seq.hetero 
1 1   MET n 
1 2   ASN n 
1 3   LEU n 
1 4   PRO n 
1 5   THR n 
1 6   ALA n 
1 7   GLN n 
1 8   GLU n 
1 9   VAL n 
1 10  GLN n 
1 11  GLY n 
1 12  LEU n 
1 13  MET n 
1 14  ALA n 
1 15  ARG n 
1 16  TYR n 
1 17  ILE n 
1 18  GLU n 
1 19  LEU n 
1 20  VAL n 
1 21  ASP n 
1 22  VAL n 
1 23  GLY n 
1 24  ASP n 
1 25  ILE n 
1 26  GLU n 
1 27  ALA n 
1 28  ILE n 
1 29  VAL n 
1 30  GLN n 
1 31  MET n 
1 32  TYR n 
1 33  ALA n 
1 34  ASP n 
1 35  ASP n 
1 36  ALA n 
1 37  THR n 
1 38  VAL n 
1 39  GLU n 
1 40  ASN n 
1 41  PRO n 
1 42  PHE n 
1 43  GLY n 
1 44  GLN n 
1 45  PRO n 
1 46  PRO n 
1 47  ILE n 
1 48  HIS n 
1 49  GLY n 
1 50  ARG n 
1 51  GLU n 
1 52  GLN n 
1 53  ILE n 
1 54  ALA n 
1 55  ALA n 
1 56  PHE n 
1 57  3CT n 
1 58  ARG n 
1 59  GLN n 
1 60  GLY n 
1 61  LEU n 
1 62  GLY n 
1 63  GLY n 
1 64  GLY n 
1 65  LYS n 
1 66  VAL n 
1 67  ARG n 
1 68  ALA n 
1 69  CYS n 
1 70  LEU n 
1 71  THR n 
1 72  GLY n 
1 73  PRO n 
1 74  VAL n 
1 75  ARG n 
1 76  ALA n 
1 77  SER n 
1 78  HIS n 
1 79  ASN n 
1 80  GLY n 
1 81  CYS n 
1 82  GLY n 
1 83  ALA n 
1 84  MET n 
1 85  PRO n 
1 86  PHE n 
1 87  ARG n 
1 88  VAL n 
1 89  GLU n 
1 90  MET n 
1 91  VAL n 
1 92  TRP n 
1 93  ASN n 
1 94  GLY n 
1 95  GLN n 
1 96  PRO n 
1 97  CYS n 
1 98  ALA n 
1 99  LEU n 
1 100 ASP n 
1 101 VAL n 
1 102 ILE n 
1 103 ASP n 
1 104 VAL n 
1 105 MET n 
1 106 ARG n 
1 107 PHE n 
1 108 ASP n 
1 109 GLU n 
1 110 HIS n 
1 111 GLY n 
1 112 ARG n 
1 113 ILE n 
1 114 GLN n 
1 115 THR n 
1 116 MET n 
1 117 GLN n 
1 118 ALA n 
1 119 TYR n 
1 120 TRP n 
1 121 SER n 
1 122 GLU n 
1 123 VAL n 
1 124 ASN n 
1 125 LEU n 
1 126 SER n 
1 127 VAL n 
1 128 ARG n 
1 129 GLU n 
1 130 PRO n 
1 131 GLN n 
1 132 LEU n 
1 133 VAL n 
1 134 PRO n 
1 135 ARG n 
# 
_entity_src_gen.entity_id                          1 
_entity_src_gen.pdbx_src_id                        1 
_entity_src_gen.pdbx_alt_source_flag               sample 
_entity_src_gen.pdbx_seq_type                      'Biological sequence' 
_entity_src_gen.pdbx_beg_seq_num                   1 
_entity_src_gen.pdbx_end_seq_num                   135 
_entity_src_gen.gene_src_common_name               ? 
_entity_src_gen.gene_src_genus                     ? 
_entity_src_gen.pdbx_gene_src_gene                 ksi 
_entity_src_gen.gene_src_species                   ? 
_entity_src_gen.gene_src_strain                    ? 
_entity_src_gen.gene_src_tissue                    ? 
_entity_src_gen.gene_src_tissue_fraction           ? 
_entity_src_gen.gene_src_details                   ? 
_entity_src_gen.pdbx_gene_src_fragment             ? 
_entity_src_gen.pdbx_gene_src_scientific_name      'Pseudomonas putida' 
_entity_src_gen.pdbx_gene_src_ncbi_taxonomy_id     303 
_entity_src_gen.pdbx_gene_src_variant              ? 
_entity_src_gen.pdbx_gene_src_cell_line            ? 
_entity_src_gen.pdbx_gene_src_atcc                 ? 
_entity_src_gen.pdbx_gene_src_organ                ? 
_entity_src_gen.pdbx_gene_src_organelle            ? 
_entity_src_gen.pdbx_gene_src_cell                 ? 
_entity_src_gen.pdbx_gene_src_cellular_location    ? 
_entity_src_gen.host_org_common_name               ? 
_entity_src_gen.pdbx_host_org_scientific_name      'Escherichia coli' 
_entity_src_gen.pdbx_host_org_ncbi_taxonomy_id     562 
_entity_src_gen.host_org_genus                     ? 
_entity_src_gen.pdbx_host_org_gene                 ? 
_entity_src_gen.pdbx_host_org_organ                ? 
_entity_src_gen.host_org_species                   ? 
_entity_src_gen.pdbx_host_org_tissue               ? 
_entity_src_gen.pdbx_host_org_tissue_fraction      ? 
_entity_src_gen.pdbx_host_org_strain               ? 
_entity_src_gen.pdbx_host_org_variant              ? 
_entity_src_gen.pdbx_host_org_cell_line            ? 
_entity_src_gen.pdbx_host_org_atcc                 ? 
_entity_src_gen.pdbx_host_org_culture_collection   ? 
_entity_src_gen.pdbx_host_org_cell                 ? 
_entity_src_gen.pdbx_host_org_organelle            ? 
_entity_src_gen.pdbx_host_org_cellular_location    ? 
_entity_src_gen.pdbx_host_org_vector_type          ? 
_entity_src_gen.pdbx_host_org_vector               ? 
_entity_src_gen.host_org_details                   ? 
_entity_src_gen.expression_system_id               ? 
_entity_src_gen.plasmid_name                       ? 
_entity_src_gen.plasmid_details                    ? 
_entity_src_gen.pdbx_description                   ? 
# 
loop_
_chem_comp.id 
_chem_comp.type 
_chem_comp.mon_nstd_flag 
_chem_comp.name 
_chem_comp.pdbx_synonyms 
_chem_comp.formula 
_chem_comp.formula_weight 
3CT 'L-peptide linking' n 3-chloro-L-tyrosine ? 'C9 H10 Cl N O3' 215.634 
ALA 'L-peptide linking' y ALANINE             ? 'C3 H7 N O2'     89.093  
ARG 'L-peptide linking' y ARGININE            ? 'C6 H15 N4 O2 1' 175.209 
ASN 'L-peptide linking' y ASPARAGINE          ? 'C4 H8 N2 O3'    132.118 
ASP 'L-peptide linking' y 'ASPARTIC ACID'     ? 'C4 H7 N O4'     133.103 
CYS 'L-peptide linking' y CYSTEINE            ? 'C3 H7 N O2 S'   121.158 
GLN 'L-peptide linking' y GLUTAMINE           ? 'C5 H10 N2 O3'   146.144 
GLU 'L-peptide linking' y 'GLUTAMIC ACID'     ? 'C5 H9 N O4'     147.129 
GLY 'peptide linking'   y GLYCINE             ? 'C2 H5 N O2'     75.067  
HIS 'L-peptide linking' y HISTIDINE           ? 'C6 H10 N3 O2 1' 156.162 
HOH non-polymer         . WATER               ? 'H2 O'           18.015  
ILE 'L-peptide linking' y ISOLEUCINE          ? 'C6 H13 N O2'    131.173 
LEU 'L-peptide linking' y LEUCINE             ? 'C6 H13 N O2'    131.173 
LYS 'L-peptide linking' y LYSINE              ? 'C6 H15 N2 O2 1' 147.195 
MET 'L-peptide linking' y METHIONINE          ? 'C5 H11 N O2 S'  149.211 
PHE 'L-peptide linking' y PHENYLALANINE       ? 'C9 H11 N O2'    165.189 
PRO 'L-peptide linking' y PROLINE             ? 'C5 H9 N O2'     115.130 
SER 'L-peptide linking' y SERINE              ? 'C3 H7 N O3'     105.093 
SO4 non-polymer         . 'SULFATE ION'       ? 'O4 S -2'        96.063  
THR 'L-peptide linking' y THREONINE           ? 'C4 H9 N O3'     119.119 
TRP 'L-peptide linking' y TRYPTOPHAN          ? 'C11 H12 N2 O2'  204.225 
TYR 'L-peptide linking' y TYROSINE            ? 'C9 H11 N O3'    181.189 
VAL 'L-peptide linking' y VALINE              ? 'C5 H11 N O2'    117.146 
# 
loop_
_pdbx_poly_seq_scheme.asym_id 
_pdbx_poly_seq_scheme.entity_id 
_pdbx_poly_seq_scheme.seq_id 
_pdbx_poly_seq_scheme.mon_id 
_pdbx_poly_seq_scheme.ndb_seq_num 
_pdbx_poly_seq_scheme.pdb_seq_num 
_pdbx_poly_seq_scheme.auth_seq_num 
_pdbx_poly_seq_scheme.pdb_mon_id 
_pdbx_poly_seq_scheme.auth_mon_id 
_pdbx_poly_seq_scheme.pdb_strand_id 
_pdbx_poly_seq_scheme.pdb_ins_code 
_pdbx_poly_seq_scheme.hetero 
A 1 1   MET 1   1   1   MET MET A . n 
A 1 2   ASN 2   2   2   ASN ASN A . n 
A 1 3   LEU 3   3   3   LEU LEU A . n 
A 1 4   PRO 4   4   4   PRO PRO A . n 
A 1 5   THR 5   5   5   THR THR A . n 
A 1 6   ALA 6   6   6   ALA ALA A . n 
A 1 7   GLN 7   7   7   GLN GLN A . n 
A 1 8   GLU 8   8   8   GLU GLU A . n 
A 1 9   VAL 9   9   9   VAL VAL A . n 
A 1 10  GLN 10  10  10  GLN GLN A . n 
A 1 11  GLY 11  11  11  GLY GLY A . n 
A 1 12  LEU 12  12  12  LEU LEU A . n 
A 1 13  MET 13  13  13  MET MET A . n 
A 1 14  ALA 14  14  14  ALA ALA A . n 
A 1 15  ARG 15  15  15  ARG ARG A . n 
A 1 16  TYR 16  16  16  TYR TYR A . n 
A 1 17  ILE 17  17  17  ILE ILE A . n 
A 1 18  GLU 18  18  18  GLU GLU A . n 
A 1 19  LEU 19  19  19  LEU LEU A . n 
A 1 20  VAL 20  20  20  VAL VAL A . n 
A 1 21  ASP 21  21  21  ASP ASP A . n 
A 1 22  VAL 22  22  22  VAL VAL A . n 
A 1 23  GLY 23  23  23  GLY GLY A . n 
A 1 24  ASP 24  24  24  ASP ASP A . n 
A 1 25  ILE 25  25  25  ILE ILE A . n 
A 1 26  GLU 26  26  26  GLU GLU A . n 
A 1 27  ALA 27  27  27  ALA ALA A . n 
A 1 28  ILE 28  28  28  ILE ILE A . n 
A 1 29  VAL 29  29  29  VAL VAL A . n 
A 1 30  GLN 30  30  30  GLN GLN A . n 
A 1 31  MET 31  31  31  MET MET A . n 
A 1 32  TYR 32  32  32  TYR TYR A . n 
A 1 33  ALA 33  33  33  ALA ALA A . n 
A 1 34  ASP 34  34  34  ASP ASP A . n 
A 1 35  ASP 35  35  35  ASP ASP A . n 
A 1 36  ALA 36  36  36  ALA ALA A . n 
A 1 37  THR 37  37  37  THR THR A . n 
A 1 38  VAL 38  38  38  VAL VAL A . n 
A 1 39  GLU 39  39  39  GLU GLU A . n 
A 1 40  ASN 40  40  40  ASN ASN A . n 
A 1 41  PRO 41  41  41  PRO PRO A . n 
A 1 42  PHE 42  42  42  PHE PHE A . n 
A 1 43  GLY 43  43  43  GLY GLY A . n 
A 1 44  GLN 44  44  44  GLN GLN A . n 
A 1 45  PRO 45  45  45  PRO PRO A . n 
A 1 46  PRO 46  46  46  PRO PRO A . n 
A 1 47  ILE 47  47  47  ILE ILE A . n 
A 1 48  HIS 48  48  48  HIS HIS A . n 
A 1 49  GLY 49  49  49  GLY GLY A . n 
A 1 50  ARG 50  50  50  ARG ARG A . n 
A 1 51  GLU 51  51  51  GLU GLU A . n 
A 1 52  GLN 52  52  52  GLN GLN A . n 
A 1 53  ILE 53  53  53  ILE ILE A . n 
A 1 54  ALA 54  54  54  ALA ALA A . n 
A 1 55  ALA 55  55  55  ALA ALA A . n 
A 1 56  PHE 56  56  56  PHE PHE A . n 
A 1 57  3CT 57  57  57  3CT CHY A . n 
A 1 58  ARG 58  58  58  ARG ARG A . n 
A 1 59  GLN 59  59  59  GLN GLN A . n 
A 1 60  GLY 60  60  60  GLY GLY A . n 
A 1 61  LEU 61  61  61  LEU LEU A . n 
A 1 62  GLY 62  62  62  GLY GLY A . n 
A 1 63  GLY 63  63  63  GLY GLY A . n 
A 1 64  GLY 64  64  64  GLY GLY A . n 
A 1 65  LYS 65  65  65  LYS LYS A . n 
A 1 66  VAL 66  66  66  VAL VAL A . n 
A 1 67  ARG 67  67  67  ARG ARG A . n 
A 1 68  ALA 68  68  68  ALA ALA A . n 
A 1 69  CYS 69  69  69  CYS CYS A . n 
A 1 70  LEU 70  70  70  LEU LEU A . n 
A 1 71  THR 71  71  71  THR THR A . n 
A 1 72  GLY 72  72  72  GLY GLY A . n 
A 1 73  PRO 73  73  73  PRO PRO A . n 
A 1 74  VAL 74  74  74  VAL VAL A . n 
A 1 75  ARG 75  75  75  ARG ARG A . n 
A 1 76  ALA 76  76  76  ALA ALA A . n 
A 1 77  SER 77  77  77  SER SER A . n 
A 1 78  HIS 78  78  78  HIS HIS A . n 
A 1 79  ASN 79  79  79  ASN ASN A . n 
A 1 80  GLY 80  80  80  GLY GLY A . n 
A 1 81  CYS 81  81  81  CYS CYS A . n 
A 1 82  GLY 82  82  82  GLY GLY A . n 
A 1 83  ALA 83  83  83  ALA ALA A . n 
A 1 84  MET 84  84  84  MET MET A . n 
A 1 85  PRO 85  85  85  PRO PRO A . n 
A 1 86  PHE 86  86  86  PHE PHE A . n 
A 1 87  ARG 87  87  87  ARG ARG A . n 
A 1 88  VAL 88  88  88  VAL VAL A . n 
A 1 89  GLU 89  89  89  GLU GLU A . n 
A 1 90  MET 90  90  90  MET MET A . n 
A 1 91  VAL 91  91  91  VAL VAL A . n 
A 1 92  TRP 92  92  92  TRP TRP A . n 
A 1 93  ASN 93  93  93  ASN ASN A . n 
A 1 94  GLY 94  94  94  GLY GLY A . n 
A 1 95  GLN 95  95  95  GLN GLN A . n 
A 1 96  PRO 96  96  96  PRO PRO A . n 
A 1 97  CYS 97  97  97  CYS CYS A . n 
A 1 98  ALA 98  98  98  ALA ALA A . n 
A 1 99  LEU 99  99  99  LEU LEU A . n 
A 1 100 ASP 100 100 100 ASP ASP A . n 
A 1 101 VAL 101 101 101 VAL VAL A . n 
A 1 102 ILE 102 102 102 ILE ILE A . n 
A 1 103 ASP 103 103 103 ASP ASP A . n 
A 1 104 VAL 104 104 104 VAL VAL A . n 
A 1 105 MET 105 105 105 MET MET A . n 
A 1 106 ARG 106 106 106 ARG ARG A . n 
A 1 107 PHE 107 107 107 PHE PHE A . n 
A 1 108 ASP 108 108 108 ASP ASP A . n 
A 1 109 GLU 109 109 109 GLU GLU A . n 
A 1 110 HIS 110 110 110 HIS HIS A . n 
A 1 111 GLY 111 111 111 GLY GLY A . n 
A 1 112 ARG 112 112 112 ARG ARG A . n 
A 1 113 ILE 113 113 113 ILE ILE A . n 
A 1 114 GLN 114 114 114 GLN GLN A . n 
A 1 115 THR 115 115 115 THR THR A . n 
A 1 116 MET 116 116 116 MET MET A . n 
A 1 117 GLN 117 117 117 GLN GLN A . n 
A 1 118 ALA 118 118 118 ALA ALA A . n 
A 1 119 TYR 119 119 119 TYR TYR A . n 
A 1 120 TRP 120 120 120 TRP TRP A . n 
A 1 121 SER 121 121 121 SER SER A . n 
A 1 122 GLU 122 122 122 GLU GLU A . n 
A 1 123 VAL 123 123 123 VAL VAL A . n 
A 1 124 ASN 124 124 124 ASN ASN A . n 
A 1 125 LEU 125 125 125 LEU LEU A . n 
A 1 126 SER 126 126 126 SER SER A . n 
A 1 127 VAL 127 127 127 VAL VAL A . n 
A 1 128 ARG 128 128 ?   ?   ?   A . n 
A 1 129 GLU 129 129 ?   ?   ?   A . n 
A 1 130 PRO 130 130 ?   ?   ?   A . n 
A 1 131 GLN 131 131 ?   ?   ?   A . n 
A 1 132 LEU 132 132 ?   ?   ?   A . n 
A 1 133 VAL 133 133 ?   ?   ?   A . n 
A 1 134 PRO 134 134 ?   ?   ?   A . n 
A 1 135 ARG 135 135 ?   ?   ?   A . n 
# 
loop_
_pdbx_nonpoly_scheme.asym_id 
_pdbx_nonpoly_scheme.entity_id 
_pdbx_nonpoly_scheme.mon_id 
_pdbx_nonpoly_scheme.ndb_seq_num 
_pdbx_nonpoly_scheme.pdb_seq_num 
_pdbx_nonpoly_scheme.auth_seq_num 
_pdbx_nonpoly_scheme.pdb_mon_id 
_pdbx_nonpoly_scheme.auth_mon_id 
_pdbx_nonpoly_scheme.pdb_strand_id 
_pdbx_nonpoly_scheme.pdb_ins_code 
B 2 SO4 1   201 1   SO4 SO4 A . 
C 2 SO4 1   202 2   SO4 SO4 A . 
D 3 HOH 1   301 51  HOH HOH A . 
D 3 HOH 2   302 100 HOH HOH A . 
D 3 HOH 3   303 86  HOH HOH A . 
D 3 HOH 4   304 92  HOH HOH A . 
D 3 HOH 5   305 108 HOH HOH A . 
D 3 HOH 6   306 49  HOH HOH A . 
D 3 HOH 7   307 46  HOH HOH A . 
D 3 HOH 8   308 39  HOH HOH A . 
D 3 HOH 9   309 83  HOH HOH A . 
D 3 HOH 10  310 8   HOH HOH A . 
D 3 HOH 11  311 96  HOH HOH A . 
D 3 HOH 12  312 1   HOH HOH A . 
D 3 HOH 13  313 41  HOH HOH A . 
D 3 HOH 14  314 29  HOH HOH A . 
D 3 HOH 15  315 1   HOH HOH A . 
D 3 HOH 16  316 65  HOH HOH A . 
D 3 HOH 17  317 79  HOH HOH A . 
D 3 HOH 18  318 93  HOH HOH A . 
D 3 HOH 19  319 66  HOH HOH A . 
D 3 HOH 20  320 24  HOH HOH A . 
D 3 HOH 21  321 107 HOH HOH A . 
D 3 HOH 22  322 11  HOH HOH A . 
D 3 HOH 23  323 10  HOH HOH A . 
D 3 HOH 24  324 27  HOH HOH A . 
D 3 HOH 25  325 22  HOH HOH A . 
D 3 HOH 26  326 7   HOH HOH A . 
D 3 HOH 27  327 32  HOH HOH A . 
D 3 HOH 28  328 94  HOH HOH A . 
D 3 HOH 29  329 45  HOH HOH A . 
D 3 HOH 30  330 61  HOH HOH A . 
D 3 HOH 31  331 73  HOH HOH A . 
D 3 HOH 32  332 15  HOH HOH A . 
D 3 HOH 33  333 69  HOH HOH A . 
D 3 HOH 34  334 17  HOH HOH A . 
D 3 HOH 35  335 5   HOH HOH A . 
D 3 HOH 36  336 35  HOH HOH A . 
D 3 HOH 37  337 19  HOH HOH A . 
D 3 HOH 38  338 20  HOH HOH A . 
D 3 HOH 39  339 38  HOH HOH A . 
D 3 HOH 40  340 9   HOH HOH A . 
D 3 HOH 41  341 40  HOH HOH A . 
D 3 HOH 42  342 60  HOH HOH A . 
D 3 HOH 43  343 25  HOH HOH A . 
D 3 HOH 44  344 102 HOH HOH A . 
D 3 HOH 45  345 13  HOH HOH A . 
D 3 HOH 46  346 77  HOH HOH A . 
D 3 HOH 47  347 33  HOH HOH A . 
D 3 HOH 48  348 14  HOH HOH A . 
D 3 HOH 49  349 85  HOH HOH A . 
D 3 HOH 50  350 18  HOH HOH A . 
D 3 HOH 51  351 3   HOH HOH A . 
D 3 HOH 52  352 34  HOH HOH A . 
D 3 HOH 53  353 56  HOH HOH A . 
D 3 HOH 54  354 70  HOH HOH A . 
D 3 HOH 55  355 12  HOH HOH A . 
D 3 HOH 56  356 28  HOH HOH A . 
D 3 HOH 57  357 2   HOH HOH A . 
D 3 HOH 58  358 30  HOH HOH A . 
D 3 HOH 59  359 42  HOH HOH A . 
D 3 HOH 60  360 91  HOH HOH A . 
D 3 HOH 61  361 4   HOH HOH A . 
D 3 HOH 62  362 76  HOH HOH A . 
D 3 HOH 63  363 16  HOH HOH A . 
D 3 HOH 64  364 99  HOH HOH A . 
D 3 HOH 65  365 21  HOH HOH A . 
D 3 HOH 66  366 95  HOH HOH A . 
D 3 HOH 67  367 54  HOH HOH A . 
D 3 HOH 68  368 53  HOH HOH A . 
D 3 HOH 69  369 72  HOH HOH A . 
D 3 HOH 70  370 23  HOH HOH A . 
D 3 HOH 71  371 63  HOH HOH A . 
D 3 HOH 72  372 6   HOH HOH A . 
D 3 HOH 73  373 31  HOH HOH A . 
D 3 HOH 74  374 57  HOH HOH A . 
D 3 HOH 75  375 47  HOH HOH A . 
D 3 HOH 76  376 75  HOH HOH A . 
D 3 HOH 77  377 90  HOH HOH A . 
D 3 HOH 78  378 67  HOH HOH A . 
D 3 HOH 79  379 52  HOH HOH A . 
D 3 HOH 80  380 106 HOH HOH A . 
D 3 HOH 81  381 68  HOH HOH A . 
D 3 HOH 82  382 101 HOH HOH A . 
D 3 HOH 83  383 43  HOH HOH A . 
D 3 HOH 84  384 87  HOH HOH A . 
D 3 HOH 85  385 74  HOH HOH A . 
D 3 HOH 86  386 58  HOH HOH A . 
D 3 HOH 87  387 78  HOH HOH A . 
D 3 HOH 88  388 84  HOH HOH A . 
D 3 HOH 89  389 103 HOH HOH A . 
D 3 HOH 90  390 48  HOH HOH A . 
D 3 HOH 91  391 81  HOH HOH A . 
D 3 HOH 92  392 88  HOH HOH A . 
D 3 HOH 93  393 26  HOH HOH A . 
D 3 HOH 94  394 97  HOH HOH A . 
D 3 HOH 95  395 36  HOH HOH A . 
D 3 HOH 96  396 82  HOH HOH A . 
D 3 HOH 97  397 105 HOH HOH A . 
D 3 HOH 98  398 64  HOH HOH A . 
D 3 HOH 99  399 109 HOH HOH A . 
D 3 HOH 100 400 89  HOH HOH A . 
D 3 HOH 101 401 37  HOH HOH A . 
D 3 HOH 102 402 59  HOH HOH A . 
D 3 HOH 103 403 50  HOH HOH A . 
D 3 HOH 104 404 104 HOH HOH A . 
D 3 HOH 105 405 80  HOH HOH A . 
D 3 HOH 106 406 44  HOH HOH A . 
D 3 HOH 107 407 98  HOH HOH A . 
D 3 HOH 108 408 55  HOH HOH A . 
D 3 HOH 109 409 71  HOH HOH A . 
# 
loop_
_software.citation_id 
_software.classification 
_software.compiler_name 
_software.compiler_version 
_software.contact_author 
_software.contact_author_email 
_software.date 
_software.description 
_software.dependencies 
_software.hardware 
_software.language 
_software.location 
_software.mods 
_software.name 
_software.os 
_software.os_version 
_software.type 
_software.version 
_software.pdbx_ordinal 
? refinement        ? ? ? ? ? ? ? ? ? ? ? PHENIX      ? ? ? .      1 
? 'data scaling'    ? ? ? ? ? ? ? ? ? ? ? SCALA       ? ? ? 3.3.21 2 
? 'data extraction' ? ? ? ? ? ? ? ? ? ? ? PDB_EXTRACT ? ? ? 3.15   3 
? phasing           ? ? ? ? ? ? ? ? ? ? ? PHASER      ? ? ? .      4 
? 'model building'  ? ? ? ? ? ? ? ? ? ? ? Coot        ? ? ? .      5 
# 
_cell.angle_alpha                  90.000 
_cell.angle_alpha_esd              ? 
_cell.angle_beta                   90.000 
_cell.angle_beta_esd               ? 
_cell.angle_gamma                  90.000 
_cell.angle_gamma_esd              ? 
_cell.entry_id                     5D81 
_cell.details                      ? 
_cell.formula_units_Z              ? 
_cell.length_a                     35.650 
_cell.length_a_esd                 ? 
_cell.length_b                     94.831 
_cell.length_b_esd                 ? 
_cell.length_c                     72.950 
_cell.length_c_esd                 ? 
_cell.volume                       ? 
_cell.volume_esd                   ? 
_cell.Z_PDB                        8 
_cell.reciprocal_angle_alpha       ? 
_cell.reciprocal_angle_beta        ? 
_cell.reciprocal_angle_gamma       ? 
_cell.reciprocal_angle_alpha_esd   ? 
_cell.reciprocal_angle_beta_esd    ? 
_cell.reciprocal_angle_gamma_esd   ? 
_cell.reciprocal_length_a          ? 
_cell.reciprocal_length_b          ? 
_cell.reciprocal_length_c          ? 
_cell.reciprocal_length_a_esd      ? 
_cell.reciprocal_length_b_esd      ? 
_cell.reciprocal_length_c_esd      ? 
_cell.pdbx_unique_axis             ? 
# 
_symmetry.entry_id                         5D81 
_symmetry.cell_setting                     ? 
_symmetry.Int_Tables_number                20 
_symmetry.space_group_name_Hall            ? 
_symmetry.space_group_name_H-M             'C 2 2 21' 
_symmetry.pdbx_full_space_group_name_H-M   ? 
# 
_exptl.absorpt_coefficient_mu     ? 
_exptl.absorpt_correction_T_max   ? 
_exptl.absorpt_correction_T_min   ? 
_exptl.absorpt_correction_type    ? 
_exptl.absorpt_process_details    ? 
_exptl.entry_id                   5D81 
_exptl.crystals_number            1 
_exptl.details                    ? 
_exptl.method                     'X-RAY DIFFRACTION' 
_exptl.method_details             ? 
# 
_exptl_crystal.colour                      ? 
_exptl_crystal.density_diffrn              ? 
_exptl_crystal.density_Matthews            2.00 
_exptl_crystal.density_method              ? 
_exptl_crystal.density_percent_sol         38.39 
_exptl_crystal.description                 ? 
_exptl_crystal.F_000                       ? 
_exptl_crystal.id                          1 
_exptl_crystal.preparation                 ? 
_exptl_crystal.size_max                    ? 
_exptl_crystal.size_mid                    ? 
_exptl_crystal.size_min                    ? 
_exptl_crystal.size_rad                    ? 
_exptl_crystal.colour_lustre               ? 
_exptl_crystal.colour_modifier             ? 
_exptl_crystal.colour_primary              ? 
_exptl_crystal.density_meas                ? 
_exptl_crystal.density_meas_esd            ? 
_exptl_crystal.density_meas_gt             ? 
_exptl_crystal.density_meas_lt             ? 
_exptl_crystal.density_meas_temp           ? 
_exptl_crystal.density_meas_temp_esd       ? 
_exptl_crystal.density_meas_temp_gt        ? 
_exptl_crystal.density_meas_temp_lt        ? 
_exptl_crystal.pdbx_crystal_image_url      ? 
_exptl_crystal.pdbx_crystal_image_format   ? 
_exptl_crystal.pdbx_mosaicity              ? 
_exptl_crystal.pdbx_mosaicity_esd          ? 
# 
_exptl_crystal_grow.apparatus       ? 
_exptl_crystal_grow.atmosphere      ? 
_exptl_crystal_grow.crystal_id      1 
_exptl_crystal_grow.details         ? 
_exptl_crystal_grow.method          'VAPOR DIFFUSION, HANGING DROP' 
_exptl_crystal_grow.method_ref      ? 
_exptl_crystal_grow.pH              7.2 
_exptl_crystal_grow.pressure        ? 
_exptl_crystal_grow.pressure_esd    ? 
_exptl_crystal_grow.seeding         ? 
_exptl_crystal_grow.seeding_ref     ? 
_exptl_crystal_grow.temp            298 
_exptl_crystal_grow.temp_details    ? 
_exptl_crystal_grow.temp_esd        ? 
_exptl_crystal_grow.time            ? 
_exptl_crystal_grow.pdbx_details    '1.1-1.4M ammonium sulfate, 40mM potassium phosphate, 3-6% isopropanol' 
_exptl_crystal_grow.pdbx_pH_range   7.2 
# 
_diffrn.ambient_environment    ? 
_diffrn.ambient_temp           100 
_diffrn.ambient_temp_details   ? 
_diffrn.ambient_temp_esd       ? 
_diffrn.crystal_id             1 
_diffrn.crystal_support        ? 
_diffrn.crystal_treatment      ? 
_diffrn.details                ? 
_diffrn.id                     1 
_diffrn.ambient_pressure       ? 
_diffrn.ambient_pressure_esd   ? 
_diffrn.ambient_pressure_gt    ? 
_diffrn.ambient_pressure_lt    ? 
_diffrn.ambient_temp_gt        ? 
_diffrn.ambient_temp_lt        ? 
# 
_diffrn_detector.details                      ? 
_diffrn_detector.detector                     PIXEL 
_diffrn_detector.diffrn_id                    1 
_diffrn_detector.type                         'DECTRIS PILATUS 6M' 
_diffrn_detector.area_resol_mean              ? 
_diffrn_detector.dtime                        ? 
_diffrn_detector.pdbx_frames_total            ? 
_diffrn_detector.pdbx_collection_time_total   ? 
_diffrn_detector.pdbx_collection_date         2014-01-22 
# 
_diffrn_radiation.collimation                      ? 
_diffrn_radiation.diffrn_id                        1 
_diffrn_radiation.filter_edge                      ? 
_diffrn_radiation.inhomogeneity                    ? 
_diffrn_radiation.monochromator                    ? 
_diffrn_radiation.polarisn_norm                    ? 
_diffrn_radiation.polarisn_ratio                   ? 
_diffrn_radiation.probe                            ? 
_diffrn_radiation.type                             ? 
_diffrn_radiation.xray_symbol                      ? 
_diffrn_radiation.wavelength_id                    1 
_diffrn_radiation.pdbx_monochromatic_or_laue_m_l   M 
_diffrn_radiation.pdbx_wavelength_list             ? 
_diffrn_radiation.pdbx_wavelength                  ? 
_diffrn_radiation.pdbx_diffrn_protocol             'SINGLE WAVELENGTH' 
_diffrn_radiation.pdbx_analyzer                    ? 
_diffrn_radiation.pdbx_scattering_type             x-ray 
# 
_diffrn_radiation_wavelength.id           1 
_diffrn_radiation_wavelength.wavelength   0.97945 
_diffrn_radiation_wavelength.wt           1.0 
# 
_diffrn_source.current                     ? 
_diffrn_source.details                     ? 
_diffrn_source.diffrn_id                   1 
_diffrn_source.power                       ? 
_diffrn_source.size                        ? 
_diffrn_source.source                      SYNCHROTRON 
_diffrn_source.target                      ? 
_diffrn_source.type                        'SSRL BEAMLINE BL11-1' 
_diffrn_source.voltage                     ? 
_diffrn_source.take-off_angle              ? 
_diffrn_source.pdbx_wavelength_list        0.97945 
_diffrn_source.pdbx_wavelength             ? 
_diffrn_source.pdbx_synchrotron_beamline   BL11-1 
_diffrn_source.pdbx_synchrotron_site       SSRL 
# 
_reflns.B_iso_Wilson_estimate            15.480 
_reflns.entry_id                         5D81 
_reflns.data_reduction_details           ? 
_reflns.data_reduction_method            ? 
_reflns.d_resolution_high                1.390 
_reflns.d_resolution_low                 47.415 
_reflns.details                          ? 
_reflns.limit_h_max                      ? 
_reflns.limit_h_min                      ? 
_reflns.limit_k_max                      ? 
_reflns.limit_k_min                      ? 
_reflns.limit_l_max                      ? 
_reflns.limit_l_min                      ? 
_reflns.number_all                       25007 
_reflns.number_obs                       25007 
_reflns.observed_criterion               ? 
_reflns.observed_criterion_F_max         ? 
_reflns.observed_criterion_F_min         ? 
_reflns.observed_criterion_I_max         ? 
_reflns.observed_criterion_I_min         ? 
_reflns.observed_criterion_sigma_F       ? 
_reflns.observed_criterion_sigma_I       ? 
_reflns.percent_possible_obs             98.800 
_reflns.R_free_details                   ? 
_reflns.Rmerge_F_all                     ? 
_reflns.Rmerge_F_obs                     ? 
_reflns.Friedel_coverage                 ? 
_reflns.number_gt                        ? 
_reflns.threshold_expression             ? 
_reflns.pdbx_redundancy                  4.200 
_reflns.pdbx_Rmerge_I_obs                ? 
_reflns.pdbx_Rmerge_I_all                ? 
_reflns.pdbx_Rsym_value                  0.036 
_reflns.pdbx_netI_over_av_sigmaI         8.931 
_reflns.pdbx_netI_over_sigmaI            18.400 
_reflns.pdbx_res_netI_over_av_sigmaI_2   ? 
_reflns.pdbx_res_netI_over_sigmaI_2      ? 
_reflns.pdbx_chi_squared                 ? 
_reflns.pdbx_scaling_rejects             ? 
_reflns.pdbx_d_res_high_opt              ? 
_reflns.pdbx_d_res_low_opt               ? 
_reflns.pdbx_d_res_opt_method            ? 
_reflns.phase_calculation_details        ? 
_reflns.pdbx_Rrim_I_all                  0.041 
_reflns.pdbx_Rpim_I_all                  0.019 
_reflns.pdbx_d_opt                       ? 
_reflns.pdbx_number_measured_all         105804 
_reflns.pdbx_diffrn_id                   1 
_reflns.pdbx_ordinal                     1 
_reflns.pdbx_CC_half                     ? 
_reflns.pdbx_R_split                     ? 
# 
loop_
_reflns_shell.d_res_high 
_reflns_shell.d_res_low 
_reflns_shell.meanI_over_sigI_all 
_reflns_shell.meanI_over_sigI_obs 
_reflns_shell.number_measured_all 
_reflns_shell.number_measured_obs 
_reflns_shell.number_possible 
_reflns_shell.number_unique_all 
_reflns_shell.number_unique_obs 
_reflns_shell.percent_possible_all 
_reflns_shell.percent_possible_obs 
_reflns_shell.Rmerge_F_all 
_reflns_shell.Rmerge_F_obs 
_reflns_shell.Rmerge_I_all 
_reflns_shell.Rmerge_I_obs 
_reflns_shell.meanI_over_sigI_gt 
_reflns_shell.meanI_over_uI_all 
_reflns_shell.meanI_over_uI_gt 
_reflns_shell.number_measured_gt 
_reflns_shell.number_unique_gt 
_reflns_shell.percent_possible_gt 
_reflns_shell.Rmerge_F_gt 
_reflns_shell.Rmerge_I_gt 
_reflns_shell.pdbx_redundancy 
_reflns_shell.pdbx_Rsym_value 
_reflns_shell.pdbx_chi_squared 
_reflns_shell.pdbx_netI_over_sigmaI_all 
_reflns_shell.pdbx_netI_over_sigmaI_obs 
_reflns_shell.pdbx_Rrim_I_all 
_reflns_shell.pdbx_Rpim_I_all 
_reflns_shell.pdbx_rejects 
_reflns_shell.pdbx_ordinal 
_reflns_shell.pdbx_diffrn_id 
_reflns_shell.pdbx_CC_half 
_reflns_shell.pdbx_R_split 
1.390 1.470  ? 3.700  15679 ? ? 3630 ? 99.500 ? ? ? ? 0.206 ? ? ? ? ? ? ? ? 4.300 0.206 ? ? 5.700  ? 0.108 0 1  1 ? ? 
1.470 1.550  ? 5.800  13477 ? ? 3414 ? 98.600 ? ? ? ? 0.130 ? ? ? ? ? ? ? ? 3.900 0.130 ? ? 7.800  ? 0.072 0 2  1 ? ? 
1.550 1.660  ? 8.200  14210 ? ? 3224 ? 99.500 ? ? ? ? 0.089 ? ? ? ? ? ? ? ? 4.400 0.089 ? ? 11.200 ? 0.046 0 3  1 ? ? 
1.660 1.790  ? 9.700  12453 ? ? 3007 ? 99.100 ? ? ? ? 0.069 ? ? ? ? ? ? ? ? 4.100 0.069 ? ? 14.300 ? 0.036 0 4  1 ? ? 
1.790 1.970  ? 11.000 11393 ? ? 2764 ? 98.600 ? ? ? ? 0.057 ? ? ? ? ? ? ? ? 4.100 0.057 ? ? 19.200 ? 0.030 0 5  1 ? ? 
1.970 2.200  ? 13.400 11142 ? ? 2505 ? 98.600 ? ? ? ? 0.044 ? ? ? ? ? ? ? ? 4.400 0.044 ? ? 25.700 ? 0.023 0 6  1 ? ? 
2.200 2.540  ? 18.200 9250  ? ? 2242 ? 98.600 ? ? ? ? 0.033 ? ? ? ? ? ? ? ? 4.100 0.033 ? ? 28.900 ? 0.018 0 7  1 ? ? 
2.540 3.110  ? 15.200 8555  ? ? 1882 ? 98.600 ? ? ? ? 0.034 ? ? ? ? ? ? ? ? 4.500 0.034 ? ? 34.500 ? 0.017 0 8  1 ? ? 
3.110 4.400  ? 17.500 6073  ? ? 1478 ? 97.800 ? ? ? ? 0.032 ? ? ? ? ? ? ? ? 4.100 0.032 ? ? 37.300 ? 0.016 0 9  1 ? ? 
4.400 47.415 ? 20.600 3572  ? ? 861  ? 97.200 ? ? ? ? 0.025 ? ? ? ? ? ? ? ? 4.100 0.025 ? ? 37.800 ? 0.013 0 10 1 ? ? 
# 
_refine.aniso_B[1][1]                            ? 
_refine.aniso_B[1][2]                            ? 
_refine.aniso_B[1][3]                            ? 
_refine.aniso_B[2][2]                            ? 
_refine.aniso_B[2][3]                            ? 
_refine.aniso_B[3][3]                            ? 
_refine.B_iso_max                                78.390 
_refine.B_iso_mean                               25.0638 
_refine.B_iso_min                                8.850 
_refine.correlation_coeff_Fo_to_Fc               ? 
_refine.correlation_coeff_Fo_to_Fc_free          ? 
_refine.details                                  ? 
_refine.diff_density_max                         ? 
_refine.diff_density_max_esd                     ? 
_refine.diff_density_min                         ? 
_refine.diff_density_min_esd                     ? 
_refine.diff_density_rms                         ? 
_refine.diff_density_rms_esd                     ? 
_refine.entry_id                                 5D81 
_refine.pdbx_refine_id                           'X-RAY DIFFRACTION' 
_refine.ls_abs_structure_details                 ? 
_refine.ls_abs_structure_Flack                   ? 
_refine.ls_abs_structure_Flack_esd               ? 
_refine.ls_abs_structure_Rogers                  ? 
_refine.ls_abs_structure_Rogers_esd              ? 
_refine.ls_d_res_high                            1.3900 
_refine.ls_d_res_low                             47.4150 
_refine.ls_extinction_coef                       ? 
_refine.ls_extinction_coef_esd                   ? 
_refine.ls_extinction_expression                 ? 
_refine.ls_extinction_method                     ? 
_refine.ls_goodness_of_fit_all                   ? 
_refine.ls_goodness_of_fit_all_esd               ? 
_refine.ls_goodness_of_fit_obs                   ? 
_refine.ls_goodness_of_fit_obs_esd               ? 
_refine.ls_hydrogen_treatment                    ? 
_refine.ls_matrix_type                           ? 
_refine.ls_number_constraints                    ? 
_refine.ls_number_parameters                     ? 
_refine.ls_number_reflns_all                     ? 
_refine.ls_number_reflns_obs                     24986 
_refine.ls_number_reflns_R_free                  1270 
_refine.ls_number_reflns_R_work                  23716 
_refine.ls_number_restraints                     ? 
_refine.ls_percent_reflns_obs                    98.4900 
_refine.ls_percent_reflns_R_free                 5.0800 
_refine.ls_R_factor_all                          ? 
_refine.ls_R_factor_obs                          0.1893 
_refine.ls_R_factor_R_free                       0.2219 
_refine.ls_R_factor_R_free_error                 ? 
_refine.ls_R_factor_R_free_error_details         ? 
_refine.ls_R_factor_R_work                       0.1876 
_refine.ls_R_Fsqd_factor_obs                     ? 
_refine.ls_R_I_factor_obs                        ? 
_refine.ls_redundancy_reflns_all                 ? 
_refine.ls_redundancy_reflns_obs                 ? 
_refine.ls_restrained_S_all                      ? 
_refine.ls_restrained_S_obs                      ? 
_refine.ls_shift_over_esd_max                    ? 
_refine.ls_shift_over_esd_mean                   ? 
_refine.ls_structure_factor_coef                 ? 
_refine.ls_weighting_details                     ? 
_refine.ls_weighting_scheme                      ? 
_refine.ls_wR_factor_all                         ? 
_refine.ls_wR_factor_obs                         ? 
_refine.ls_wR_factor_R_free                      ? 
_refine.ls_wR_factor_R_work                      ? 
_refine.occupancy_max                            ? 
_refine.occupancy_min                            ? 
_refine.solvent_model_details                    'FLAT BULK SOLVENT MODEL' 
_refine.solvent_model_param_bsol                 ? 
_refine.solvent_model_param_ksol                 ? 
_refine.ls_R_factor_gt                           ? 
_refine.ls_goodness_of_fit_gt                    ? 
_refine.ls_goodness_of_fit_ref                   ? 
_refine.ls_shift_over_su_max                     ? 
_refine.ls_shift_over_su_max_lt                  ? 
_refine.ls_shift_over_su_mean                    ? 
_refine.ls_shift_over_su_mean_lt                 ? 
_refine.pdbx_ls_sigma_I                          ? 
_refine.pdbx_ls_sigma_F                          1.330 
_refine.pdbx_ls_sigma_Fsqd                       ? 
_refine.pdbx_data_cutoff_high_absF               ? 
_refine.pdbx_data_cutoff_high_rms_absF           ? 
_refine.pdbx_data_cutoff_low_absF                ? 
_refine.pdbx_isotropic_thermal_model             ? 
_refine.pdbx_ls_cross_valid_method               'FREE R-VALUE' 
_refine.pdbx_method_to_determine_struct          ? 
_refine.pdbx_starting_model                      ? 
_refine.pdbx_stereochemistry_target_values       ML 
_refine.pdbx_R_Free_selection_details            ? 
_refine.pdbx_stereochem_target_val_spec_case     ? 
_refine.pdbx_overall_ESU_R                       ? 
_refine.pdbx_overall_ESU_R_Free                  ? 
_refine.pdbx_solvent_vdw_probe_radii             1.1100 
_refine.pdbx_solvent_ion_probe_radii             ? 
_refine.pdbx_solvent_shrinkage_radii             0.9000 
_refine.pdbx_real_space_R                        ? 
_refine.pdbx_density_correlation                 ? 
_refine.pdbx_pd_number_of_powder_patterns        ? 
_refine.pdbx_pd_number_of_points                 ? 
_refine.pdbx_pd_meas_number_of_points            ? 
_refine.pdbx_pd_proc_ls_prof_R_factor            ? 
_refine.pdbx_pd_proc_ls_prof_wR_factor           ? 
_refine.pdbx_pd_Marquardt_correlation_coeff      ? 
_refine.pdbx_pd_Fsqrd_R_factor                   ? 
_refine.pdbx_pd_ls_matrix_band_width             ? 
_refine.pdbx_overall_phase_error                 ? 
_refine.pdbx_overall_SU_R_free_Cruickshank_DPI   ? 
_refine.pdbx_overall_SU_R_free_Blow_DPI          ? 
_refine.pdbx_overall_SU_R_Blow_DPI               ? 
_refine.pdbx_TLS_residual_ADP_flag               ? 
_refine.pdbx_diffrn_id                           1 
_refine.overall_SU_B                             ? 
_refine.overall_SU_ML                            0.1300 
_refine.overall_SU_R_Cruickshank_DPI             ? 
_refine.overall_SU_R_free                        ? 
_refine.overall_FOM_free_R_set                   ? 
_refine.overall_FOM_work_R_set                   ? 
_refine.pdbx_average_fsc_overall                 ? 
_refine.pdbx_average_fsc_work                    ? 
_refine.pdbx_average_fsc_free                    ? 
# 
_refine_hist.cycle_id                         final 
_refine_hist.pdbx_refine_id                   'X-RAY DIFFRACTION' 
_refine_hist.d_res_high                       1.3900 
_refine_hist.d_res_low                        47.4150 
_refine_hist.pdbx_number_atoms_ligand         10 
_refine_hist.number_atoms_solvent             109 
_refine_hist.number_atoms_total               1100 
_refine_hist.pdbx_number_residues_total       127 
_refine_hist.pdbx_B_iso_mean_ligand           51.72 
_refine_hist.pdbx_B_iso_mean_solvent          32.95 
_refine_hist.pdbx_number_atoms_protein        981 
_refine_hist.pdbx_number_atoms_nucleic_acid   0 
# 
loop_
_refine_ls_restr.pdbx_refine_id 
_refine_ls_restr.criterion 
_refine_ls_restr.dev_ideal 
_refine_ls_restr.dev_ideal_target 
_refine_ls_restr.number 
_refine_ls_restr.rejects 
_refine_ls_restr.type 
_refine_ls_restr.weight 
_refine_ls_restr.pdbx_restraint_function 
'X-RAY DIFFRACTION' ? 0.007  ? 1050 ? f_bond_d           ? ? 
'X-RAY DIFFRACTION' ? 1.057  ? 1436 ? f_angle_d          ? ? 
'X-RAY DIFFRACTION' ? 0.045  ? 151  ? f_chiral_restr     ? ? 
'X-RAY DIFFRACTION' ? 0.005  ? 192  ? f_plane_restr      ? ? 
'X-RAY DIFFRACTION' ? 15.070 ? 392  ? f_dihedral_angle_d ? ? 
# 
loop_
_refine_ls_shell.pdbx_refine_id 
_refine_ls_shell.d_res_high 
_refine_ls_shell.d_res_low 
_refine_ls_shell.number_reflns_all 
_refine_ls_shell.number_reflns_obs 
_refine_ls_shell.number_reflns_R_free 
_refine_ls_shell.number_reflns_R_work 
_refine_ls_shell.percent_reflns_obs 
_refine_ls_shell.percent_reflns_R_free 
_refine_ls_shell.R_factor_all 
_refine_ls_shell.R_factor_obs 
_refine_ls_shell.R_factor_R_free 
_refine_ls_shell.R_factor_R_free_error 
_refine_ls_shell.R_factor_R_work 
_refine_ls_shell.redundancy_reflns_all 
_refine_ls_shell.redundancy_reflns_obs 
_refine_ls_shell.wR_factor_all 
_refine_ls_shell.wR_factor_obs 
_refine_ls_shell.wR_factor_R_free 
_refine_ls_shell.wR_factor_R_work 
_refine_ls_shell.pdbx_total_number_of_bins_used 
_refine_ls_shell.pdbx_phase_error 
_refine_ls_shell.pdbx_fsc_work 
_refine_ls_shell.pdbx_fsc_free 
'X-RAY DIFFRACTION' 1.3900 1.4456  2766 . 148 2618 99.0000 . . . 0.2559 . 0.2185 . . . . . . 9 . . . 
'X-RAY DIFFRACTION' 1.4456 1.5114  2726 . 142 2584 99.0000 . . . 0.2274 . 0.2156 . . . . . . 9 . . . 
'X-RAY DIFFRACTION' 1.5114 1.5911  2752 . 153 2599 98.0000 . . . 0.2136 . 0.1992 . . . . . . 9 . . . 
'X-RAY DIFFRACTION' 1.5911 1.6908  2788 . 117 2671 99.0000 . . . 0.2566 . 0.2020 . . . . . . 9 . . . 
'X-RAY DIFFRACTION' 1.6908 1.8214  2724 . 149 2575 98.0000 . . . 0.2244 . 0.1941 . . . . . . 9 . . . 
'X-RAY DIFFRACTION' 1.8214 2.0047  2764 . 124 2640 98.0000 . . . 0.2215 . 0.1950 . . . . . . 9 . . . 
'X-RAY DIFFRACTION' 2.0047 2.2947  2770 . 148 2622 98.0000 . . . 0.2309 . 0.1905 . . . . . . 9 . . . 
'X-RAY DIFFRACTION' 2.2947 2.8911  2807 . 148 2659 99.0000 . . . 0.2519 . 0.1928 . . . . . . 9 . . . 
'X-RAY DIFFRACTION' 2.8911 47.4428 2889 . 141 2748 97.0000 . . . 0.1955 . 0.1723 . . . . . . 9 . . . 
# 
_struct.entry_id                     5D81 
_struct.title                        'Crystal Structure of Ketosteroid Isomerase from Pseudomonas putida (pKSI); D40N, Y57(Cl-Y)' 
_struct.pdbx_model_details           ? 
_struct.pdbx_formula_weight          ? 
_struct.pdbx_formula_weight_method   ? 
_struct.pdbx_model_type_details      ? 
_struct.pdbx_CASP_flag               ? 
# 
_struct_keywords.entry_id        5D81 
_struct_keywords.text            Isomerase 
_struct_keywords.pdbx_keywords   ISOMERASE 
# 
loop_
_struct_asym.id 
_struct_asym.pdbx_blank_PDB_chainid_flag 
_struct_asym.pdbx_modified 
_struct_asym.entity_id 
_struct_asym.details 
A N N 1 ? 
B N N 2 ? 
C N N 2 ? 
D N N 3 ? 
# 
_struct_ref.id                         1 
_struct_ref.db_name                    UNP 
_struct_ref.db_code                    SDIS_PSEPU 
_struct_ref.pdbx_db_accession          P07445 
_struct_ref.pdbx_db_isoform            ? 
_struct_ref.entity_id                  1 
_struct_ref.pdbx_seq_one_letter_code   
;MNLPTAQEVQGLMARYIELVDVGDIEAIVQMYADDATVEDPFGQPPIHGREQIAAFYRQGLGGGKVRACLTGPVRASHNG
CGAMPFRVEMVWNGQPCALDVIDVMRFDEHGRIQTMQAYWSEVNLSVREPQ
;
_struct_ref.pdbx_align_begin           1 
# 
_struct_ref_seq.align_id                      1 
_struct_ref_seq.ref_id                        1 
_struct_ref_seq.pdbx_PDB_id_code              5D81 
_struct_ref_seq.pdbx_strand_id                A 
_struct_ref_seq.seq_align_beg                 1 
_struct_ref_seq.pdbx_seq_align_beg_ins_code   ? 
_struct_ref_seq.seq_align_end                 131 
_struct_ref_seq.pdbx_seq_align_end_ins_code   ? 
_struct_ref_seq.pdbx_db_accession             P07445 
_struct_ref_seq.db_align_beg                  1 
_struct_ref_seq.pdbx_db_align_beg_ins_code    ? 
_struct_ref_seq.db_align_end                  131 
_struct_ref_seq.pdbx_db_align_end_ins_code    ? 
_struct_ref_seq.pdbx_auth_seq_align_beg       1 
_struct_ref_seq.pdbx_auth_seq_align_end       131 
# 
loop_
_struct_ref_seq_dif.align_id 
_struct_ref_seq_dif.pdbx_pdb_id_code 
_struct_ref_seq_dif.mon_id 
_struct_ref_seq_dif.pdbx_pdb_strand_id 
_struct_ref_seq_dif.seq_num 
_struct_ref_seq_dif.pdbx_pdb_ins_code 
_struct_ref_seq_dif.pdbx_seq_db_name 
_struct_ref_seq_dif.pdbx_seq_db_accession_code 
_struct_ref_seq_dif.db_mon_id 
_struct_ref_seq_dif.pdbx_seq_db_seq_num 
_struct_ref_seq_dif.details 
_struct_ref_seq_dif.pdbx_auth_seq_num 
_struct_ref_seq_dif.pdbx_ordinal 
1 5D81 ASN A 40  ? UNP P07445 ASP 40 'engineered mutation' 40  1 
1 5D81 LEU A 132 ? UNP P07445 ?   ?  'expression tag'      132 2 
1 5D81 VAL A 133 ? UNP P07445 ?   ?  'expression tag'      133 3 
1 5D81 PRO A 134 ? UNP P07445 ?   ?  'expression tag'      134 4 
1 5D81 ARG A 135 ? UNP P07445 ?   ?  'expression tag'      135 5 
# 
_pdbx_struct_assembly.id                   1 
_pdbx_struct_assembly.details              author_and_software_defined_assembly 
_pdbx_struct_assembly.method_details       PISA 
_pdbx_struct_assembly.oligomeric_details   dimeric 
_pdbx_struct_assembly.oligomeric_count     2 
# 
loop_
_pdbx_struct_assembly_prop.biol_id 
_pdbx_struct_assembly_prop.type 
_pdbx_struct_assembly_prop.value 
_pdbx_struct_assembly_prop.details 
1 'ABSA (A^2)' 2630  ? 
1 MORE         -49   ? 
1 'SSA (A^2)'  12550 ? 
# 
_pdbx_struct_assembly_gen.assembly_id       1 
_pdbx_struct_assembly_gen.oper_expression   1,2 
_pdbx_struct_assembly_gen.asym_id_list      A,B,C,D 
# 
loop_
_pdbx_struct_oper_list.id 
_pdbx_struct_oper_list.type 
_pdbx_struct_oper_list.name 
_pdbx_struct_oper_list.symmetry_operation 
_pdbx_struct_oper_list.matrix[1][1] 
_pdbx_struct_oper_list.matrix[1][2] 
_pdbx_struct_oper_list.matrix[1][3] 
_pdbx_struct_oper_list.vector[1] 
_pdbx_struct_oper_list.matrix[2][1] 
_pdbx_struct_oper_list.matrix[2][2] 
_pdbx_struct_oper_list.matrix[2][3] 
_pdbx_struct_oper_list.vector[2] 
_pdbx_struct_oper_list.matrix[3][1] 
_pdbx_struct_oper_list.matrix[3][2] 
_pdbx_struct_oper_list.matrix[3][3] 
_pdbx_struct_oper_list.vector[3] 
1 'identity operation'         1_555 x,y,z   1.0000000000  0.0000000000  0.0000000000 0.0000000000  0.0000000000  1.0000000000 0.0000000000  0.0000000000  0.0000000000 0.0000000000  1.0000000000  0.0000000000   
2 'crystal symmetry operation' 4_555 x,-y,-z -0.8257781638 -0.5547268371 0.1018261280 -4.9442602053 -0.5547268371 0.7662646116 -0.3242170280 -5.6752056360 0.1018261280 -0.3242170280 -0.9404864478 -22.4577996355 
# 
loop_
_struct_conf.conf_type_id 
_struct_conf.id 
_struct_conf.pdbx_PDB_helix_id 
_struct_conf.beg_label_comp_id 
_struct_conf.beg_label_asym_id 
_struct_conf.beg_label_seq_id 
_struct_conf.pdbx_beg_PDB_ins_code 
_struct_conf.end_label_comp_id 
_struct_conf.end_label_asym_id 
_struct_conf.end_label_seq_id 
_struct_conf.pdbx_end_PDB_ins_code 
_struct_conf.beg_auth_comp_id 
_struct_conf.beg_auth_asym_id 
_struct_conf.beg_auth_seq_id 
_struct_conf.end_auth_comp_id 
_struct_conf.end_auth_asym_id 
_struct_conf.end_auth_seq_id 
_struct_conf.pdbx_PDB_helix_class 
_struct_conf.details 
_struct_conf.pdbx_PDB_helix_length 
HELX_P HELX_P1 AA1 THR A 5   ? GLY A 23  ? THR A 5   GLY A 23  1 ? 19 
HELX_P HELX_P2 AA2 ASP A 24  ? MET A 31  ? ASP A 24  MET A 31  1 ? 8  
HELX_P HELX_P3 AA3 GLY A 49  ? GLY A 62  ? GLY A 49  GLY A 62  1 ? 14 
HELX_P HELX_P4 AA4 SER A 121 ? VAL A 123 ? SER A 121 VAL A 123 5 ? 3  
# 
_struct_conf_type.id          HELX_P 
_struct_conf_type.criteria    ? 
_struct_conf_type.reference   ? 
# 
loop_
_struct_conn.id 
_struct_conn.conn_type_id 
_struct_conn.pdbx_leaving_atom_flag 
_struct_conn.pdbx_PDB_id 
_struct_conn.ptnr1_label_asym_id 
_struct_conn.ptnr1_label_comp_id 
_struct_conn.ptnr1_label_seq_id 
_struct_conn.ptnr1_label_atom_id 
_struct_conn.pdbx_ptnr1_label_alt_id 
_struct_conn.pdbx_ptnr1_PDB_ins_code 
_struct_conn.pdbx_ptnr1_standard_comp_id 
_struct_conn.ptnr1_symmetry 
_struct_conn.ptnr2_label_asym_id 
_struct_conn.ptnr2_label_comp_id 
_struct_conn.ptnr2_label_seq_id 
_struct_conn.ptnr2_label_atom_id 
_struct_conn.pdbx_ptnr2_label_alt_id 
_struct_conn.pdbx_ptnr2_PDB_ins_code 
_struct_conn.ptnr1_auth_asym_id 
_struct_conn.ptnr1_auth_comp_id 
_struct_conn.ptnr1_auth_seq_id 
_struct_conn.ptnr2_auth_asym_id 
_struct_conn.ptnr2_auth_comp_id 
_struct_conn.ptnr2_auth_seq_id 
_struct_conn.ptnr2_symmetry 
_struct_conn.pdbx_ptnr3_label_atom_id 
_struct_conn.pdbx_ptnr3_label_seq_id 
_struct_conn.pdbx_ptnr3_label_comp_id 
_struct_conn.pdbx_ptnr3_label_asym_id 
_struct_conn.pdbx_ptnr3_label_alt_id 
_struct_conn.pdbx_ptnr3_PDB_ins_code 
_struct_conn.details 
_struct_conn.pdbx_dist_value 
_struct_conn.pdbx_value_order 
_struct_conn.pdbx_role 
covale1 covale both ? A PHE 56 C ? ? ? 1_555 A 3CT 57 N A ? A PHE 56 A 3CT 57 1_555 ? ? ? ? ? ? ? 1.333 ? ? 
covale2 covale both ? A PHE 56 C ? ? ? 1_555 A 3CT 57 N B ? A PHE 56 A 3CT 57 1_555 ? ? ? ? ? ? ? 1.330 ? ? 
covale3 covale both ? A 3CT 57 C A ? ? 1_555 A ARG 58 N ? ? A 3CT 57 A ARG 58 1_555 ? ? ? ? ? ? ? 1.331 ? ? 
covale4 covale both ? A 3CT 57 C B ? ? 1_555 A ARG 58 N ? ? A 3CT 57 A ARG 58 1_555 ? ? ? ? ? ? ? 1.329 ? ? 
# 
_struct_conn_type.id          covale 
_struct_conn_type.criteria    ? 
_struct_conn_type.reference   ? 
# 
loop_
_pdbx_modification_feature.ordinal 
_pdbx_modification_feature.label_comp_id 
_pdbx_modification_feature.label_asym_id 
_pdbx_modification_feature.label_seq_id 
_pdbx_modification_feature.label_alt_id 
_pdbx_modification_feature.modified_residue_label_comp_id 
_pdbx_modification_feature.modified_residue_label_asym_id 
_pdbx_modification_feature.modified_residue_label_seq_id 
_pdbx_modification_feature.modified_residue_label_alt_id 
_pdbx_modification_feature.auth_comp_id 
_pdbx_modification_feature.auth_asym_id 
_pdbx_modification_feature.auth_seq_id 
_pdbx_modification_feature.PDB_ins_code 
_pdbx_modification_feature.symmetry 
_pdbx_modification_feature.modified_residue_auth_comp_id 
_pdbx_modification_feature.modified_residue_auth_asym_id 
_pdbx_modification_feature.modified_residue_auth_seq_id 
_pdbx_modification_feature.modified_residue_PDB_ins_code 
_pdbx_modification_feature.modified_residue_symmetry 
_pdbx_modification_feature.comp_id_linking_atom 
_pdbx_modification_feature.modified_residue_id_linking_atom 
_pdbx_modification_feature.modified_residue_id 
_pdbx_modification_feature.ref_pcm_id 
_pdbx_modification_feature.ref_comp_id 
_pdbx_modification_feature.type 
_pdbx_modification_feature.category 
1 3CT A 57 A . . . . 3CT A 57 ? 1_555 . . . . . . . TYR 1 3CT Chlorination 'Named protein modification' 
2 3CT A 57 B . . . . 3CT A 57 ? 1_555 . . . . . . . TYR 1 3CT Chlorination 'Named protein modification' 
# 
_struct_mon_prot_cis.pdbx_id                1 
_struct_mon_prot_cis.label_comp_id          ASN 
_struct_mon_prot_cis.label_seq_id           40 
_struct_mon_prot_cis.label_asym_id          A 
_struct_mon_prot_cis.label_alt_id           . 
_struct_mon_prot_cis.pdbx_PDB_ins_code      ? 
_struct_mon_prot_cis.auth_comp_id           ASN 
_struct_mon_prot_cis.auth_seq_id            40 
_struct_mon_prot_cis.auth_asym_id           A 
_struct_mon_prot_cis.pdbx_label_comp_id_2   PRO 
_struct_mon_prot_cis.pdbx_label_seq_id_2    41 
_struct_mon_prot_cis.pdbx_label_asym_id_2   A 
_struct_mon_prot_cis.pdbx_PDB_ins_code_2    ? 
_struct_mon_prot_cis.pdbx_auth_comp_id_2    PRO 
_struct_mon_prot_cis.pdbx_auth_seq_id_2     41 
_struct_mon_prot_cis.pdbx_auth_asym_id_2    A 
_struct_mon_prot_cis.pdbx_PDB_model_num     1 
_struct_mon_prot_cis.pdbx_omega_angle       0.95 
# 
loop_
_struct_sheet.id 
_struct_sheet.type 
_struct_sheet.number_strands 
_struct_sheet.details 
AA1 ? 6 ? 
AA2 ? 4 ? 
# 
loop_
_struct_sheet_order.sheet_id 
_struct_sheet_order.range_id_1 
_struct_sheet_order.range_id_2 
_struct_sheet_order.offset 
_struct_sheet_order.sense 
AA1 1 2 ? anti-parallel 
AA1 2 3 ? parallel      
AA1 3 4 ? anti-parallel 
AA1 4 5 ? anti-parallel 
AA1 5 6 ? anti-parallel 
AA2 1 2 ? anti-parallel 
AA2 2 3 ? anti-parallel 
AA2 3 4 ? anti-parallel 
# 
loop_
_struct_sheet_range.sheet_id 
_struct_sheet_range.id 
_struct_sheet_range.beg_label_comp_id 
_struct_sheet_range.beg_label_asym_id 
_struct_sheet_range.beg_label_seq_id 
_struct_sheet_range.pdbx_beg_PDB_ins_code 
_struct_sheet_range.end_label_comp_id 
_struct_sheet_range.end_label_asym_id 
_struct_sheet_range.end_label_seq_id 
_struct_sheet_range.pdbx_end_PDB_ins_code 
_struct_sheet_range.beg_auth_comp_id 
_struct_sheet_range.beg_auth_asym_id 
_struct_sheet_range.beg_auth_seq_id 
_struct_sheet_range.end_auth_comp_id 
_struct_sheet_range.end_auth_asym_id 
_struct_sheet_range.end_auth_seq_id 
AA1 1 ILE A 47  ? HIS A 48  ? ILE A 47  HIS A 48  
AA1 2 TYR A 32  ? GLU A 39  ? TYR A 32  GLU A 39  
AA1 3 ILE A 113 ? TYR A 119 ? ILE A 113 TYR A 119 
AA1 4 GLN A 95  ? PHE A 107 ? GLN A 95  PHE A 107 
AA1 5 CYS A 81  ? TRP A 92  ? CYS A 81  TRP A 92  
AA1 6 ARG A 75  ? ALA A 76  ? ARG A 75  ALA A 76  
AA2 1 ARG A 67  ? LEU A 70  ? ARG A 67  LEU A 70  
AA2 2 CYS A 81  ? TRP A 92  ? CYS A 81  TRP A 92  
AA2 3 GLN A 95  ? PHE A 107 ? GLN A 95  PHE A 107 
AA2 4 LEU A 125 ? SER A 126 ? LEU A 125 SER A 126 
# 
loop_
_pdbx_struct_sheet_hbond.sheet_id 
_pdbx_struct_sheet_hbond.range_id_1 
_pdbx_struct_sheet_hbond.range_id_2 
_pdbx_struct_sheet_hbond.range_1_label_atom_id 
_pdbx_struct_sheet_hbond.range_1_label_comp_id 
_pdbx_struct_sheet_hbond.range_1_label_asym_id 
_pdbx_struct_sheet_hbond.range_1_label_seq_id 
_pdbx_struct_sheet_hbond.range_1_PDB_ins_code 
_pdbx_struct_sheet_hbond.range_1_auth_atom_id 
_pdbx_struct_sheet_hbond.range_1_auth_comp_id 
_pdbx_struct_sheet_hbond.range_1_auth_asym_id 
_pdbx_struct_sheet_hbond.range_1_auth_seq_id 
_pdbx_struct_sheet_hbond.range_2_label_atom_id 
_pdbx_struct_sheet_hbond.range_2_label_comp_id 
_pdbx_struct_sheet_hbond.range_2_label_asym_id 
_pdbx_struct_sheet_hbond.range_2_label_seq_id 
_pdbx_struct_sheet_hbond.range_2_PDB_ins_code 
_pdbx_struct_sheet_hbond.range_2_auth_atom_id 
_pdbx_struct_sheet_hbond.range_2_auth_comp_id 
_pdbx_struct_sheet_hbond.range_2_auth_asym_id 
_pdbx_struct_sheet_hbond.range_2_auth_seq_id 
AA1 1 2 O ILE A 47  ? O ILE A 47  N VAL A 38  ? N VAL A 38  
AA1 2 3 N ALA A 33  ? N ALA A 33  O ILE A 113 ? O ILE A 113 
AA1 3 4 O TYR A 119 ? O TYR A 119 N ILE A 102 ? N ILE A 102 
AA1 4 5 O GLN A 95  ? O GLN A 95  N TRP A 92  ? N TRP A 92  
AA1 5 6 O ALA A 83  ? O ALA A 83  N ARG A 75  ? N ARG A 75  
AA2 1 2 N ARG A 67  ? N ARG A 67  O GLU A 89  ? O GLU A 89  
AA2 2 3 N TRP A 92  ? N TRP A 92  O GLN A 95  ? O GLN A 95  
AA2 3 4 N ALA A 98  ? N ALA A 98  O SER A 126 ? O SER A 126 
# 
loop_
_struct_site.id 
_struct_site.pdbx_evidence_code 
_struct_site.pdbx_auth_asym_id 
_struct_site.pdbx_auth_comp_id 
_struct_site.pdbx_auth_seq_id 
_struct_site.pdbx_auth_ins_code 
_struct_site.pdbx_num_residues 
_struct_site.details 
AC1 Software A SO4 201 ? 5 'binding site for residue SO4 A 201' 
AC2 Software A SO4 202 ? 4 'binding site for residue SO4 A 202' 
# 
loop_
_struct_site_gen.id 
_struct_site_gen.site_id 
_struct_site_gen.pdbx_num_res 
_struct_site_gen.label_comp_id 
_struct_site_gen.label_asym_id 
_struct_site_gen.label_seq_id 
_struct_site_gen.pdbx_auth_ins_code 
_struct_site_gen.auth_comp_id 
_struct_site_gen.auth_asym_id 
_struct_site_gen.auth_seq_id 
_struct_site_gen.label_atom_id 
_struct_site_gen.label_alt_id 
_struct_site_gen.symmetry 
_struct_site_gen.details 
1 AC1 5 ARG A 106 ? ARG A 106 . ? 1_555 ? 
2 AC1 5 THR A 115 ? THR A 115 . ? 1_555 ? 
3 AC1 5 GLN A 117 ? GLN A 117 . ? 1_555 ? 
4 AC1 5 HOH D .   ? HOH A 366 . ? 1_555 ? 
5 AC1 5 HOH D .   ? HOH A 375 . ? 1_555 ? 
6 AC2 4 ARG A 106 ? ARG A 106 . ? 1_555 ? 
7 AC2 4 GLN A 114 ? GLN A 114 . ? 1_555 ? 
8 AC2 4 HOH D .   ? HOH A 303 . ? 1_555 ? 
9 AC2 4 HOH D .   ? HOH A 317 . ? 1_555 ? 
# 
_pdbx_entry_details.entry_id                   5D81 
_pdbx_entry_details.compound_details           ? 
_pdbx_entry_details.source_details             ? 
_pdbx_entry_details.nonpolymer_details         ? 
_pdbx_entry_details.sequence_details           ? 
_pdbx_entry_details.has_ligand_of_interest     ? 
_pdbx_entry_details.has_protein_modification   Y 
# 
_pdbx_validate_close_contact.id               1 
_pdbx_validate_close_contact.PDB_model_num    1 
_pdbx_validate_close_contact.auth_atom_id_1   OE1 
_pdbx_validate_close_contact.auth_asym_id_1   A 
_pdbx_validate_close_contact.auth_comp_id_1   GLN 
_pdbx_validate_close_contact.auth_seq_id_1    7 
_pdbx_validate_close_contact.PDB_ins_code_1   ? 
_pdbx_validate_close_contact.label_alt_id_1   ? 
_pdbx_validate_close_contact.auth_atom_id_2   O 
_pdbx_validate_close_contact.auth_asym_id_2   A 
_pdbx_validate_close_contact.auth_comp_id_2   HOH 
_pdbx_validate_close_contact.auth_seq_id_2    301 
_pdbx_validate_close_contact.PDB_ins_code_2   ? 
_pdbx_validate_close_contact.label_alt_id_2   ? 
_pdbx_validate_close_contact.dist             2.19 
# 
_pdbx_validate_symm_contact.id                1 
_pdbx_validate_symm_contact.PDB_model_num     1 
_pdbx_validate_symm_contact.auth_atom_id_1    O 
_pdbx_validate_symm_contact.auth_asym_id_1    A 
_pdbx_validate_symm_contact.auth_comp_id_1    HOH 
_pdbx_validate_symm_contact.auth_seq_id_1     301 
_pdbx_validate_symm_contact.PDB_ins_code_1    ? 
_pdbx_validate_symm_contact.label_alt_id_1    ? 
_pdbx_validate_symm_contact.site_symmetry_1   1_555 
_pdbx_validate_symm_contact.auth_atom_id_2    O 
_pdbx_validate_symm_contact.auth_asym_id_2    A 
_pdbx_validate_symm_contact.auth_comp_id_2    HOH 
_pdbx_validate_symm_contact.auth_seq_id_2     301 
_pdbx_validate_symm_contact.PDB_ins_code_2    ? 
_pdbx_validate_symm_contact.label_alt_id_2    ? 
_pdbx_validate_symm_contact.site_symmetry_2   3_555 
_pdbx_validate_symm_contact.dist              2.13 
# 
_pdbx_validate_torsion.id              1 
_pdbx_validate_torsion.PDB_model_num   1 
_pdbx_validate_torsion.auth_comp_id    ASN 
_pdbx_validate_torsion.auth_asym_id    A 
_pdbx_validate_torsion.auth_seq_id     2 
_pdbx_validate_torsion.PDB_ins_code    ? 
_pdbx_validate_torsion.label_alt_id    ? 
_pdbx_validate_torsion.phi             -99.65 
_pdbx_validate_torsion.psi             -159.47 
# 
loop_
_pdbx_struct_special_symmetry.id 
_pdbx_struct_special_symmetry.PDB_model_num 
_pdbx_struct_special_symmetry.auth_asym_id 
_pdbx_struct_special_symmetry.auth_comp_id 
_pdbx_struct_special_symmetry.auth_seq_id 
_pdbx_struct_special_symmetry.PDB_ins_code 
_pdbx_struct_special_symmetry.label_asym_id 
_pdbx_struct_special_symmetry.label_comp_id 
_pdbx_struct_special_symmetry.label_seq_id 
1 1 A HOH 309 ? D HOH . 
2 1 A HOH 351 ? D HOH . 
# 
loop_
_pdbx_unobs_or_zero_occ_residues.id 
_pdbx_unobs_or_zero_occ_residues.PDB_model_num 
_pdbx_unobs_or_zero_occ_residues.polymer_flag 
_pdbx_unobs_or_zero_occ_residues.occupancy_flag 
_pdbx_unobs_or_zero_occ_residues.auth_asym_id 
_pdbx_unobs_or_zero_occ_residues.auth_comp_id 
_pdbx_unobs_or_zero_occ_residues.auth_seq_id 
_pdbx_unobs_or_zero_occ_residues.PDB_ins_code 
_pdbx_unobs_or_zero_occ_residues.label_asym_id 
_pdbx_unobs_or_zero_occ_residues.label_comp_id 
_pdbx_unobs_or_zero_occ_residues.label_seq_id 
1 1 Y 1 A ARG 128 ? A ARG 128 
2 1 Y 1 A GLU 129 ? A GLU 129 
3 1 Y 1 A PRO 130 ? A PRO 130 
4 1 Y 1 A GLN 131 ? A GLN 131 
5 1 Y 1 A LEU 132 ? A LEU 132 
6 1 Y 1 A VAL 133 ? A VAL 133 
7 1 Y 1 A PRO 134 ? A PRO 134 
8 1 Y 1 A ARG 135 ? A ARG 135 
# 
loop_
_chem_comp_atom.comp_id 
_chem_comp_atom.atom_id 
_chem_comp_atom.type_symbol 
_chem_comp_atom.pdbx_aromatic_flag 
_chem_comp_atom.pdbx_stereo_config 
_chem_comp_atom.pdbx_ordinal 
3CT N    N  N N 1   
3CT CA   C  N S 2   
3CT CB   C  N N 3   
3CT CG   C  Y N 4   
3CT CD2  C  Y N 5   
3CT CE2  C  Y N 6   
3CT CL   CL N N 7   
3CT CZ   C  Y N 8   
3CT OH   O  N N 9   
3CT CE1  C  Y N 10  
3CT CD1  C  Y N 11  
3CT C    C  N N 12  
3CT O    O  N N 13  
3CT OXT  O  N N 14  
3CT H    H  N N 15  
3CT H2   H  N N 16  
3CT HA   H  N N 17  
3CT HB2  H  N N 18  
3CT HB3  H  N N 19  
3CT HD2  H  N N 20  
3CT HH   H  N N 21  
3CT HE1  H  N N 22  
3CT HD1  H  N N 23  
3CT HXT  H  N N 24  
ALA N    N  N N 25  
ALA CA   C  N S 26  
ALA C    C  N N 27  
ALA O    O  N N 28  
ALA CB   C  N N 29  
ALA OXT  O  N N 30  
ALA H    H  N N 31  
ALA H2   H  N N 32  
ALA HA   H  N N 33  
ALA HB1  H  N N 34  
ALA HB2  H  N N 35  
ALA HB3  H  N N 36  
ALA HXT  H  N N 37  
ARG N    N  N N 38  
ARG CA   C  N S 39  
ARG C    C  N N 40  
ARG O    O  N N 41  
ARG CB   C  N N 42  
ARG CG   C  N N 43  
ARG CD   C  N N 44  
ARG NE   N  N N 45  
ARG CZ   C  N N 46  
ARG NH1  N  N N 47  
ARG NH2  N  N N 48  
ARG OXT  O  N N 49  
ARG H    H  N N 50  
ARG H2   H  N N 51  
ARG HA   H  N N 52  
ARG HB2  H  N N 53  
ARG HB3  H  N N 54  
ARG HG2  H  N N 55  
ARG HG3  H  N N 56  
ARG HD2  H  N N 57  
ARG HD3  H  N N 58  
ARG HE   H  N N 59  
ARG HH11 H  N N 60  
ARG HH12 H  N N 61  
ARG HH21 H  N N 62  
ARG HH22 H  N N 63  
ARG HXT  H  N N 64  
ASN N    N  N N 65  
ASN CA   C  N S 66  
ASN C    C  N N 67  
ASN O    O  N N 68  
ASN CB   C  N N 69  
ASN CG   C  N N 70  
ASN OD1  O  N N 71  
ASN ND2  N  N N 72  
ASN OXT  O  N N 73  
ASN H    H  N N 74  
ASN H2   H  N N 75  
ASN HA   H  N N 76  
ASN HB2  H  N N 77  
ASN HB3  H  N N 78  
ASN HD21 H  N N 79  
ASN HD22 H  N N 80  
ASN HXT  H  N N 81  
ASP N    N  N N 82  
ASP CA   C  N S 83  
ASP C    C  N N 84  
ASP O    O  N N 85  
ASP CB   C  N N 86  
ASP CG   C  N N 87  
ASP OD1  O  N N 88  
ASP OD2  O  N N 89  
ASP OXT  O  N N 90  
ASP H    H  N N 91  
ASP H2   H  N N 92  
ASP HA   H  N N 93  
ASP HB2  H  N N 94  
ASP HB3  H  N N 95  
ASP HD2  H  N N 96  
ASP HXT  H  N N 97  
CYS N    N  N N 98  
CYS CA   C  N R 99  
CYS C    C  N N 100 
CYS O    O  N N 101 
CYS CB   C  N N 102 
CYS SG   S  N N 103 
CYS OXT  O  N N 104 
CYS H    H  N N 105 
CYS H2   H  N N 106 
CYS HA   H  N N 107 
CYS HB2  H  N N 108 
CYS HB3  H  N N 109 
CYS HG   H  N N 110 
CYS HXT  H  N N 111 
GLN N    N  N N 112 
GLN CA   C  N S 113 
GLN C    C  N N 114 
GLN O    O  N N 115 
GLN CB   C  N N 116 
GLN CG   C  N N 117 
GLN CD   C  N N 118 
GLN OE1  O  N N 119 
GLN NE2  N  N N 120 
GLN OXT  O  N N 121 
GLN H    H  N N 122 
GLN H2   H  N N 123 
GLN HA   H  N N 124 
GLN HB2  H  N N 125 
GLN HB3  H  N N 126 
GLN HG2  H  N N 127 
GLN HG3  H  N N 128 
GLN HE21 H  N N 129 
GLN HE22 H  N N 130 
GLN HXT  H  N N 131 
GLU N    N  N N 132 
GLU CA   C  N S 133 
GLU C    C  N N 134 
GLU O    O  N N 135 
GLU CB   C  N N 136 
GLU CG   C  N N 137 
GLU CD   C  N N 138 
GLU OE1  O  N N 139 
GLU OE2  O  N N 140 
GLU OXT  O  N N 141 
GLU H    H  N N 142 
GLU H2   H  N N 143 
GLU HA   H  N N 144 
GLU HB2  H  N N 145 
GLU HB3  H  N N 146 
GLU HG2  H  N N 147 
GLU HG3  H  N N 148 
GLU HE2  H  N N 149 
GLU HXT  H  N N 150 
GLY N    N  N N 151 
GLY CA   C  N N 152 
GLY C    C  N N 153 
GLY O    O  N N 154 
GLY OXT  O  N N 155 
GLY H    H  N N 156 
GLY H2   H  N N 157 
GLY HA2  H  N N 158 
GLY HA3  H  N N 159 
GLY HXT  H  N N 160 
HIS N    N  N N 161 
HIS CA   C  N S 162 
HIS C    C  N N 163 
HIS O    O  N N 164 
HIS CB   C  N N 165 
HIS CG   C  Y N 166 
HIS ND1  N  Y N 167 
HIS CD2  C  Y N 168 
HIS CE1  C  Y N 169 
HIS NE2  N  Y N 170 
HIS OXT  O  N N 171 
HIS H    H  N N 172 
HIS H2   H  N N 173 
HIS HA   H  N N 174 
HIS HB2  H  N N 175 
HIS HB3  H  N N 176 
HIS HD1  H  N N 177 
HIS HD2  H  N N 178 
HIS HE1  H  N N 179 
HIS HE2  H  N N 180 
HIS HXT  H  N N 181 
HOH O    O  N N 182 
HOH H1   H  N N 183 
HOH H2   H  N N 184 
ILE N    N  N N 185 
ILE CA   C  N S 186 
ILE C    C  N N 187 
ILE O    O  N N 188 
ILE CB   C  N S 189 
ILE CG1  C  N N 190 
ILE CG2  C  N N 191 
ILE CD1  C  N N 192 
ILE OXT  O  N N 193 
ILE H    H  N N 194 
ILE H2   H  N N 195 
ILE HA   H  N N 196 
ILE HB   H  N N 197 
ILE HG12 H  N N 198 
ILE HG13 H  N N 199 
ILE HG21 H  N N 200 
ILE HG22 H  N N 201 
ILE HG23 H  N N 202 
ILE HD11 H  N N 203 
ILE HD12 H  N N 204 
ILE HD13 H  N N 205 
ILE HXT  H  N N 206 
LEU N    N  N N 207 
LEU CA   C  N S 208 
LEU C    C  N N 209 
LEU O    O  N N 210 
LEU CB   C  N N 211 
LEU CG   C  N N 212 
LEU CD1  C  N N 213 
LEU CD2  C  N N 214 
LEU OXT  O  N N 215 
LEU H    H  N N 216 
LEU H2   H  N N 217 
LEU HA   H  N N 218 
LEU HB2  H  N N 219 
LEU HB3  H  N N 220 
LEU HG   H  N N 221 
LEU HD11 H  N N 222 
LEU HD12 H  N N 223 
LEU HD13 H  N N 224 
LEU HD21 H  N N 225 
LEU HD22 H  N N 226 
LEU HD23 H  N N 227 
LEU HXT  H  N N 228 
LYS N    N  N N 229 
LYS CA   C  N S 230 
LYS C    C  N N 231 
LYS O    O  N N 232 
LYS CB   C  N N 233 
LYS CG   C  N N 234 
LYS CD   C  N N 235 
LYS CE   C  N N 236 
LYS NZ   N  N N 237 
LYS OXT  O  N N 238 
LYS H    H  N N 239 
LYS H2   H  N N 240 
LYS HA   H  N N 241 
LYS HB2  H  N N 242 
LYS HB3  H  N N 243 
LYS HG2  H  N N 244 
LYS HG3  H  N N 245 
LYS HD2  H  N N 246 
LYS HD3  H  N N 247 
LYS HE2  H  N N 248 
LYS HE3  H  N N 249 
LYS HZ1  H  N N 250 
LYS HZ2  H  N N 251 
LYS HZ3  H  N N 252 
LYS HXT  H  N N 253 
MET N    N  N N 254 
MET CA   C  N S 255 
MET C    C  N N 256 
MET O    O  N N 257 
MET CB   C  N N 258 
MET CG   C  N N 259 
MET SD   S  N N 260 
MET CE   C  N N 261 
MET OXT  O  N N 262 
MET H    H  N N 263 
MET H2   H  N N 264 
MET HA   H  N N 265 
MET HB2  H  N N 266 
MET HB3  H  N N 267 
MET HG2  H  N N 268 
MET HG3  H  N N 269 
MET HE1  H  N N 270 
MET HE2  H  N N 271 
MET HE3  H  N N 272 
MET HXT  H  N N 273 
PHE N    N  N N 274 
PHE CA   C  N S 275 
PHE C    C  N N 276 
PHE O    O  N N 277 
PHE CB   C  N N 278 
PHE CG   C  Y N 279 
PHE CD1  C  Y N 280 
PHE CD2  C  Y N 281 
PHE CE1  C  Y N 282 
PHE CE2  C  Y N 283 
PHE CZ   C  Y N 284 
PHE OXT  O  N N 285 
PHE H    H  N N 286 
PHE H2   H  N N 287 
PHE HA   H  N N 288 
PHE HB2  H  N N 289 
PHE HB3  H  N N 290 
PHE HD1  H  N N 291 
PHE HD2  H  N N 292 
PHE HE1  H  N N 293 
PHE HE2  H  N N 294 
PHE HZ   H  N N 295 
PHE HXT  H  N N 296 
PRO N    N  N N 297 
PRO CA   C  N S 298 
PRO C    C  N N 299 
PRO O    O  N N 300 
PRO CB   C  N N 301 
PRO CG   C  N N 302 
PRO CD   C  N N 303 
PRO OXT  O  N N 304 
PRO H    H  N N 305 
PRO HA   H  N N 306 
PRO HB2  H  N N 307 
PRO HB3  H  N N 308 
PRO HG2  H  N N 309 
PRO HG3  H  N N 310 
PRO HD2  H  N N 311 
PRO HD3  H  N N 312 
PRO HXT  H  N N 313 
SER N    N  N N 314 
SER CA   C  N S 315 
SER C    C  N N 316 
SER O    O  N N 317 
SER CB   C  N N 318 
SER OG   O  N N 319 
SER OXT  O  N N 320 
SER H    H  N N 321 
SER H2   H  N N 322 
SER HA   H  N N 323 
SER HB2  H  N N 324 
SER HB3  H  N N 325 
SER HG   H  N N 326 
SER HXT  H  N N 327 
SO4 S    S  N N 328 
SO4 O1   O  N N 329 
SO4 O2   O  N N 330 
SO4 O3   O  N N 331 
SO4 O4   O  N N 332 
THR N    N  N N 333 
THR CA   C  N S 334 
THR C    C  N N 335 
THR O    O  N N 336 
THR CB   C  N R 337 
THR OG1  O  N N 338 
THR CG2  C  N N 339 
THR OXT  O  N N 340 
THR H    H  N N 341 
THR H2   H  N N 342 
THR HA   H  N N 343 
THR HB   H  N N 344 
THR HG1  H  N N 345 
THR HG21 H  N N 346 
THR HG22 H  N N 347 
THR HG23 H  N N 348 
THR HXT  H  N N 349 
TRP N    N  N N 350 
TRP CA   C  N S 351 
TRP C    C  N N 352 
TRP O    O  N N 353 
TRP CB   C  N N 354 
TRP CG   C  Y N 355 
TRP CD1  C  Y N 356 
TRP CD2  C  Y N 357 
TRP NE1  N  Y N 358 
TRP CE2  C  Y N 359 
TRP CE3  C  Y N 360 
TRP CZ2  C  Y N 361 
TRP CZ3  C  Y N 362 
TRP CH2  C  Y N 363 
TRP OXT  O  N N 364 
TRP H    H  N N 365 
TRP H2   H  N N 366 
TRP HA   H  N N 367 
TRP HB2  H  N N 368 
TRP HB3  H  N N 369 
TRP HD1  H  N N 370 
TRP HE1  H  N N 371 
TRP HE3  H  N N 372 
TRP HZ2  H  N N 373 
TRP HZ3  H  N N 374 
TRP HH2  H  N N 375 
TRP HXT  H  N N 376 
TYR N    N  N N 377 
TYR CA   C  N S 378 
TYR C    C  N N 379 
TYR O    O  N N 380 
TYR CB   C  N N 381 
TYR CG   C  Y N 382 
TYR CD1  C  Y N 383 
TYR CD2  C  Y N 384 
TYR CE1  C  Y N 385 
TYR CE2  C  Y N 386 
TYR CZ   C  Y N 387 
TYR OH   O  N N 388 
TYR OXT  O  N N 389 
TYR H    H  N N 390 
TYR H2   H  N N 391 
TYR HA   H  N N 392 
TYR HB2  H  N N 393 
TYR HB3  H  N N 394 
TYR HD1  H  N N 395 
TYR HD2  H  N N 396 
TYR HE1  H  N N 397 
TYR HE2  H  N N 398 
TYR HH   H  N N 399 
TYR HXT  H  N N 400 
VAL N    N  N N 401 
VAL CA   C  N S 402 
VAL C    C  N N 403 
VAL O    O  N N 404 
VAL CB   C  N N 405 
VAL CG1  C  N N 406 
VAL CG2  C  N N 407 
VAL OXT  O  N N 408 
VAL H    H  N N 409 
VAL H2   H  N N 410 
VAL HA   H  N N 411 
VAL HB   H  N N 412 
VAL HG11 H  N N 413 
VAL HG12 H  N N 414 
VAL HG13 H  N N 415 
VAL HG21 H  N N 416 
VAL HG22 H  N N 417 
VAL HG23 H  N N 418 
VAL HXT  H  N N 419 
# 
loop_
_chem_comp_bond.comp_id 
_chem_comp_bond.atom_id_1 
_chem_comp_bond.atom_id_2 
_chem_comp_bond.value_order 
_chem_comp_bond.pdbx_aromatic_flag 
_chem_comp_bond.pdbx_stereo_config 
_chem_comp_bond.pdbx_ordinal 
3CT OH  CZ   sing N N 1   
3CT CE1 CZ   doub Y N 2   
3CT CE1 CD1  sing Y N 3   
3CT CZ  CE2  sing Y N 4   
3CT CD1 CG   doub Y N 5   
3CT CE2 CD2  doub Y N 6   
3CT CE2 CL   sing N N 7   
3CT CG  CD2  sing Y N 8   
3CT CG  CB   sing N N 9   
3CT CB  CA   sing N N 10  
3CT N   CA   sing N N 11  
3CT CA  C    sing N N 12  
3CT C   O    doub N N 13  
3CT C   OXT  sing N N 14  
3CT N   H    sing N N 15  
3CT N   H2   sing N N 16  
3CT CA  HA   sing N N 17  
3CT CB  HB2  sing N N 18  
3CT CB  HB3  sing N N 19  
3CT CD2 HD2  sing N N 20  
3CT OH  HH   sing N N 21  
3CT CE1 HE1  sing N N 22  
3CT CD1 HD1  sing N N 23  
3CT OXT HXT  sing N N 24  
ALA N   CA   sing N N 25  
ALA N   H    sing N N 26  
ALA N   H2   sing N N 27  
ALA CA  C    sing N N 28  
ALA CA  CB   sing N N 29  
ALA CA  HA   sing N N 30  
ALA C   O    doub N N 31  
ALA C   OXT  sing N N 32  
ALA CB  HB1  sing N N 33  
ALA CB  HB2  sing N N 34  
ALA CB  HB3  sing N N 35  
ALA OXT HXT  sing N N 36  
ARG N   CA   sing N N 37  
ARG N   H    sing N N 38  
ARG N   H2   sing N N 39  
ARG CA  C    sing N N 40  
ARG CA  CB   sing N N 41  
ARG CA  HA   sing N N 42  
ARG C   O    doub N N 43  
ARG C   OXT  sing N N 44  
ARG CB  CG   sing N N 45  
ARG CB  HB2  sing N N 46  
ARG CB  HB3  sing N N 47  
ARG CG  CD   sing N N 48  
ARG CG  HG2  sing N N 49  
ARG CG  HG3  sing N N 50  
ARG CD  NE   sing N N 51  
ARG CD  HD2  sing N N 52  
ARG CD  HD3  sing N N 53  
ARG NE  CZ   sing N N 54  
ARG NE  HE   sing N N 55  
ARG CZ  NH1  sing N N 56  
ARG CZ  NH2  doub N N 57  
ARG NH1 HH11 sing N N 58  
ARG NH1 HH12 sing N N 59  
ARG NH2 HH21 sing N N 60  
ARG NH2 HH22 sing N N 61  
ARG OXT HXT  sing N N 62  
ASN N   CA   sing N N 63  
ASN N   H    sing N N 64  
ASN N   H2   sing N N 65  
ASN CA  C    sing N N 66  
ASN CA  CB   sing N N 67  
ASN CA  HA   sing N N 68  
ASN C   O    doub N N 69  
ASN C   OXT  sing N N 70  
ASN CB  CG   sing N N 71  
ASN CB  HB2  sing N N 72  
ASN CB  HB3  sing N N 73  
ASN CG  OD1  doub N N 74  
ASN CG  ND2  sing N N 75  
ASN ND2 HD21 sing N N 76  
ASN ND2 HD22 sing N N 77  
ASN OXT HXT  sing N N 78  
ASP N   CA   sing N N 79  
ASP N   H    sing N N 80  
ASP N   H2   sing N N 81  
ASP CA  C    sing N N 82  
ASP CA  CB   sing N N 83  
ASP CA  HA   sing N N 84  
ASP C   O    doub N N 85  
ASP C   OXT  sing N N 86  
ASP CB  CG   sing N N 87  
ASP CB  HB2  sing N N 88  
ASP CB  HB3  sing N N 89  
ASP CG  OD1  doub N N 90  
ASP CG  OD2  sing N N 91  
ASP OD2 HD2  sing N N 92  
ASP OXT HXT  sing N N 93  
CYS N   CA   sing N N 94  
CYS N   H    sing N N 95  
CYS N   H2   sing N N 96  
CYS CA  C    sing N N 97  
CYS CA  CB   sing N N 98  
CYS CA  HA   sing N N 99  
CYS C   O    doub N N 100 
CYS C   OXT  sing N N 101 
CYS CB  SG   sing N N 102 
CYS CB  HB2  sing N N 103 
CYS CB  HB3  sing N N 104 
CYS SG  HG   sing N N 105 
CYS OXT HXT  sing N N 106 
GLN N   CA   sing N N 107 
GLN N   H    sing N N 108 
GLN N   H2   sing N N 109 
GLN CA  C    sing N N 110 
GLN CA  CB   sing N N 111 
GLN CA  HA   sing N N 112 
GLN C   O    doub N N 113 
GLN C   OXT  sing N N 114 
GLN CB  CG   sing N N 115 
GLN CB  HB2  sing N N 116 
GLN CB  HB3  sing N N 117 
GLN CG  CD   sing N N 118 
GLN CG  HG2  sing N N 119 
GLN CG  HG3  sing N N 120 
GLN CD  OE1  doub N N 121 
GLN CD  NE2  sing N N 122 
GLN NE2 HE21 sing N N 123 
GLN NE2 HE22 sing N N 124 
GLN OXT HXT  sing N N 125 
GLU N   CA   sing N N 126 
GLU N   H    sing N N 127 
GLU N   H2   sing N N 128 
GLU CA  C    sing N N 129 
GLU CA  CB   sing N N 130 
GLU CA  HA   sing N N 131 
GLU C   O    doub N N 132 
GLU C   OXT  sing N N 133 
GLU CB  CG   sing N N 134 
GLU CB  HB2  sing N N 135 
GLU CB  HB3  sing N N 136 
GLU CG  CD   sing N N 137 
GLU CG  HG2  sing N N 138 
GLU CG  HG3  sing N N 139 
GLU CD  OE1  doub N N 140 
GLU CD  OE2  sing N N 141 
GLU OE2 HE2  sing N N 142 
GLU OXT HXT  sing N N 143 
GLY N   CA   sing N N 144 
GLY N   H    sing N N 145 
GLY N   H2   sing N N 146 
GLY CA  C    sing N N 147 
GLY CA  HA2  sing N N 148 
GLY CA  HA3  sing N N 149 
GLY C   O    doub N N 150 
GLY C   OXT  sing N N 151 
GLY OXT HXT  sing N N 152 
HIS N   CA   sing N N 153 
HIS N   H    sing N N 154 
HIS N   H2   sing N N 155 
HIS CA  C    sing N N 156 
HIS CA  CB   sing N N 157 
HIS CA  HA   sing N N 158 
HIS C   O    doub N N 159 
HIS C   OXT  sing N N 160 
HIS CB  CG   sing N N 161 
HIS CB  HB2  sing N N 162 
HIS CB  HB3  sing N N 163 
HIS CG  ND1  sing Y N 164 
HIS CG  CD2  doub Y N 165 
HIS ND1 CE1  doub Y N 166 
HIS ND1 HD1  sing N N 167 
HIS CD2 NE2  sing Y N 168 
HIS CD2 HD2  sing N N 169 
HIS CE1 NE2  sing Y N 170 
HIS CE1 HE1  sing N N 171 
HIS NE2 HE2  sing N N 172 
HIS OXT HXT  sing N N 173 
HOH O   H1   sing N N 174 
HOH O   H2   sing N N 175 
ILE N   CA   sing N N 176 
ILE N   H    sing N N 177 
ILE N   H2   sing N N 178 
ILE CA  C    sing N N 179 
ILE CA  CB   sing N N 180 
ILE CA  HA   sing N N 181 
ILE C   O    doub N N 182 
ILE C   OXT  sing N N 183 
ILE CB  CG1  sing N N 184 
ILE CB  CG2  sing N N 185 
ILE CB  HB   sing N N 186 
ILE CG1 CD1  sing N N 187 
ILE CG1 HG12 sing N N 188 
ILE CG1 HG13 sing N N 189 
ILE CG2 HG21 sing N N 190 
ILE CG2 HG22 sing N N 191 
ILE CG2 HG23 sing N N 192 
ILE CD1 HD11 sing N N 193 
ILE CD1 HD12 sing N N 194 
ILE CD1 HD13 sing N N 195 
ILE OXT HXT  sing N N 196 
LEU N   CA   sing N N 197 
LEU N   H    sing N N 198 
LEU N   H2   sing N N 199 
LEU CA  C    sing N N 200 
LEU CA  CB   sing N N 201 
LEU CA  HA   sing N N 202 
LEU C   O    doub N N 203 
LEU C   OXT  sing N N 204 
LEU CB  CG   sing N N 205 
LEU CB  HB2  sing N N 206 
LEU CB  HB3  sing N N 207 
LEU CG  CD1  sing N N 208 
LEU CG  CD2  sing N N 209 
LEU CG  HG   sing N N 210 
LEU CD1 HD11 sing N N 211 
LEU CD1 HD12 sing N N 212 
LEU CD1 HD13 sing N N 213 
LEU CD2 HD21 sing N N 214 
LEU CD2 HD22 sing N N 215 
LEU CD2 HD23 sing N N 216 
LEU OXT HXT  sing N N 217 
LYS N   CA   sing N N 218 
LYS N   H    sing N N 219 
LYS N   H2   sing N N 220 
LYS CA  C    sing N N 221 
LYS CA  CB   sing N N 222 
LYS CA  HA   sing N N 223 
LYS C   O    doub N N 224 
LYS C   OXT  sing N N 225 
LYS CB  CG   sing N N 226 
LYS CB  HB2  sing N N 227 
LYS CB  HB3  sing N N 228 
LYS CG  CD   sing N N 229 
LYS CG  HG2  sing N N 230 
LYS CG  HG3  sing N N 231 
LYS CD  CE   sing N N 232 
LYS CD  HD2  sing N N 233 
LYS CD  HD3  sing N N 234 
LYS CE  NZ   sing N N 235 
LYS CE  HE2  sing N N 236 
LYS CE  HE3  sing N N 237 
LYS NZ  HZ1  sing N N 238 
LYS NZ  HZ2  sing N N 239 
LYS NZ  HZ3  sing N N 240 
LYS OXT HXT  sing N N 241 
MET N   CA   sing N N 242 
MET N   H    sing N N 243 
MET N   H2   sing N N 244 
MET CA  C    sing N N 245 
MET CA  CB   sing N N 246 
MET CA  HA   sing N N 247 
MET C   O    doub N N 248 
MET C   OXT  sing N N 249 
MET CB  CG   sing N N 250 
MET CB  HB2  sing N N 251 
MET CB  HB3  sing N N 252 
MET CG  SD   sing N N 253 
MET CG  HG2  sing N N 254 
MET CG  HG3  sing N N 255 
MET SD  CE   sing N N 256 
MET CE  HE1  sing N N 257 
MET CE  HE2  sing N N 258 
MET CE  HE3  sing N N 259 
MET OXT HXT  sing N N 260 
PHE N   CA   sing N N 261 
PHE N   H    sing N N 262 
PHE N   H2   sing N N 263 
PHE CA  C    sing N N 264 
PHE CA  CB   sing N N 265 
PHE CA  HA   sing N N 266 
PHE C   O    doub N N 267 
PHE C   OXT  sing N N 268 
PHE CB  CG   sing N N 269 
PHE CB  HB2  sing N N 270 
PHE CB  HB3  sing N N 271 
PHE CG  CD1  doub Y N 272 
PHE CG  CD2  sing Y N 273 
PHE CD1 CE1  sing Y N 274 
PHE CD1 HD1  sing N N 275 
PHE CD2 CE2  doub Y N 276 
PHE CD2 HD2  sing N N 277 
PHE CE1 CZ   doub Y N 278 
PHE CE1 HE1  sing N N 279 
PHE CE2 CZ   sing Y N 280 
PHE CE2 HE2  sing N N 281 
PHE CZ  HZ   sing N N 282 
PHE OXT HXT  sing N N 283 
PRO N   CA   sing N N 284 
PRO N   CD   sing N N 285 
PRO N   H    sing N N 286 
PRO CA  C    sing N N 287 
PRO CA  CB   sing N N 288 
PRO CA  HA   sing N N 289 
PRO C   O    doub N N 290 
PRO C   OXT  sing N N 291 
PRO CB  CG   sing N N 292 
PRO CB  HB2  sing N N 293 
PRO CB  HB3  sing N N 294 
PRO CG  CD   sing N N 295 
PRO CG  HG2  sing N N 296 
PRO CG  HG3  sing N N 297 
PRO CD  HD2  sing N N 298 
PRO CD  HD3  sing N N 299 
PRO OXT HXT  sing N N 300 
SER N   CA   sing N N 301 
SER N   H    sing N N 302 
SER N   H2   sing N N 303 
SER CA  C    sing N N 304 
SER CA  CB   sing N N 305 
SER CA  HA   sing N N 306 
SER C   O    doub N N 307 
SER C   OXT  sing N N 308 
SER CB  OG   sing N N 309 
SER CB  HB2  sing N N 310 
SER CB  HB3  sing N N 311 
SER OG  HG   sing N N 312 
SER OXT HXT  sing N N 313 
SO4 S   O1   doub N N 314 
SO4 S   O2   doub N N 315 
SO4 S   O3   sing N N 316 
SO4 S   O4   sing N N 317 
THR N   CA   sing N N 318 
THR N   H    sing N N 319 
THR N   H2   sing N N 320 
THR CA  C    sing N N 321 
THR CA  CB   sing N N 322 
THR CA  HA   sing N N 323 
THR C   O    doub N N 324 
THR C   OXT  sing N N 325 
THR CB  OG1  sing N N 326 
THR CB  CG2  sing N N 327 
THR CB  HB   sing N N 328 
THR OG1 HG1  sing N N 329 
THR CG2 HG21 sing N N 330 
THR CG2 HG22 sing N N 331 
THR CG2 HG23 sing N N 332 
THR OXT HXT  sing N N 333 
TRP N   CA   sing N N 334 
TRP N   H    sing N N 335 
TRP N   H2   sing N N 336 
TRP CA  C    sing N N 337 
TRP CA  CB   sing N N 338 
TRP CA  HA   sing N N 339 
TRP C   O    doub N N 340 
TRP C   OXT  sing N N 341 
TRP CB  CG   sing N N 342 
TRP CB  HB2  sing N N 343 
TRP CB  HB3  sing N N 344 
TRP CG  CD1  doub Y N 345 
TRP CG  CD2  sing Y N 346 
TRP CD1 NE1  sing Y N 347 
TRP CD1 HD1  sing N N 348 
TRP CD2 CE2  doub Y N 349 
TRP CD2 CE3  sing Y N 350 
TRP NE1 CE2  sing Y N 351 
TRP NE1 HE1  sing N N 352 
TRP CE2 CZ2  sing Y N 353 
TRP CE3 CZ3  doub Y N 354 
TRP CE3 HE3  sing N N 355 
TRP CZ2 CH2  doub Y N 356 
TRP CZ2 HZ2  sing N N 357 
TRP CZ3 CH2  sing Y N 358 
TRP CZ3 HZ3  sing N N 359 
TRP CH2 HH2  sing N N 360 
TRP OXT HXT  sing N N 361 
TYR N   CA   sing N N 362 
TYR N   H    sing N N 363 
TYR N   H2   sing N N 364 
TYR CA  C    sing N N 365 
TYR CA  CB   sing N N 366 
TYR CA  HA   sing N N 367 
TYR C   O    doub N N 368 
TYR C   OXT  sing N N 369 
TYR CB  CG   sing N N 370 
TYR CB  HB2  sing N N 371 
TYR CB  HB3  sing N N 372 
TYR CG  CD1  doub Y N 373 
TYR CG  CD2  sing Y N 374 
TYR CD1 CE1  sing Y N 375 
TYR CD1 HD1  sing N N 376 
TYR CD2 CE2  doub Y N 377 
TYR CD2 HD2  sing N N 378 
TYR CE1 CZ   doub Y N 379 
TYR CE1 HE1  sing N N 380 
TYR CE2 CZ   sing Y N 381 
TYR CE2 HE2  sing N N 382 
TYR CZ  OH   sing N N 383 
TYR OH  HH   sing N N 384 
TYR OXT HXT  sing N N 385 
VAL N   CA   sing N N 386 
VAL N   H    sing N N 387 
VAL N   H2   sing N N 388 
VAL CA  C    sing N N 389 
VAL CA  CB   sing N N 390 
VAL CA  HA   sing N N 391 
VAL C   O    doub N N 392 
VAL C   OXT  sing N N 393 
VAL CB  CG1  sing N N 394 
VAL CB  CG2  sing N N 395 
VAL CB  HB   sing N N 396 
VAL CG1 HG11 sing N N 397 
VAL CG1 HG12 sing N N 398 
VAL CG1 HG13 sing N N 399 
VAL CG2 HG21 sing N N 400 
VAL CG2 HG22 sing N N 401 
VAL CG2 HG23 sing N N 402 
VAL OXT HXT  sing N N 403 
# 
_pdbx_audit_support.funding_organization   
'National Institutes of Health/National Institute of General Medical Sciences (NIH/NIGMS)' 
_pdbx_audit_support.country                'United States' 
_pdbx_audit_support.grant_number           ? 
_pdbx_audit_support.ordinal                1 
# 
_atom_sites.entry_id                    5D81 
_atom_sites.fract_transf_matrix[1][1]   -0.00827883 
_atom_sites.fract_transf_matrix[1][2]   0.02636002 
_atom_sites.fract_transf_matrix[1][3]   -0.00483867 
_atom_sites.fract_transf_matrix[2][1]   -0.00096316 
_atom_sites.fract_transf_matrix[2][2]   -0.00218776 
_atom_sites.fract_transf_matrix[2][3]   -0.01027049 
_atom_sites.fract_transf_matrix[3][1]   -0.01303736 
_atom_sites.fract_transf_matrix[3][2]   -0.00372455 
_atom_sites.fract_transf_matrix[3][3]   0.00201602 
_atom_sites.fract_transf_vector[1]      -0.145989 
_atom_sites.fract_transf_vector[2]      -0.123915 
_atom_sites.fract_transf_vector[3]      -0.020161 
# 
loop_
_atom_type.symbol 
C  
CL 
N  
O  
S  
# 
loop_
_atom_site.group_PDB 
_atom_site.id 
_atom_site.type_symbol 
_atom_site.label_atom_id 
_atom_site.label_alt_id 
_atom_site.label_comp_id 
_atom_site.label_asym_id 
_atom_site.label_entity_id 
_atom_site.label_seq_id 
_atom_site.pdbx_PDB_ins_code 
_atom_site.Cartn_x 
_atom_site.Cartn_y 
_atom_site.Cartn_z 
_atom_site.occupancy 
_atom_site.B_iso_or_equiv 
_atom_site.pdbx_formal_charge 
_atom_site.auth_seq_id 
_atom_site.auth_comp_id 
_atom_site.auth_asym_id 
_atom_site.auth_atom_id 
_atom_site.pdbx_PDB_model_num 
ATOM   1    N  N   . MET A 1 1   ? -14.815 -10.112 9.226   0.66 34.74 ? 1   MET A N   1 
ATOM   2    C  CA  . MET A 1 1   ? -15.481 -10.402 7.962   0.66 36.12 ? 1   MET A CA  1 
ATOM   3    C  C   . MET A 1 1   ? -14.914 -11.661 7.304   0.66 30.75 ? 1   MET A C   1 
ATOM   4    O  O   . MET A 1 1   ? -13.968 -12.263 7.809   0.66 34.71 ? 1   MET A O   1 
ATOM   5    C  CB  . MET A 1 1   ? -15.364 -9.205  7.013   0.66 30.60 ? 1   MET A CB  1 
ATOM   6    C  CG  . MET A 1 1   ? -13.940 -8.721  6.768   0.66 34.84 ? 1   MET A CG  1 
ATOM   7    S  SD  . MET A 1 1   ? -13.852 -7.621  5.340   0.66 38.12 ? 1   MET A SD  1 
ATOM   8    C  CE  . MET A 1 1   ? -14.727 -8.630  4.167   0.66 33.97 ? 1   MET A CE  1 
ATOM   9    N  N   . ASN A 1 2   ? -15.507 -12.056 6.183   1.00 35.39 ? 2   ASN A N   1 
ATOM   10   C  CA  . ASN A 1 2   ? -15.048 -13.225 5.435   1.00 33.87 ? 2   ASN A CA  1 
ATOM   11   C  C   . ASN A 1 2   ? -14.184 -12.810 4.249   1.00 27.61 ? 2   ASN A C   1 
ATOM   12   O  O   . ASN A 1 2   ? -13.633 -11.709 4.250   1.00 29.90 ? 2   ASN A O   1 
ATOM   13   C  CB  . ASN A 1 2   ? -16.246 -14.059 4.974   1.00 35.50 ? 2   ASN A CB  1 
ATOM   14   C  CG  . ASN A 1 2   ? -17.118 -14.504 6.136   1.00 41.96 ? 2   ASN A CG  1 
ATOM   15   O  OD1 . ASN A 1 2   ? -16.612 -14.937 7.173   1.00 42.85 ? 2   ASN A OD1 1 
ATOM   16   N  ND2 . ASN A 1 2   ? -18.431 -14.382 5.977   1.00 41.34 ? 2   ASN A ND2 1 
ATOM   17   N  N   . LEU A 1 3   ? -14.040 -13.682 3.255   1.00 28.27 ? 3   LEU A N   1 
ATOM   18   C  CA  . LEU A 1 3   ? -13.319 -13.298 2.039   1.00 23.84 ? 3   LEU A CA  1 
ATOM   19   C  C   . LEU A 1 3   ? -14.064 -12.139 1.405   1.00 25.46 ? 3   LEU A C   1 
ATOM   20   O  O   . LEU A 1 3   ? -15.236 -12.271 1.066   1.00 26.61 ? 3   LEU A O   1 
ATOM   21   C  CB  . LEU A 1 3   ? -13.207 -14.455 1.047   1.00 27.76 ? 3   LEU A CB  1 
ATOM   22   C  CG  . LEU A 1 3   ? -12.327 -14.136 -0.166  1.00 25.02 ? 3   LEU A CG  1 
ATOM   23   C  CD1 . LEU A 1 3   ? -10.861 -14.048 0.222   1.00 27.73 ? 3   LEU A CD1 1 
ATOM   24   C  CD2 . LEU A 1 3   ? -12.536 -15.153 -1.290  1.00 33.71 ? 3   LEU A CD2 1 
ATOM   25   N  N   . PRO A 1 4   ? -13.392 -10.992 1.259   1.00 21.13 ? 4   PRO A N   1 
ATOM   26   C  CA  . PRO A 1 4   ? -14.096 -9.765  0.874   1.00 20.76 ? 4   PRO A CA  1 
ATOM   27   C  C   . PRO A 1 4   ? -14.750 -9.867  -0.499  1.00 17.61 ? 4   PRO A C   1 
ATOM   28   O  O   . PRO A 1 4   ? -14.139 -10.378 -1.440  1.00 20.53 ? 4   PRO A O   1 
ATOM   29   C  CB  . PRO A 1 4   ? -12.982 -8.703  0.864   1.00 20.37 ? 4   PRO A CB  1 
ATOM   30   C  CG  . PRO A 1 4   ? -11.884 -9.289  1.679   1.00 26.39 ? 4   PRO A CG  1 
ATOM   31   C  CD  . PRO A 1 4   ? -11.955 -10.766 1.481   1.00 21.93 ? 4   PRO A CD  1 
ATOM   32   N  N   . THR A 1 5   ? -15.982 -9.385  -0.601  1.00 19.33 ? 5   THR A N   1 
ATOM   33   C  CA  . THR A 1 5   ? -16.650 -9.227  -1.885  1.00 22.20 ? 5   THR A CA  1 
ATOM   34   C  C   . THR A 1 5   ? -15.936 -8.149  -2.683  1.00 20.18 ? 5   THR A C   1 
ATOM   35   O  O   . THR A 1 5   ? -15.092 -7.436  -2.138  1.00 17.71 ? 5   THR A O   1 
ATOM   36   C  CB  . THR A 1 5   ? -18.107 -8.812  -1.714  1.00 21.25 ? 5   THR A CB  1 
ATOM   37   O  OG1 . THR A 1 5   ? -18.148 -7.548  -1.041  1.00 20.58 ? 5   THR A OG1 1 
ATOM   38   C  CG2 . THR A 1 5   ? -18.882 -9.851  -0.885  1.00 23.68 ? 5   THR A CG2 1 
ATOM   39   N  N   . ALA A 1 6   ? -16.283 -8.013  -3.958  1.00 18.98 ? 6   ALA A N   1 
ATOM   40   C  CA  . ALA A 1 6   ? -15.707 -6.955  -4.780  1.00 16.79 ? 6   ALA A CA  1 
ATOM   41   C  C   . ALA A 1 6   ? -15.922 -5.586  -4.141  1.00 19.73 ? 6   ALA A C   1 
ATOM   42   O  O   . ALA A 1 6   ? -15.004 -4.777  -4.077  1.00 18.21 ? 6   ALA A O   1 
ATOM   43   C  CB  . ALA A 1 6   ? -16.291 -6.990  -6.184  1.00 18.70 ? 6   ALA A CB  1 
ATOM   44   N  N   . GLN A 1 7   ? -17.124 -5.330  -3.631  1.00 20.38 ? 7   GLN A N   1 
ATOM   45   C  CA  . GLN A 1 7   ? -17.390 -4.050  -2.981  1.00 20.86 ? 7   GLN A CA  1 
ATOM   46   C  C   . GLN A 1 7   ? -16.551 -3.889  -1.714  1.00 19.52 ? 7   GLN A C   1 
ATOM   47   O  O   . GLN A 1 7   ? -16.040 -2.802  -1.432  1.00 20.37 ? 7   GLN A O   1 
ATOM   48   C  CB  . GLN A 1 7   ? -18.882 -3.898  -2.653  1.00 24.47 ? 7   GLN A CB  1 
ATOM   49   C  CG  . GLN A 1 7   ? -19.752 -3.723  -3.894  1.00 38.50 ? 7   GLN A CG  1 
ATOM   50   C  CD  . GLN A 1 7   ? -21.175 -3.309  -3.564  1.00 44.02 ? 7   GLN A CD  1 
ATOM   51   O  OE1 . GLN A 1 7   ? -21.476 -2.911  -2.437  1.00 45.07 ? 7   GLN A OE1 1 
ATOM   52   N  NE2 . GLN A 1 7   ? -22.060 -3.406  -4.549  1.00 48.47 ? 7   GLN A NE2 1 
ATOM   53   N  N   . GLU A 1 8   ? -16.394 -4.972  -0.963  1.00 18.65 ? 8   GLU A N   1 
ATOM   54   C  CA  . GLU A 1 8   ? -15.601 -4.907  0.263   1.00 20.30 ? 8   GLU A CA  1 
ATOM   55   C  C   . GLU A 1 8   ? -14.118 -4.674  -0.033  1.00 17.13 ? 8   GLU A C   1 
ATOM   56   O  O   . GLU A 1 8   ? -13.466 -3.936  0.697   1.00 17.42 ? 8   GLU A O   1 
ATOM   57   C  CB  . GLU A 1 8   ? -15.800 -6.171  1.101   1.00 21.02 ? 8   GLU A CB  1 
ATOM   58   C  CG  . GLU A 1 8   ? -17.162 -6.179  1.802   1.00 23.08 ? 8   GLU A CG  1 
ATOM   59   C  CD  . GLU A 1 8   ? -17.526 -7.512  2.423   1.00 28.22 ? 8   GLU A CD  1 
ATOM   60   O  OE1 . GLU A 1 8   ? -16.977 -8.559  2.021   1.00 21.86 ? 8   GLU A OE1 1 
ATOM   61   O  OE2 . GLU A 1 8   ? -18.378 -7.509  3.340   1.00 29.24 1 8   GLU A OE2 1 
ATOM   62   N  N   . VAL A 1 9   ? -13.613 -5.267  -1.119  1.00 16.33 ? 9   VAL A N   1 
ATOM   63   C  CA  . VAL A 1 9   ? -12.244 -5.024  -1.565  1.00 16.44 ? 9   VAL A CA  1 
ATOM   64   C  C   . VAL A 1 9   ? -12.044 -3.549  -1.881  1.00 15.16 ? 9   VAL A C   1 
ATOM   65   O  O   . VAL A 1 9   ? -11.047 -2.950  -1.498  1.00 15.15 ? 9   VAL A O   1 
ATOM   66   C  CB  . VAL A 1 9   ? -11.911 -5.869  -2.803  1.00 14.63 ? 9   VAL A CB  1 
ATOM   67   C  CG1 . VAL A 1 9   ? -10.597 -5.410  -3.437  1.00 14.16 ? 9   VAL A CG1 1 
ATOM   68   C  CG2 . VAL A 1 9   ? -11.848 -7.340  -2.432  1.00 17.37 ? 9   VAL A CG2 1 
ATOM   69   N  N   . GLN A 1 10  ? -12.990 -2.951  -2.595  1.00 15.74 ? 10  GLN A N   1 
ATOM   70   C  CA  . GLN A 1 10  ? -12.879 -1.526  -2.895  1.00 15.76 ? 10  GLN A CA  1 
ATOM   71   C  C   . GLN A 1 10  ? -12.779 -0.716  -1.618  1.00 17.04 ? 10  GLN A C   1 
ATOM   72   O  O   . GLN A 1 10  ? -11.966 0.208   -1.517  1.00 16.77 ? 10  GLN A O   1 
ATOM   73   C  CB  . GLN A 1 10  ? -14.066 -1.035  -3.731  1.00 17.98 ? 10  GLN A CB  1 
ATOM   74   C  CG  . GLN A 1 10  ? -14.097 -1.566  -5.170  1.00 19.17 ? 10  GLN A CG  1 
ATOM   75   C  CD  . GLN A 1 10  ? -15.117 -0.840  -6.018  1.00 26.89 ? 10  GLN A CD  1 
ATOM   76   O  OE1 . GLN A 1 10  ? -16.303 -0.818  -5.685  1.00 21.35 ? 10  GLN A OE1 1 
ATOM   77   N  NE2 . GLN A 1 10  ? -14.662 -0.221  -7.107  1.00 22.91 ? 10  GLN A NE2 1 
ATOM   78   N  N   . GLY A 1 11  ? -13.607 -1.072  -0.638  1.00 15.51 ? 11  GLY A N   1 
ATOM   79   C  CA  . GLY A 1 11  ? -13.576 -0.382  0.638   1.00 17.01 ? 11  GLY A CA  1 
ATOM   80   C  C   . GLY A 1 11  ? -12.253 -0.548  1.367   1.00 15.11 ? 11  GLY A C   1 
ATOM   81   O  O   . GLY A 1 11  ? -11.686 0.419   1.874   1.00 17.67 ? 11  GLY A O   1 
ATOM   82   N  N   . LEU A 1 12  ? -11.773 -1.786  1.427   1.00 13.94 ? 12  LEU A N   1 
ATOM   83   C  CA  . LEU A 1 12  ? -10.533 -2.074  2.156   1.00 12.80 ? 12  LEU A CA  1 
ATOM   84   C  C   . LEU A 1 12  ? -9.325  -1.389  1.522   1.00 12.97 ? 12  LEU A C   1 
ATOM   85   O  O   . LEU A 1 12  ? -8.479  -0.820  2.206   1.00 14.36 ? 12  LEU A O   1 
ATOM   86   C  CB  . LEU A 1 12  ? -10.295 -3.578  2.224   1.00 14.16 ? 12  LEU A CB  1 
ATOM   87   C  CG  . LEU A 1 12  ? -11.198 -4.330  3.206   1.00 14.58 ? 12  LEU A CG  1 
ATOM   88   C  CD1 . LEU A 1 12  ? -11.265 -5.800  2.874   1.00 18.46 ? 12  LEU A CD1 1 
ATOM   89   C  CD2 . LEU A 1 12  ? -10.733 -4.137  4.643   1.00 16.23 ? 12  LEU A CD2 1 
ATOM   90   N  N   . MET A 1 13  ? -9.256  -1.433  0.197   1.00 12.84 ? 13  MET A N   1 
ATOM   91   C  CA  . MET A 1 13  ? -8.081  -0.890  -0.472  1.00 11.88 ? 13  MET A CA  1 
ATOM   92   C  C   . MET A 1 13  ? -8.068  0.634   -0.391  1.00 13.20 ? 13  MET A C   1 
ATOM   93   O  O   . MET A 1 13  ? -7.012  1.253   -0.221  1.00 13.53 ? 13  MET A O   1 
ATOM   94   C  CB  . MET A 1 13  ? -8.018  -1.403  -1.914  1.00 14.98 ? 13  MET A CB  1 
ATOM   95   C  CG  . MET A 1 13  ? -7.742  -2.902  -1.951  1.00 11.94 ? 13  MET A CG  1 
ATOM   96   S  SD  . MET A 1 13  ? -7.480  -3.593  -3.579  1.00 13.24 ? 13  MET A SD  1 
ATOM   97   C  CE  . MET A 1 13  ? -5.915  -2.860  -4.078  1.00 13.77 ? 13  MET A CE  1 
ATOM   98   N  N   . ALA A 1 14  ? -9.257  1.234   -0.447  1.00 13.75 ? 14  ALA A N   1 
ATOM   99   C  CA  . ALA A 1 14  ? -9.365  2.674   -0.255  1.00 14.76 ? 14  ALA A CA  1 
ATOM   100  C  C   . ALA A 1 14  ? -8.985  3.075   1.183   1.00 14.37 ? 14  ALA A C   1 
ATOM   101  O  O   . ALA A 1 14  ? -8.316  4.088   1.389   1.00 15.30 ? 14  ALA A O   1 
ATOM   102  C  CB  . ALA A 1 14  ? -10.780 3.156   -0.593  1.00 17.06 ? 14  ALA A CB  1 
ATOM   103  N  N   . ARG A 1 15  ? -9.411  2.266   2.157   1.00 14.21 ? 15  ARG A N   1 
ATOM   104  C  CA  . ARG A 1 15  ? -9.041  2.487   3.563   1.00 15.86 ? 15  ARG A CA  1 
ATOM   105  C  C   . ARG A 1 15  ? -7.524  2.435   3.751   1.00 15.55 ? 15  ARG A C   1 
ATOM   106  O  O   . ARG A 1 15  ? -6.938  3.284   4.443   1.00 15.50 ? 15  ARG A O   1 
ATOM   107  C  CB  . ARG A 1 15  ? -9.722  1.456   4.460   1.00 19.84 ? 15  ARG A CB  1 
ATOM   108  C  CG  . ARG A 1 15  ? -9.172  1.415   5.860   1.00 22.20 ? 15  ARG A CG  1 
ATOM   109  C  CD  . ARG A 1 15  ? -9.906  0.380   6.702   1.00 28.67 ? 15  ARG A CD  1 
ATOM   110  N  NE  . ARG A 1 15  ? -9.215  0.167   7.966   1.00 35.35 ? 15  ARG A NE  1 
ATOM   111  C  CZ  . ARG A 1 15  ? -9.238  1.043   8.960   1.00 22.45 ? 15  ARG A CZ  1 
ATOM   112  N  NH1 . ARG A 1 15  ? -8.577  0.802   10.093  1.00 25.03 1 15  ARG A NH1 1 
ATOM   113  N  NH2 . ARG A 1 15  ? -9.923  2.169   8.816   1.00 29.34 ? 15  ARG A NH2 1 
ATOM   114  N  N   . TYR A 1 16  ? -6.888  1.444   3.119   1.00 13.86 ? 16  TYR A N   1 
ATOM   115  C  CA  . TYR A 1 16  ? -5.431  1.332   3.166   1.00 13.21 ? 16  TYR A CA  1 
ATOM   116  C  C   . TYR A 1 16  ? -4.754  2.642   2.733   1.00 12.31 ? 16  TYR A C   1 
ATOM   117  O  O   . TYR A 1 16  ? -3.849  3.147   3.405   1.00 13.57 ? 16  TYR A O   1 
ATOM   118  C  CB  . TYR A 1 16  ? -4.960  0.153   2.301   1.00 13.36 ? 16  TYR A CB  1 
ATOM   119  C  CG  . TYR A 1 16  ? -3.467  0.132   2.081   1.00 12.43 ? 16  TYR A CG  1 
ATOM   120  C  CD1 . TYR A 1 16  ? -2.606  -0.534  2.957   1.00 14.94 ? 16  TYR A CD1 1 
ATOM   121  C  CD2 . TYR A 1 16  ? -2.905  0.766   0.974   1.00 13.32 ? 16  TYR A CD2 1 
ATOM   122  C  CE1 . TYR A 1 16  ? -1.235  -0.542  2.744   1.00 14.59 ? 16  TYR A CE1 1 
ATOM   123  C  CE2 . TYR A 1 16  ? -1.543  0.762   0.757   1.00 14.05 ? 16  TYR A CE2 1 
ATOM   124  C  CZ  . TYR A 1 16  ? -0.715  0.108   1.640   1.00 14.47 ? 16  TYR A CZ  1 
ATOM   125  O  OH  . TYR A 1 16  ? 0.645   0.121   1.401   1.00 15.07 ? 16  TYR A OH  1 
ATOM   126  N  N   . ILE A 1 17  ? -5.199  3.208   1.610   1.00 13.21 ? 17  ILE A N   1 
ATOM   127  C  CA  . ILE A 1 17  ? -4.640  4.465   1.130   1.00 13.80 ? 17  ILE A CA  1 
ATOM   128  C  C   . ILE A 1 17  ? -4.878  5.613   2.129   1.00 14.11 ? 17  ILE A C   1 
ATOM   129  O  O   . ILE A 1 17  ? -3.986  6.427   2.369   1.00 13.80 ? 17  ILE A O   1 
ATOM   130  C  CB  . ILE A 1 17  ? -5.235  4.825   -0.258  1.00 13.64 ? 17  ILE A CB  1 
ATOM   131  C  CG1 . ILE A 1 17  ? -4.802  3.799   -1.318  1.00 14.87 ? 17  ILE A CG1 1 
ATOM   132  C  CG2 . ILE A 1 17  ? -4.832  6.231   -0.672  1.00 14.84 ? 17  ILE A CG2 1 
ATOM   133  C  CD1 . ILE A 1 17  ? -3.310  3.764   -1.558  1.00 15.17 ? 17  ILE A CD1 1 
ATOM   134  N  N   . GLU A 1 18  ? -6.080  5.662   2.699   1.00 15.22 ? 18  GLU A N   1 
ATOM   135  C  CA  . GLU A 1 18  ? -6.354  6.636   3.767   1.00 16.23 ? 18  GLU A CA  1 
ATOM   136  C  C   . GLU A 1 18  ? -5.372  6.520   4.937   1.00 17.81 ? 18  GLU A C   1 
ATOM   137  O  O   . GLU A 1 18  ? -4.897  7.533   5.444   1.00 18.01 ? 18  GLU A O   1 
ATOM   138  C  CB  . GLU A 1 18  ? -7.793  6.490   4.269   1.00 20.19 ? 18  GLU A CB  1 
ATOM   139  C  CG  . GLU A 1 18  ? -8.823  7.039   3.297   1.00 26.04 ? 18  GLU A CG  1 
ATOM   140  C  CD  . GLU A 1 18  ? -8.406  8.377   2.702   1.00 37.17 ? 18  GLU A CD  1 
ATOM   141  O  OE1 . GLU A 1 18  ? -8.117  9.316   3.477   1.00 44.90 ? 18  GLU A OE1 1 
ATOM   142  O  OE2 . GLU A 1 18  ? -8.362  8.488   1.458   1.00 37.22 1 18  GLU A OE2 1 
ATOM   143  N  N   . LEU A 1 19  ? -5.052  5.290   5.336   1.00 14.99 ? 19  LEU A N   1 
ATOM   144  C  CA  . LEU A 1 19  ? -4.115  5.068   6.433   1.00 15.19 ? 19  LEU A CA  1 
ATOM   145  C  C   . LEU A 1 19  ? -2.688  5.425   6.073   1.00 16.05 ? 19  LEU A C   1 
ATOM   146  O  O   . LEU A 1 19  ? -1.937  5.932   6.904   1.00 17.06 ? 19  LEU A O   1 
ATOM   147  C  CB  . LEU A 1 19  ? -4.176  3.623   6.904   1.00 16.46 ? 19  LEU A CB  1 
ATOM   148  C  CG  . LEU A 1 19  ? -5.511  3.191   7.483   1.00 15.78 ? 19  LEU A CG  1 
ATOM   149  C  CD1 . LEU A 1 19  ? -5.418  1.743   7.918   1.00 20.45 ? 19  LEU A CD1 1 
ATOM   150  C  CD2 . LEU A 1 19  ? -5.849  4.096   8.682   1.00 16.79 ? 19  LEU A CD2 1 
ATOM   151  N  N   . VAL A 1 20  ? -2.290  5.158   4.839   1.00 16.04 ? 20  VAL A N   1 
ATOM   152  C  CA  . VAL A 1 20  ? -0.976  5.571   4.376   1.00 15.94 ? 20  VAL A CA  1 
ATOM   153  C  C   . VAL A 1 20  ? -0.899  7.093   4.371   1.00 18.00 ? 20  VAL A C   1 
ATOM   154  O  O   . VAL A 1 20  ? 0.095   7.677   4.811   1.00 19.89 ? 20  VAL A O   1 
ATOM   155  C  CB  . VAL A 1 20  ? -0.674  5.012   2.971   1.00 15.75 ? 20  VAL A CB  1 
ATOM   156  C  CG1 . VAL A 1 20  ? 0.611   5.616   2.406   1.00 15.69 ? 20  VAL A CG1 1 
ATOM   157  C  CG2 . VAL A 1 20  ? -0.593  3.502   3.054   1.00 17.72 ? 20  VAL A CG2 1 
ATOM   158  N  N   . ASP A 1 21  ? -1.977  7.723   3.914   1.00 16.10 ? 21  ASP A N   1 
ATOM   159  C  CA  . ASP A 1 21  ? -2.051  9.175   3.850   1.00 17.45 ? 21  ASP A CA  1 
ATOM   160  C  C   . ASP A 1 21  ? -1.878  9.845   5.215   1.00 18.83 ? 21  ASP A C   1 
ATOM   161  O  O   . ASP A 1 21  ? -1.190  10.858  5.316   1.00 24.07 ? 21  ASP A O   1 
ATOM   162  C  CB  . ASP A 1 21  ? -3.379  9.602   3.237   1.00 15.50 ? 21  ASP A CB  1 
ATOM   163  C  CG  . ASP A 1 21  ? -3.466  11.102  3.043   1.00 21.50 ? 21  ASP A CG  1 
ATOM   164  O  OD1 . ASP A 1 21  ? -2.599  11.663  2.344   1.00 21.37 ? 21  ASP A OD1 1 
ATOM   165  O  OD2 . ASP A 1 21  ? -4.394  11.721  3.607   1.00 28.13 1 21  ASP A OD2 1 
ATOM   166  N  N   . VAL A 1 22  ? -2.489  9.289   6.254   1.00 18.91 ? 22  VAL A N   1 
ATOM   167  C  CA  . VAL A 1 22  ? -2.316  9.906   7.572   1.00 18.39 ? 22  VAL A CA  1 
ATOM   168  C  C   . VAL A 1 22  ? -1.037  9.412   8.241   1.00 24.26 ? 22  VAL A C   1 
ATOM   169  O  O   . VAL A 1 22  ? -0.468  10.093  9.095   1.00 23.14 ? 22  VAL A O   1 
ATOM   170  C  CB  . VAL A 1 22  ? -3.544  9.664   8.488   1.00 26.74 ? 22  VAL A CB  1 
ATOM   171  C  CG1 . VAL A 1 22  ? -4.813  10.126  7.801   1.00 31.50 ? 22  VAL A CG1 1 
ATOM   172  C  CG2 . VAL A 1 22  ? -3.663  8.207   8.884   1.00 20.15 ? 22  VAL A CG2 1 
ATOM   173  N  N   . GLY A 1 23  ? -0.561  8.244   7.844   1.00 19.64 ? 23  GLY A N   1 
ATOM   174  C  CA  . GLY A 1 23  ? 0.683   7.721   8.367   1.00 19.69 ? 23  GLY A CA  1 
ATOM   175  C  C   . GLY A 1 23  ? 0.498   6.937   9.647   1.00 18.24 ? 23  GLY A C   1 
ATOM   176  O  O   . GLY A 1 23  ? 1.411   6.901   10.494  1.00 19.66 ? 23  GLY A O   1 
ATOM   177  N  N   . ASP A 1 24  ? -0.667  6.312   9.804   1.00 15.64 ? 24  ASP A N   1 
ATOM   178  C  CA  . ASP A 1 24  ? -0.922  5.486   10.976  1.00 17.66 ? 24  ASP A CA  1 
ATOM   179  C  C   . ASP A 1 24  ? -0.335  4.089   10.785  1.00 18.60 ? 24  ASP A C   1 
ATOM   180  O  O   . ASP A 1 24  ? -1.012  3.147   10.323  1.00 16.41 ? 24  ASP A O   1 
ATOM   181  C  CB  . ASP A 1 24  ? -2.418  5.422   11.260  1.00 16.73 ? 24  ASP A CB  1 
ATOM   182  C  CG  . ASP A 1 24  ? -2.732  4.882   12.643  1.00 16.15 ? 24  ASP A CG  1 
ATOM   183  O  OD1 . ASP A 1 24  ? -1.930  4.089   13.180  1.00 18.68 ? 24  ASP A OD1 1 
ATOM   184  O  OD2 . ASP A 1 24  ? -3.802  5.246   13.176  1.00 17.56 1 24  ASP A OD2 1 
ATOM   185  N  N   . ILE A 1 25  ? 0.939   3.971   11.144  1.00 18.12 ? 25  ILE A N   1 
ATOM   186  C  CA  . ILE A 1 25  ? 1.687   2.732   10.958  1.00 16.82 ? 25  ILE A CA  1 
ATOM   187  C  C   . ILE A 1 25  ? 1.008   1.550   11.630  1.00 18.02 ? 25  ILE A C   1 
ATOM   188  O  O   . ILE A 1 25  ? 0.834   0.488   11.028  1.00 18.45 ? 25  ILE A O   1 
ATOM   189  C  CB  . ILE A 1 25  ? 3.121   2.862   11.501  1.00 21.04 ? 25  ILE A CB  1 
ATOM   190  C  CG1 . ILE A 1 25  ? 3.914   3.868   10.672  1.00 26.69 ? 25  ILE A CG1 1 
ATOM   191  C  CG2 . ILE A 1 25  ? 3.825   1.517   11.494  1.00 24.00 ? 25  ILE A CG2 1 
ATOM   192  C  CD1 . ILE A 1 25  ? 4.018   5.228   11.292  1.00 36.85 ? 25  ILE A CD1 1 
ATOM   193  N  N   . GLU A 1 26  ? 0.599   1.730   12.875  1.00 18.62 ? 26  GLU A N   1 
ATOM   194  C  CA  . GLU A 1 26  ? -0.029  0.651   13.613  1.00 19.30 ? 26  GLU A CA  1 
ATOM   195  C  C   . GLU A 1 26  ? -1.326  0.201   12.938  1.00 18.01 ? 26  GLU A C   1 
ATOM   196  O  O   . GLU A 1 26  ? -1.596  -0.996  12.839  1.00 18.79 ? 26  GLU A O   1 
ATOM   197  C  CB  . GLU A 1 26  ? -0.269  1.086   15.067  1.00 21.28 ? 26  GLU A CB  1 
ATOM   198  C  CG  . GLU A 1 26  ? 1.037   1.447   15.791  1.00 25.51 ? 26  GLU A CG  1 
ATOM   199  C  CD  . GLU A 1 26  ? 0.828   2.056   17.172  1.00 36.24 ? 26  GLU A CD  1 
ATOM   200  O  OE1 . GLU A 1 26  ? -0.297  2.514   17.470  1.00 34.65 ? 26  GLU A OE1 1 
ATOM   201  O  OE2 . GLU A 1 26  ? 1.801   2.079   17.957  1.00 39.93 1 26  GLU A OE2 1 
ATOM   202  N  N   . ALA A 1 27  ? -2.106  1.149   12.426  1.00 16.91 ? 27  ALA A N   1 
ATOM   203  C  CA  . ALA A 1 27  ? -3.353  0.800   11.749  1.00 17.22 ? 27  ALA A CA  1 
ATOM   204  C  C   . ALA A 1 27  ? -3.096  0.089   10.408  1.00 14.91 ? 27  ALA A C   1 
ATOM   205  O  O   . ALA A 1 27  ? -3.824  -0.831  10.045  1.00 15.11 ? 27  ALA A O   1 
ATOM   206  C  CB  . ALA A 1 27  ? -4.207  2.041   11.535  1.00 17.22 ? 27  ALA A CB  1 
ATOM   207  N  N   . ILE A 1 28  ? -2.055  0.507   9.698   1.00 15.29 ? 28  ILE A N   1 
ATOM   208  C  CA  . ILE A 1 28  ? -1.685  -0.160  8.454   1.00 16.07 ? 28  ILE A CA  1 
ATOM   209  C  C   . ILE A 1 28  ? -1.278  -1.608  8.714   1.00 15.58 ? 28  ILE A C   1 
ATOM   210  O  O   . ILE A 1 28  ? -1.761  -2.530  8.051   1.00 16.06 ? 28  ILE A O   1 
ATOM   211  C  CB  . ILE A 1 28  ? -0.548  0.567   7.758   1.00 16.12 ? 28  ILE A CB  1 
ATOM   212  C  CG1 . ILE A 1 28  ? -0.997  1.953   7.286   1.00 15.80 ? 28  ILE A CG1 1 
ATOM   213  C  CG2 . ILE A 1 28  ? -0.057  -0.245  6.560   1.00 16.25 ? 28  ILE A CG2 1 
ATOM   214  C  CD1 . ILE A 1 28  ? 0.114   2.851   6.875   1.00 18.56 ? 28  ILE A CD1 1 
ATOM   215  N  N   . VAL A 1 29  ? -0.401  -1.807  9.695   1.00 17.60 ? 29  VAL A N   1 
ATOM   216  C  CA  . VAL A 1 29  ? 0.070   -3.142  10.043  1.00 17.20 ? 29  VAL A CA  1 
ATOM   217  C  C   . VAL A 1 29  ? -1.078  -4.083  10.388  1.00 17.20 ? 29  VAL A C   1 
ATOM   218  O  O   . VAL A 1 29  ? -1.057  -5.251  10.016  1.00 17.85 ? 29  VAL A O   1 
ATOM   219  C  CB  . VAL A 1 29  ? 1.069   -3.081  11.222  1.00 18.80 ? 29  VAL A CB  1 
ATOM   220  C  CG1 . VAL A 1 29  ? 1.424   -4.487  11.708  1.00 27.30 ? 29  VAL A CG1 1 
ATOM   221  C  CG2 . VAL A 1 29  ? 2.324   -2.352  10.798  1.00 21.84 ? 29  VAL A CG2 1 
ATOM   222  N  N   . GLN A 1 30  ? -2.103  -3.572  11.069  1.00 18.42 ? 30  GLN A N   1 
ATOM   223  C  CA  . GLN A 1 30  ? -3.249  -4.402  11.428  1.00 19.73 ? 30  GLN A CA  1 
ATOM   224  C  C   . GLN A 1 30  ? -4.128  -4.786  10.240  1.00 16.72 ? 30  GLN A C   1 
ATOM   225  O  O   . GLN A 1 30  ? -4.916  -5.721  10.338  1.00 17.60 ? 30  GLN A O   1 
ATOM   226  C  CB  . GLN A 1 30  ? -4.092  -3.706  12.498  1.00 21.95 ? 30  GLN A CB  1 
ATOM   227  C  CG  . GLN A 1 30  ? -3.354  -3.601  13.814  1.00 31.15 ? 30  GLN A CG  1 
ATOM   228  C  CD  . GLN A 1 30  ? -2.844  -4.955  14.292  1.00 45.95 ? 30  GLN A CD  1 
ATOM   229  O  OE1 . GLN A 1 30  ? -3.616  -5.906  14.435  1.00 49.80 ? 30  GLN A OE1 1 
ATOM   230  N  NE2 . GLN A 1 30  ? -1.533  -5.056  14.508  1.00 38.29 ? 30  GLN A NE2 1 
ATOM   231  N  N   . MET A 1 31  ? -4.007  -4.072  9.119   1.00 16.90 ? 31  MET A N   1 
ATOM   232  C  CA  . MET A 1 31  ? -4.733  -4.467  7.908   1.00 17.58 ? 31  MET A CA  1 
ATOM   233  C  C   . MET A 1 31  ? -4.126  -5.705  7.253   1.00 15.18 ? 31  MET A C   1 
ATOM   234  O  O   . MET A 1 31  ? -4.800  -6.419  6.514   1.00 16.19 ? 31  MET A O   1 
ATOM   235  C  CB  . MET A 1 31  ? -4.769  -3.329  6.882   1.00 15.38 ? 31  MET A CB  1 
ATOM   236  C  CG  . MET A 1 31  ? -5.620  -2.144  7.313   1.00 16.21 ? 31  MET A CG  1 
ATOM   237  S  SD  . MET A 1 31  ? -6.129  -1.147  5.902   1.00 16.71 ? 31  MET A SD  1 
ATOM   238  C  CE  . MET A 1 31  ? -7.326  -2.234  5.114   1.00 17.98 ? 31  MET A CE  1 
ATOM   239  N  N   . TYR A 1 32  ? -2.847  -5.941  7.523   1.00 16.35 ? 32  TYR A N   1 
ATOM   240  C  CA  . TYR A 1 32  ? -2.137  -7.072  6.956   1.00 16.01 ? 32  TYR A CA  1 
ATOM   241  C  C   . TYR A 1 32  ? -2.374  -8.322  7.773   1.00 16.21 ? 32  TYR A C   1 
ATOM   242  O  O   . TYR A 1 32  ? -2.525  -8.241  8.995   1.00 17.42 ? 32  TYR A O   1 
ATOM   243  C  CB  . TYR A 1 32  ? -0.638  -6.782  6.887   1.00 14.45 ? 32  TYR A CB  1 
ATOM   244  C  CG  . TYR A 1 32  ? -0.215  -5.941  5.709   1.00 12.21 ? 32  TYR A CG  1 
ATOM   245  C  CD1 . TYR A 1 32  ? -0.003  -6.527  4.461   1.00 13.93 ? 32  TYR A CD1 1 
ATOM   246  C  CD2 . TYR A 1 32  ? -0.017  -4.576  5.837   1.00 14.01 ? 32  TYR A CD2 1 
ATOM   247  C  CE1 . TYR A 1 32  ? 0.390   -5.768  3.391   1.00 14.29 ? 32  TYR A CE1 1 
ATOM   248  C  CE2 . TYR A 1 32  ? 0.372   -3.802  4.765   1.00 14.21 ? 32  TYR A CE2 1 
ATOM   249  C  CZ  . TYR A 1 32  ? 0.570   -4.414  3.533   1.00 13.78 ? 32  TYR A CZ  1 
ATOM   250  O  OH  . TYR A 1 32  ? 0.983   -3.683  2.448   1.00 13.62 ? 32  TYR A OH  1 
ATOM   251  N  N   . ALA A 1 33  ? -2.383  -9.475  7.121   1.00 16.63 ? 33  ALA A N   1 
ATOM   252  C  CA  . ALA A 1 33  ? -2.391  -10.745 7.835   1.00 17.18 ? 33  ALA A CA  1 
ATOM   253  C  C   . ALA A 1 33  ? -1.095  -10.822 8.637   1.00 18.36 ? 33  ALA A C   1 
ATOM   254  O  O   . ALA A 1 33  ? -0.094  -10.201 8.276   1.00 17.46 ? 33  ALA A O   1 
ATOM   255  C  CB  . ALA A 1 33  ? -2.512  -11.898 6.881   1.00 19.53 ? 33  ALA A CB  1 
ATOM   256  N  N   . ASP A 1 34  ? -1.114  -11.558 9.745   1.00 19.21 ? 34  ASP A N   1 
ATOM   257  C  CA  . ASP A 1 34  ? 0.048   -11.611 10.635  1.00 21.52 ? 34  ASP A CA  1 
ATOM   258  C  C   . ASP A 1 34  ? 1.301   -12.137 9.928   1.00 19.66 ? 34  ASP A C   1 
ATOM   259  O  O   . ASP A 1 34  ? 2.429   -11.804 10.309  1.00 20.71 ? 34  ASP A O   1 
ATOM   260  C  CB  . ASP A 1 34  ? -0.272  -12.474 11.852  1.00 20.29 ? 34  ASP A CB  1 
ATOM   261  C  CG  . ASP A 1 34  ? -0.565  -13.908 11.481  1.00 18.16 ? 34  ASP A CG  1 
ATOM   262  O  OD1 . ASP A 1 34  ? -1.748  -14.221 11.222  1.00 24.68 ? 34  ASP A OD1 1 
ATOM   263  O  OD2 . ASP A 1 34  ? 0.388   -14.719 11.449  1.00 22.05 1 34  ASP A OD2 1 
ATOM   264  N  N   . ASP A 1 35  ? 1.090   -12.943 8.888   1.00 17.84 ? 35  ASP A N   1 
ATOM   265  C  CA  . ASP A 1 35  ? 2.161   -13.536 8.095   1.00 21.92 ? 35  ASP A CA  1 
ATOM   266  C  C   . ASP A 1 35  ? 2.147   -13.059 6.637   1.00 23.14 ? 35  ASP A C   1 
ATOM   267  O  O   . ASP A 1 35  ? 2.542   -13.795 5.744   1.00 21.86 ? 35  ASP A O   1 
ATOM   268  C  CB  . ASP A 1 35  ? 2.055   -15.066 8.123   1.00 23.51 ? 35  ASP A CB  1 
ATOM   269  C  CG  . ASP A 1 35  ? 0.805   -15.580 7.420   1.00 26.49 ? 35  ASP A CG  1 
ATOM   270  O  OD1 . ASP A 1 35  ? -0.154  -14.799 7.246   1.00 24.04 ? 35  ASP A OD1 1 
ATOM   271  O  OD2 . ASP A 1 35  ? 0.779   -16.765 7.034   1.00 32.41 1 35  ASP A OD2 1 
ATOM   272  N  N   . ALA A 1 36  ? 1.700   -11.832 6.395   1.00 17.95 ? 36  ALA A N   1 
ATOM   273  C  CA  . ALA A 1 36  ? 1.541   -11.337 5.023   1.00 16.15 ? 36  ALA A CA  1 
ATOM   274  C  C   . ALA A 1 36  ? 2.870   -11.190 4.286   1.00 17.46 ? 36  ALA A C   1 
ATOM   275  O  O   . ALA A 1 36  ? 3.922   -11.037 4.901   1.00 18.35 ? 36  ALA A O   1 
ATOM   276  C  CB  . ALA A 1 36  ? 0.811   -10.019 5.048   1.00 14.83 ? 36  ALA A CB  1 
ATOM   277  N  N   . THR A 1 37  ? 2.817   -11.246 2.961   1.00 17.19 ? 37  THR A N   1 
ATOM   278  C  CA  . THR A 1 37  ? 3.997   -10.992 2.146   1.00 19.50 ? 37  THR A CA  1 
ATOM   279  C  C   . THR A 1 37  ? 3.807   -9.701  1.364   1.00 16.61 ? 37  THR A C   1 
ATOM   280  O  O   . THR A 1 37  ? 2.726   -9.434  0.807   1.00 18.34 ? 37  THR A O   1 
ATOM   281  C  CB  . THR A 1 37  ? 4.295   -12.140 1.157   1.00 25.94 ? 37  THR A CB  1 
ATOM   282  O  OG1 . THR A 1 37  ? 3.244   -12.225 0.192   1.00 30.23 ? 37  THR A OG1 1 
ATOM   283  C  CG2 . THR A 1 37  ? 4.408   -13.461 1.889   1.00 26.84 ? 37  THR A CG2 1 
ATOM   284  N  N   . VAL A 1 38  ? 4.863   -8.903  1.330   1.00 15.93 ? 38  VAL A N   1 
ATOM   285  C  CA  . VAL A 1 38  ? 4.864   -7.624  0.637   1.00 15.66 ? 38  VAL A CA  1 
ATOM   286  C  C   . VAL A 1 38  ? 6.032   -7.560  -0.324  1.00 15.20 ? 38  VAL A C   1 
ATOM   287  O  O   . VAL A 1 38  ? 7.164   -7.835  0.055   1.00 16.06 ? 38  VAL A O   1 
ATOM   288  C  CB  . VAL A 1 38  ? 4.963   -6.471  1.644   1.00 13.99 ? 38  VAL A CB  1 
ATOM   289  C  CG1 . VAL A 1 38  ? 5.340   -5.168  0.978   1.00 17.41 ? 38  VAL A CG1 1 
ATOM   290  C  CG2 . VAL A 1 38  ? 3.676   -6.358  2.471   1.00 18.04 ? 38  VAL A CG2 1 
ATOM   291  N  N   . GLU A 1 39  ? 5.759   -7.242  -1.585  1.00 14.29 ? 39  GLU A N   1 
ATOM   292  C  CA  . GLU A 1 39  ? 6.803   -6.994  -2.571  1.00 12.85 ? 39  GLU A CA  1 
ATOM   293  C  C   . GLU A 1 39  ? 6.689   -5.558  -3.029  1.00 14.38 ? 39  GLU A C   1 
ATOM   294  O  O   . GLU A 1 39  ? 5.765   -5.200  -3.747  1.00 13.87 ? 39  GLU A O   1 
ATOM   295  C  CB  . GLU A 1 39  ? 6.669   -7.949  -3.747  1.00 15.11 ? 39  GLU A CB  1 
ATOM   296  C  CG  . GLU A 1 39  ? 6.914   -9.402  -3.385  1.00 18.02 ? 39  GLU A CG  1 
ATOM   297  C  CD  . GLU A 1 39  ? 6.383   -10.335 -4.434  1.00 22.57 ? 39  GLU A CD  1 
ATOM   298  O  OE1 . GLU A 1 39  ? 5.205   -10.719 -4.345  1.00 22.32 ? 39  GLU A OE1 1 
ATOM   299  O  OE2 . GLU A 1 39  ? 7.150   -10.681 -5.352  1.00 22.72 1 39  GLU A OE2 1 
ATOM   300  N  N   . ASN A 1 40  ? 7.601   -4.720  -2.577  1.00 15.11 ? 40  ASN A N   1 
ATOM   301  C  CA  . ASN A 1 40  ? 7.517   -3.293  -2.818  1.00 14.15 ? 40  ASN A CA  1 
ATOM   302  C  C   . ASN A 1 40  ? 8.916   -2.709  -2.921  1.00 16.06 ? 40  ASN A C   1 
ATOM   303  O  O   . ASN A 1 40  ? 9.571   -2.512  -1.889  1.00 17.16 ? 40  ASN A O   1 
ATOM   304  C  CB  . ASN A 1 40  ? 6.726   -2.615  -1.689  1.00 16.37 ? 40  ASN A CB  1 
ATOM   305  C  CG  . ASN A 1 40  ? 6.503   -1.138  -1.920  1.00 17.06 ? 40  ASN A CG  1 
ATOM   306  O  OD1 . ASN A 1 40  ? 7.151   -0.515  -2.760  1.00 17.31 ? 40  ASN A OD1 1 
ATOM   307  N  ND2 . ASN A 1 40  ? 5.586   -0.560  -1.150  1.00 18.05 ? 40  ASN A ND2 1 
ATOM   308  N  N   . PRO A 1 41  ? 9.383   -2.408  -4.144  1.00 16.26 ? 41  PRO A N   1 
ATOM   309  C  CA  . PRO A 1 41  ? 8.681   -2.561  -5.429  1.00 15.11 ? 41  PRO A CA  1 
ATOM   310  C  C   . PRO A 1 41  ? 8.656   -4.003  -5.893  1.00 15.51 ? 41  PRO A C   1 
ATOM   311  O  O   . PRO A 1 41  ? 9.549   -4.786  -5.535  1.00 16.39 ? 41  PRO A O   1 
ATOM   312  C  CB  . PRO A 1 41  ? 9.518   -1.720  -6.392  1.00 16.48 ? 41  PRO A CB  1 
ATOM   313  C  CG  . PRO A 1 41  ? 10.929  -1.805  -5.808  1.00 17.94 ? 41  PRO A CG  1 
ATOM   314  C  CD  . PRO A 1 41  ? 10.748  -1.861  -4.314  1.00 19.11 ? 41  PRO A CD  1 
ATOM   315  N  N   . PHE A 1 42  ? 7.649   -4.345  -6.693  1.00 15.36 ? 42  PHE A N   1 
ATOM   316  C  CA  . PHE A 1 42  ? 7.623   -5.643  -7.335  1.00 14.87 ? 42  PHE A CA  1 
ATOM   317  C  C   . PHE A 1 42  ? 8.913   -5.820  -8.132  1.00 15.99 ? 42  PHE A C   1 
ATOM   318  O  O   . PHE A 1 42  ? 9.349   -4.912  -8.851  1.00 16.14 ? 42  PHE A O   1 
ATOM   319  C  CB  . PHE A 1 42  ? 6.402   -5.807  -8.235  1.00 15.25 ? 42  PHE A CB  1 
ATOM   320  C  CG  . PHE A 1 42  ? 6.236   -7.210  -8.749  1.00 15.86 ? 42  PHE A CG  1 
ATOM   321  C  CD1 . PHE A 1 42  ? 5.764   -8.200  -7.901  1.00 17.67 ? 42  PHE A CD1 1 
ATOM   322  C  CD2 . PHE A 1 42  ? 6.567   -7.545  -10.055 1.00 17.84 ? 42  PHE A CD2 1 
ATOM   323  C  CE1 . PHE A 1 42  ? 5.621   -9.492  -8.331  1.00 18.77 ? 42  PHE A CE1 1 
ATOM   324  C  CE2 . PHE A 1 42  ? 6.417   -8.840  -10.503 1.00 17.94 ? 42  PHE A CE2 1 
ATOM   325  C  CZ  . PHE A 1 42  ? 5.937   -9.819  -9.637  1.00 20.15 ? 42  PHE A CZ  1 
ATOM   326  N  N   . GLY A 1 43  ? 9.527   -6.986  -7.975  1.00 16.53 ? 43  GLY A N   1 
ATOM   327  C  CA  . GLY A 1 43  ? 10.849  -7.226  -8.527  1.00 17.59 ? 43  GLY A CA  1 
ATOM   328  C  C   . GLY A 1 43  ? 11.909  -7.404  -7.455  1.00 20.75 ? 43  GLY A C   1 
ATOM   329  O  O   . GLY A 1 43  ? 12.937  -8.041  -7.692  1.00 26.24 ? 43  GLY A O   1 
ATOM   330  N  N   . GLN A 1 44  ? 11.672  -6.841  -6.277  1.00 21.43 ? 44  GLN A N   1 
ATOM   331  C  CA  . GLN A 1 44  ? 12.599  -6.974  -5.159  1.00 21.37 ? 44  GLN A CA  1 
ATOM   332  C  C   . GLN A 1 44  ? 12.126  -8.099  -4.236  1.00 20.90 ? 44  GLN A C   1 
ATOM   333  O  O   . GLN A 1 44  ? 10.961  -8.496  -4.291  1.00 21.13 ? 44  GLN A O   1 
ATOM   334  C  CB  . GLN A 1 44  ? 12.720  -5.640  -4.412  1.00 20.32 ? 44  GLN A CB  1 
ATOM   335  C  CG  . GLN A 1 44  ? 13.522  -4.603  -5.186  1.00 26.57 ? 44  GLN A CG  1 
ATOM   336  C  CD  . GLN A 1 44  ? 13.877  -3.379  -4.360  1.00 46.02 ? 44  GLN A CD  1 
ATOM   337  O  OE1 . GLN A 1 44  ? 13.702  -3.361  -3.140  1.00 46.35 ? 44  GLN A OE1 1 
ATOM   338  N  NE2 . GLN A 1 44  ? 14.386  -2.347  -5.024  1.00 52.48 ? 44  GLN A NE2 1 
ATOM   339  N  N   . PRO A 1 45  ? 13.034  -8.639  -3.396  1.00 23.58 ? 45  PRO A N   1 
ATOM   340  C  CA  . PRO A 1 45  ? 12.651  -9.756  -2.521  1.00 25.13 ? 45  PRO A CA  1 
ATOM   341  C  C   . PRO A 1 45  ? 11.463  -9.430  -1.616  1.00 19.35 ? 45  PRO A C   1 
ATOM   342  O  O   . PRO A 1 45  ? 11.366  -8.311  -1.133  1.00 21.49 ? 45  PRO A O   1 
ATOM   343  C  CB  . PRO A 1 45  ? 13.912  -9.993  -1.681  1.00 28.79 ? 45  PRO A CB  1 
ATOM   344  C  CG  . PRO A 1 45  ? 15.031  -9.504  -2.539  1.00 31.91 ? 45  PRO A CG  1 
ATOM   345  C  CD  . PRO A 1 45  ? 14.475  -8.331  -3.300  1.00 31.96 ? 45  PRO A CD  1 
ATOM   346  N  N   . PRO A 1 46  ? 10.564  -10.401 -1.406  1.00 22.35 ? 46  PRO A N   1 
ATOM   347  C  CA  . PRO A 1 46  ? 9.426   -10.155 -0.514  1.00 20.97 ? 46  PRO A CA  1 
ATOM   348  C  C   . PRO A 1 46  ? 9.875   -9.988  0.929   1.00 22.42 ? 46  PRO A C   1 
ATOM   349  O  O   . PRO A 1 46  ? 10.886  -10.564 1.347   1.00 25.11 ? 46  PRO A O   1 
ATOM   350  C  CB  . PRO A 1 46  ? 8.573   -11.412 -0.667  1.00 22.69 ? 46  PRO A CB  1 
ATOM   351  C  CG  . PRO A 1 46  ? 9.542   -12.469 -1.097  1.00 32.88 ? 46  PRO A CG  1 
ATOM   352  C  CD  . PRO A 1 46  ? 10.556  -11.766 -1.957  1.00 27.28 ? 46  PRO A CD  1 
ATOM   353  N  N   . ILE A 1 47  ? 9.139   -9.189  1.688   1.00 17.01 ? 47  ILE A N   1 
ATOM   354  C  CA  . ILE A 1 47  ? 9.287   -9.216  3.130   1.00 19.14 ? 47  ILE A CA  1 
ATOM   355  C  C   . ILE A 1 47  ? 8.083   -9.943  3.685   1.00 19.60 ? 47  ILE A C   1 
ATOM   356  O  O   . ILE A 1 47  ? 7.075   -10.101 3.004   1.00 20.08 ? 47  ILE A O   1 
ATOM   357  C  CB  . ILE A 1 47  ? 9.418   -7.820  3.722   1.00 21.19 ? 47  ILE A CB  1 
ATOM   358  C  CG1 . ILE A 1 47  ? 8.172   -6.993  3.429   1.00 19.30 ? 47  ILE A CG1 1 
ATOM   359  C  CG2 . ILE A 1 47  ? 10.660  -7.139  3.171   1.00 24.14 ? 47  ILE A CG2 1 
ATOM   360  C  CD1 . ILE A 1 47  ? 8.174   -5.656  4.126   1.00 20.10 ? 47  ILE A CD1 1 
ATOM   361  N  N   . HIS A 1 48  ? 8.194   -10.401 4.922   1.00 17.90 ? 48  HIS A N   1 
ATOM   362  C  CA  . HIS A 1 48  ? 7.229   -11.341 5.450   1.00 19.45 ? 48  HIS A CA  1 
ATOM   363  C  C   . HIS A 1 48  ? 6.896   -11.062 6.901   1.00 18.01 ? 48  HIS A C   1 
ATOM   364  O  O   . HIS A 1 48  ? 7.786   -10.910 7.747   1.00 20.34 ? 48  HIS A O   1 
ATOM   365  C  CB  . HIS A 1 48  ? 7.758   -12.773 5.316   1.00 29.39 ? 48  HIS A CB  1 
ATOM   366  C  CG  . HIS A 1 48  ? 6.872   -13.804 5.941   1.00 38.58 ? 48  HIS A CG  1 
ATOM   367  N  ND1 . HIS A 1 48  ? 5.791   -14.357 5.283   1.00 40.66 ? 48  HIS A ND1 1 
ATOM   368  C  CD2 . HIS A 1 48  ? 6.896   -14.378 7.168   1.00 38.60 ? 48  HIS A CD2 1 
ATOM   369  C  CE1 . HIS A 1 48  ? 5.195   -15.229 6.074   1.00 38.13 ? 48  HIS A CE1 1 
ATOM   370  N  NE2 . HIS A 1 48  ? 5.845   -15.260 7.226   1.00 39.17 ? 48  HIS A NE2 1 
ATOM   371  N  N   . GLY A 1 49  ? 5.607   -11.008 7.190   1.00 16.37 ? 49  GLY A N   1 
ATOM   372  C  CA  . GLY A 1 49  ? 5.147   -10.918 8.561   1.00 16.86 ? 49  GLY A CA  1 
ATOM   373  C  C   . GLY A 1 49  ? 5.029   -9.505  9.085   1.00 15.06 ? 49  GLY A C   1 
ATOM   374  O  O   . GLY A 1 49  ? 5.689   -8.585  8.613   1.00 15.12 ? 49  GLY A O   1 
ATOM   375  N  N   . ARG A 1 50  ? 4.187   -9.334  10.093  1.00 15.32 ? 50  ARG A N   1 
ATOM   376  C  CA  . ARG A 1 50  ? 3.911   -7.992  10.595  1.00 14.72 ? 50  ARG A CA  1 
ATOM   377  C  C   . ARG A 1 50  ? 5.104   -7.254  11.213  1.00 16.77 ? 50  ARG A C   1 
ATOM   378  O  O   . ARG A 1 50  ? 5.170   -6.032  11.100  1.00 17.22 ? 50  ARG A O   1 
ATOM   379  C  CB  . ARG A 1 50  ? 2.757   -8.029  11.592  1.00 17.88 ? 50  ARG A CB  1 
ATOM   380  C  CG  . ARG A 1 50  ? 1.398   -8.096  10.911  1.00 16.39 ? 50  ARG A CG  1 
ATOM   381  C  CD  . ARG A 1 50  ? 0.330   -8.043  11.960  1.00 18.81 ? 50  ARG A CD  1 
ATOM   382  N  NE  . ARG A 1 50  ? -1.022  -8.130  11.432  1.00 19.14 ? 50  ARG A NE  1 
ATOM   383  C  CZ  . ARG A 1 50  ? -2.080  -8.438  12.170  1.00 20.21 ? 50  ARG A CZ  1 
ATOM   384  N  NH1 . ARG A 1 50  ? -1.930  -8.702  13.463  1.00 26.36 1 50  ARG A NH1 1 
ATOM   385  N  NH2 . ARG A 1 50  ? -3.284  -8.492  11.628  1.00 22.11 ? 50  ARG A NH2 1 
ATOM   386  N  N   . GLU A 1 51  ? 6.058   -7.951  11.840  1.00 16.99 ? 51  GLU A N   1 
ATOM   387  C  CA  . GLU A 1 51  ? 7.237   -7.228  12.329  1.00 17.18 ? 51  GLU A CA  1 
ATOM   388  C  C   . GLU A 1 51  ? 8.006   -6.568  11.180  1.00 15.06 ? 51  GLU A C   1 
ATOM   389  O  O   . GLU A 1 51  ? 8.325   -5.375  11.236  1.00 17.59 ? 51  GLU A O   1 
ATOM   390  C  CB  . GLU A 1 51  ? 8.180   -8.145  13.120  1.00 19.03 ? 51  GLU A CB  1 
ATOM   391  C  CG  . GLU A 1 51  ? 9.341   -7.364  13.757  1.00 23.61 ? 51  GLU A CG  1 
ATOM   392  C  CD  . GLU A 1 51  ? 10.506  -8.229  14.231  1.00 28.76 ? 51  GLU A CD  1 
ATOM   393  O  OE1 . GLU A 1 51  ? 10.519  -9.453  13.985  1.00 24.91 ? 51  GLU A OE1 1 
ATOM   394  O  OE2 . GLU A 1 51  ? 11.421  -7.662  14.866  1.00 41.35 1 51  GLU A OE2 1 
ATOM   395  N  N   . GLN A 1 52  ? 8.307   -7.340  10.146  1.00 14.87 ? 52  GLN A N   1 
ATOM   396  C  CA  . GLN A 1 52  ? 9.033   -6.799  8.991   1.00 17.34 ? 52  GLN A CA  1 
ATOM   397  C  C   . GLN A 1 52  ? 8.247   -5.717  8.255   1.00 17.72 ? 52  GLN A C   1 
ATOM   398  O  O   . GLN A 1 52  ? 8.812   -4.722  7.797   1.00 16.93 ? 52  GLN A O   1 
ATOM   399  C  CB  . GLN A 1 52  ? 9.401   -7.911  8.006   1.00 19.82 ? 52  GLN A CB  1 
ATOM   400  C  CG  . GLN A 1 52  ? 10.515  -8.816  8.511   1.00 21.94 ? 52  GLN A CG  1 
ATOM   401  C  CD  . GLN A 1 52  ? 10.899  -9.895  7.516   1.00 25.32 ? 52  GLN A CD  1 
ATOM   402  O  OE1 . GLN A 1 52  ? 10.703  -9.751  6.303   1.00 24.50 ? 52  GLN A OE1 1 
ATOM   403  N  NE2 . GLN A 1 52  ? 11.456  -10.987 8.024   1.00 34.30 ? 52  GLN A NE2 1 
ATOM   404  N  N   . ILE A 1 53  ? 6.940   -5.920  8.151   1.00 16.27 ? 53  ILE A N   1 
ATOM   405  C  CA  . ILE A 1 53  ? 6.060   -4.940  7.526   1.00 17.90 ? 53  ILE A CA  1 
ATOM   406  C  C   . ILE A 1 53  ? 6.002   -3.652  8.352   1.00 16.55 ? 53  ILE A C   1 
ATOM   407  O  O   . ILE A 1 53  ? 6.090   -2.558  7.798   1.00 15.84 ? 53  ILE A O   1 
ATOM   408  C  CB  . ILE A 1 53  ? 4.652   -5.539  7.320   1.00 17.99 ? 53  ILE A CB  1 
ATOM   409  C  CG1 . ILE A 1 53  ? 4.709   -6.598  6.210   1.00 16.54 ? 53  ILE A CG1 1 
ATOM   410  C  CG2 . ILE A 1 53  ? 3.646   -4.460  6.956   1.00 20.71 ? 53  ILE A CG2 1 
ATOM   411  C  CD1 . ILE A 1 53  ? 3.492   -7.476  6.133   1.00 17.36 ? 53  ILE A CD1 1 
ATOM   412  N  N   . ALA A 1 54  ? 5.912   -3.760  9.674   1.00 16.12 ? 54  ALA A N   1 
ATOM   413  C  CA  . ALA A 1 54  ? 5.944   -2.558  10.513  1.00 15.59 ? 54  ALA A CA  1 
ATOM   414  C  C   . ALA A 1 54  ? 7.246   -1.777  10.330  1.00 17.36 ? 54  ALA A C   1 
ATOM   415  O  O   . ALA A 1 54  ? 7.240   -0.546  10.229  1.00 16.91 ? 54  ALA A O   1 
ATOM   416  C  CB  . ALA A 1 54  ? 5.749   -2.922  11.982  1.00 19.49 ? 54  ALA A CB  1 
ATOM   417  N  N   . ALA A 1 55  ? 8.363   -2.494  10.272  1.00 16.59 ? 55  ALA A N   1 
ATOM   418  C  CA  . ALA A 1 55  ? 9.659   -1.837  10.102  1.00 19.08 ? 55  ALA A CA  1 
ATOM   419  C  C   . ALA A 1 55  ? 9.736   -1.131  8.751   1.00 17.80 ? 55  ALA A C   1 
ATOM   420  O  O   . ALA A 1 55  ? 10.228  -0.006  8.645   1.00 19.17 ? 55  ALA A O   1 
ATOM   421  C  CB  . ALA A 1 55  ? 10.790  -2.843  10.242  1.00 20.90 ? 55  ALA A CB  1 
ATOM   422  N  N   . PHE A 1 56  ? 9.222   -1.795  7.723   1.00 16.38 ? 56  PHE A N   1 
ATOM   423  C  CA  . PHE A 1 56  ? 9.193   -1.241  6.381   1.00 16.92 ? 56  PHE A CA  1 
ATOM   424  C  C   . PHE A 1 56  ? 8.383   0.059   6.333   1.00 16.95 ? 56  PHE A C   1 
ATOM   425  O  O   . PHE A 1 56  ? 8.848   1.061   5.783   1.00 18.68 ? 56  PHE A O   1 
ATOM   426  C  CB  . PHE A 1 56  ? 8.628   -2.285  5.417   1.00 21.29 ? 56  PHE A CB  1 
ATOM   427  C  CG  . PHE A 1 56  ? 8.545   -1.825  3.995   1.00 18.90 ? 56  PHE A CG  1 
ATOM   428  C  CD1 . PHE A 1 56  ? 9.672   -1.789  3.191   1.00 24.95 ? 56  PHE A CD1 1 
ATOM   429  C  CD2 . PHE A 1 56  ? 7.332   -1.439  3.462   1.00 21.21 ? 56  PHE A CD2 1 
ATOM   430  C  CE1 . PHE A 1 56  ? 9.587   -1.366  1.872   1.00 28.03 ? 56  PHE A CE1 1 
ATOM   431  C  CE2 . PHE A 1 56  ? 7.241   -1.013  2.136   1.00 23.48 ? 56  PHE A CE2 1 
ATOM   432  C  CZ  . PHE A 1 56  ? 8.372   -0.978  1.351   1.00 23.59 ? 56  PHE A CZ  1 
HETATM 433  N  N   A 3CT A 1 57  ? 7.188   0.048   6.924   0.59 16.63 ? 57  3CT A N   1 
HETATM 434  N  N   B 3CT A 1 57  ? 7.195   0.050   6.932   0.41 16.65 ? 57  3CT A N   1 
HETATM 435  C  CA  A 3CT A 1 57  ? 6.312   1.215   6.872   0.59 17.05 ? 57  3CT A CA  1 
HETATM 436  C  CA  B 3CT A 1 57  ? 6.317   1.208   6.887   0.41 17.08 ? 57  3CT A CA  1 
HETATM 437  C  CB  A 3CT A 1 57  ? 4.854   0.893   7.224   0.59 15.76 ? 57  3CT A CB  1 
HETATM 438  C  CB  B 3CT A 1 57  ? 4.906   0.819   7.309   0.41 15.74 ? 57  3CT A CB  1 
HETATM 439  C  CG  A 3CT A 1 57  ? 4.128   0.332   6.008   0.59 14.62 ? 57  3CT A CG  1 
HETATM 440  C  CG  B 3CT A 1 57  ? 4.171   0.279   6.103   0.41 14.75 ? 57  3CT A CG  1 
HETATM 441  C  CD2 A 3CT A 1 57  ? 4.435   -0.942  5.549   0.59 15.90 ? 57  3CT A CD2 1 
HETATM 442  C  CD2 B 3CT A 1 57  ? 4.008   1.061   4.968   0.41 16.16 ? 57  3CT A CD2 1 
HETATM 443  C  CE2 A 3CT A 1 57  ? 3.783   -1.465  4.432   0.59 14.38 ? 57  3CT A CE2 1 
HETATM 444  C  CE2 B 3CT A 1 57  ? 3.330   0.547   3.867   0.41 14.10 ? 57  3CT A CE2 1 
HETATM 445  CL CL  A 3CT A 1 57  ? 4.163   -3.096  3.804   0.59 14.83 ? 57  3CT A CL  1 
HETATM 446  CL CL  B 3CT A 1 57  ? 3.132   1.575   2.410   0.41 22.80 ? 57  3CT A CL  1 
HETATM 447  C  CZ  A 3CT A 1 57  ? 2.827   -0.723  3.764   0.59 13.08 ? 57  3CT A CZ  1 
HETATM 448  C  CZ  B 3CT A 1 57  ? 2.825   -0.748  3.887   0.41 13.15 ? 57  3CT A CZ  1 
HETATM 449  O  OH  A 3CT A 1 57  ? 2.186   -1.243  2.668   0.59 14.49 ? 57  3CT A OH  1 
HETATM 450  O  OH  B 3CT A 1 57  ? 2.159   -1.261  2.804   0.41 14.67 ? 57  3CT A OH  1 
HETATM 451  C  CE1 A 3CT A 1 57  ? 2.516   0.547   4.212   0.59 15.24 ? 57  3CT A CE1 1 
HETATM 452  C  CE1 B 3CT A 1 57  ? 2.999   -1.531  5.023   0.41 14.29 ? 57  3CT A CE1 1 
HETATM 453  C  CD1 A 3CT A 1 57  ? 3.161   1.077   5.330   0.59 14.97 ? 57  3CT A CD1 1 
HETATM 454  C  CD1 B 3CT A 1 57  ? 3.677   -1.013  6.127   0.41 13.39 ? 57  3CT A CD1 1 
HETATM 455  C  C   A 3CT A 1 57  ? 6.840   2.334   7.748   0.59 20.87 ? 57  3CT A C   1 
HETATM 456  C  C   B 3CT A 1 57  ? 6.824   2.333   7.759   0.41 20.87 ? 57  3CT A C   1 
HETATM 457  O  O   A 3CT A 1 57  ? 6.686   3.493   7.398   0.59 21.36 ? 57  3CT A O   1 
HETATM 458  O  O   B 3CT A 1 57  ? 6.635   3.491   7.426   0.41 21.43 ? 57  3CT A O   1 
ATOM   459  N  N   . ARG A 1 58  ? 7.449   2.002   8.884   1.00 19.49 ? 58  ARG A N   1 
ATOM   460  C  CA  . ARG A 1 58  ? 7.987   3.045   9.761   1.00 21.26 ? 58  ARG A CA  1 
ATOM   461  C  C   . ARG A 1 58  ? 9.140   3.778   9.070   1.00 27.08 ? 58  ARG A C   1 
ATOM   462  O  O   . ARG A 1 58  ? 9.257   4.999   9.164   1.00 31.67 ? 58  ARG A O   1 
ATOM   463  C  CB  . ARG A 1 58  ? 8.432   2.466   11.106  1.00 24.07 ? 58  ARG A CB  1 
ATOM   464  C  CG  . ARG A 1 58  ? 8.785   3.554   12.117  1.00 34.56 ? 58  ARG A CG  1 
ATOM   465  C  CD  . ARG A 1 58  ? 8.691   3.065   13.557  1.00 36.91 ? 58  ARG A CD  1 
ATOM   466  N  NE  . ARG A 1 58  ? 7.306   2.920   14.000  1.00 33.66 ? 58  ARG A NE  1 
ATOM   467  C  CZ  . ARG A 1 58  ? 6.480   3.935   14.244  1.00 40.78 ? 58  ARG A CZ  1 
ATOM   468  N  NH1 . ARG A 1 58  ? 6.887   5.188   14.081  1.00 32.79 1 58  ARG A NH1 1 
ATOM   469  N  NH2 . ARG A 1 58  ? 5.236   3.698   14.642  1.00 35.77 ? 58  ARG A NH2 1 
ATOM   470  N  N   . GLN A 1 59  ? 9.969   3.034   8.351   1.00 23.75 ? 59  GLN A N   1 
ATOM   471  C  CA  . GLN A 1 59  ? 11.057  3.634   7.588   1.00 26.91 ? 59  GLN A CA  1 
ATOM   472  C  C   . GLN A 1 59  ? 10.535  4.498   6.442   1.00 33.70 ? 59  GLN A C   1 
ATOM   473  O  O   . GLN A 1 59  ? 11.103  5.545   6.136   1.00 36.79 ? 59  GLN A O   1 
ATOM   474  C  CB  . GLN A 1 59  ? 11.991  2.551   7.048   1.00 30.58 ? 59  GLN A CB  1 
ATOM   475  C  CG  . GLN A 1 59  ? 12.838  1.905   8.127   1.00 46.31 ? 59  GLN A CG  1 
ATOM   476  C  CD  . GLN A 1 59  ? 14.040  1.175   7.571   1.00 57.10 ? 59  GLN A CD  1 
ATOM   477  O  OE1 . GLN A 1 59  ? 14.557  1.536   6.521   1.00 62.18 ? 59  GLN A OE1 1 
ATOM   478  N  NE2 . GLN A 1 59  ? 14.500  0.149   8.280   1.00 64.57 ? 59  GLN A NE2 1 
ATOM   479  N  N   . GLY A 1 60  ? 9.447   4.063   5.815   1.00 27.30 ? 60  GLY A N   1 
ATOM   480  C  CA  . GLY A 1 60  ? 8.855   4.809   4.720   1.00 30.20 ? 60  GLY A CA  1 
ATOM   481  C  C   . GLY A 1 60  ? 7.971   5.977   5.128   1.00 35.90 ? 60  GLY A C   1 
ATOM   482  O  O   . GLY A 1 60  ? 7.999   7.027   4.488   1.00 45.20 ? 60  GLY A O   1 
ATOM   483  N  N   . LEU A 1 61  ? 7.190   5.803   6.191   1.00 31.51 ? 61  LEU A N   1 
ATOM   484  C  CA  . LEU A 1 61  ? 6.185   6.794   6.589   1.00 32.27 ? 61  LEU A CA  1 
ATOM   485  C  C   . LEU A 1 61  ? 6.486   7.503   7.909   1.00 46.48 ? 61  LEU A C   1 
ATOM   486  O  O   . LEU A 1 61  ? 5.582   8.061   8.536   1.00 40.66 ? 61  LEU A O   1 
ATOM   487  C  CB  . LEU A 1 61  ? 4.812   6.131   6.706   1.00 33.28 ? 61  LEU A CB  1 
ATOM   488  C  CG  . LEU A 1 61  ? 4.274   5.349   5.512   1.00 27.60 ? 61  LEU A CG  1 
ATOM   489  C  CD1 . LEU A 1 61  ? 2.930   4.751   5.861   1.00 26.73 ? 61  LEU A CD1 1 
ATOM   490  C  CD2 . LEU A 1 61  ? 4.164   6.241   4.288   1.00 35.54 ? 61  LEU A CD2 1 
ATOM   491  N  N   . GLY A 1 62  ? 7.743   7.483   8.335   1.00 41.48 ? 62  GLY A N   1 
ATOM   492  C  CA  . GLY A 1 62  ? 8.099   8.048   9.624   1.00 49.66 ? 62  GLY A CA  1 
ATOM   493  C  C   . GLY A 1 62  ? 8.452   9.523   9.602   1.00 56.67 ? 62  GLY A C   1 
ATOM   494  O  O   . GLY A 1 62  ? 7.737   10.352  10.171  1.00 58.45 ? 62  GLY A O   1 
ATOM   495  N  N   . GLY A 1 63  ? 9.557   9.851   8.939   1.00 56.20 ? 63  GLY A N   1 
ATOM   496  C  CA  . GLY A 1 63  ? 10.119  11.190  8.988   1.00 54.44 ? 63  GLY A CA  1 
ATOM   497  C  C   . GLY A 1 63  ? 9.370   12.255  8.209   1.00 58.79 ? 63  GLY A C   1 
ATOM   498  O  O   . GLY A 1 63  ? 8.867   13.217  8.788   1.00 59.69 ? 63  GLY A O   1 
ATOM   499  N  N   . GLY A 1 64  ? 9.308   12.089  6.893   1.00 66.84 ? 64  GLY A N   1 
ATOM   500  C  CA  . GLY A 1 64  ? 8.676   13.070  6.029   1.00 65.47 ? 64  GLY A CA  1 
ATOM   501  C  C   . GLY A 1 64  ? 7.168   13.112  6.162   1.00 54.82 ? 64  GLY A C   1 
ATOM   502  O  O   . GLY A 1 64  ? 6.555   12.187  6.693   1.00 58.71 ? 64  GLY A O   1 
ATOM   503  N  N   . LYS A 1 65  ? 6.569   14.195  5.678   1.00 54.70 ? 65  LYS A N   1 
ATOM   504  C  CA  . LYS A 1 65  ? 5.121   14.366  5.721   1.00 55.72 ? 65  LYS A CA  1 
ATOM   505  C  C   . LYS A 1 65  ? 4.472   13.702  4.509   1.00 45.39 ? 65  LYS A C   1 
ATOM   506  O  O   . LYS A 1 65  ? 4.027   14.378  3.583   1.00 50.61 ? 65  LYS A O   1 
ATOM   507  C  CB  . LYS A 1 65  ? 4.751   15.852  5.763   1.00 57.97 ? 65  LYS A CB  1 
ATOM   508  C  CG  . LYS A 1 65  ? 5.109   16.588  7.060   1.00 57.78 ? 65  LYS A CG  1 
ATOM   509  C  CD  . LYS A 1 65  ? 5.274   15.655  8.250   1.00 59.41 ? 65  LYS A CD  1 
ATOM   510  C  CE  . LYS A 1 65  ? 5.768   16.412  9.474   1.00 58.37 ? 65  LYS A CE  1 
ATOM   511  N  NZ  . LYS A 1 65  ? 6.900   17.321  9.135   1.00 62.99 1 65  LYS A NZ  1 
ATOM   512  N  N   . VAL A 1 66  ? 4.422   12.375  4.519   1.00 39.53 ? 66  VAL A N   1 
ATOM   513  C  CA  . VAL A 1 66  ? 3.940   11.620  3.368   1.00 36.53 ? 66  VAL A CA  1 
ATOM   514  C  C   . VAL A 1 66  ? 2.438   11.777  3.168   1.00 27.36 ? 66  VAL A C   1 
ATOM   515  O  O   . VAL A 1 66  ? 1.662   11.729  4.123   1.00 29.74 ? 66  VAL A O   1 
ATOM   516  C  CB  . VAL A 1 66  ? 4.290   10.120  3.506   1.00 36.30 ? 66  VAL A CB  1 
ATOM   517  C  CG1 . VAL A 1 66  ? 3.763   9.326   2.312   1.00 28.01 ? 66  VAL A CG1 1 
ATOM   518  C  CG2 . VAL A 1 66  ? 5.794   9.947   3.637   1.00 38.95 ? 66  VAL A CG2 1 
ATOM   519  N  N   . ARG A 1 67  ? 2.042   11.983  1.913   1.00 23.65 ? 67  ARG A N   1 
ATOM   520  C  CA  . ARG A 1 67  ? 0.640   12.015  1.524   1.00 23.27 ? 67  ARG A CA  1 
ATOM   521  C  C   . ARG A 1 67  ? 0.381   10.935  0.484   1.00 18.77 ? 67  ARG A C   1 
ATOM   522  O  O   . ARG A 1 67  ? 1.289   10.560  -0.251  1.00 20.67 ? 67  ARG A O   1 
ATOM   523  C  CB  . ARG A 1 67  ? 0.263   13.379  0.953   1.00 29.44 ? 67  ARG A CB  1 
ATOM   524  C  CG  . ARG A 1 67  ? 0.233   14.510  1.958   1.00 34.50 ? 67  ARG A CG  1 
ATOM   525  C  CD  . ARG A 1 67  ? -0.022  15.830  1.244   1.00 45.17 ? 67  ARG A CD  1 
ATOM   526  N  NE  . ARG A 1 67  ? -1.197  15.766  0.376   1.00 50.11 ? 67  ARG A NE  1 
ATOM   527  C  CZ  . ARG A 1 67  ? -1.285  16.364  -0.809  1.00 53.09 ? 67  ARG A CZ  1 
ATOM   528  N  NH1 . ARG A 1 67  ? -0.263  17.072  -1.274  1.00 51.19 1 67  ARG A NH1 1 
ATOM   529  N  NH2 . ARG A 1 67  ? -2.391  16.251  -1.533  1.00 52.50 ? 67  ARG A NH2 1 
ATOM   530  N  N   . ALA A 1 68  ? -0.848  10.439  0.418   1.00 18.37 ? 68  ALA A N   1 
ATOM   531  C  CA  . ALA A 1 68  ? -1.193  9.446   -0.606  1.00 16.84 ? 68  ALA A CA  1 
ATOM   532  C  C   . ALA A 1 68  ? -2.633  9.592   -1.019  1.00 19.15 ? 68  ALA A C   1 
ATOM   533  O  O   . ALA A 1 68  ? -3.499  9.817   -0.188  1.00 18.30 ? 68  ALA A O   1 
ATOM   534  C  CB  . ALA A 1 68  ? -0.940  8.050   -0.097  1.00 17.58 ? 68  ALA A CB  1 
ATOM   535  N  N   . CYS A 1 69  ? -2.915  9.453   -2.306  1.00 16.98 ? 69  CYS A N   1 
ATOM   536  C  CA  A CYS A 1 69  ? -4.281  9.562   -2.777  0.60 17.04 ? 69  CYS A CA  1 
ATOM   537  C  CA  B CYS A 1 69  ? -4.297  9.500   -2.744  0.40 17.00 ? 69  CYS A CA  1 
ATOM   538  C  C   . CYS A 1 69  ? -4.503  8.673   -3.991  1.00 14.11 ? 69  CYS A C   1 
ATOM   539  O  O   . CYS A 1 69  ? -3.635  8.595   -4.867  1.00 14.73 ? 69  CYS A O   1 
ATOM   540  C  CB  A CYS A 1 69  ? -4.598  11.020  -3.121  0.60 19.75 ? 69  CYS A CB  1 
ATOM   541  C  CB  B CYS A 1 69  ? -4.746  10.943  -2.993  0.40 19.42 ? 69  CYS A CB  1 
ATOM   542  S  SG  A CYS A 1 69  ? -6.333  11.377  -3.409  0.60 20.88 ? 69  CYS A SG  1 
ATOM   543  S  SG  B CYS A 1 69  ? -3.912  11.752  -4.361  0.40 24.59 ? 69  CYS A SG  1 
ATOM   544  N  N   . LEU A 1 70  ? -5.656  8.031   -4.042  1.00 13.34 ? 70  LEU A N   1 
ATOM   545  C  CA  . LEU A 1 70  ? -6.075  7.309   -5.236  1.00 12.15 ? 70  LEU A CA  1 
ATOM   546  C  C   . LEU A 1 70  ? -6.094  8.241   -6.437  1.00 16.64 ? 70  LEU A C   1 
ATOM   547  O  O   . LEU A 1 70  ? -6.503  9.400   -6.319  1.00 18.05 ? 70  LEU A O   1 
ATOM   548  C  CB  . LEU A 1 70  ? -7.455  6.711   -5.024  1.00 13.63 ? 70  LEU A CB  1 
ATOM   549  C  CG  . LEU A 1 70  ? -7.554  5.496   -4.108  1.00 14.90 ? 70  LEU A CG  1 
ATOM   550  C  CD1 . LEU A 1 70  ? -9.009  5.246   -3.734  1.00 19.75 ? 70  LEU A CD1 1 
ATOM   551  C  CD2 . LEU A 1 70  ? -6.986  4.279   -4.808  1.00 14.89 ? 70  LEU A CD2 1 
ATOM   552  N  N   . THR A 1 71  ? -5.657  7.740   -7.590  1.00 15.07 ? 71  THR A N   1 
ATOM   553  C  CA  . THR A 1 71  ? -5.697  8.536   -8.805  1.00 16.19 ? 71  THR A CA  1 
ATOM   554  C  C   . THR A 1 71  ? -6.606  7.859   -9.831  1.00 14.01 ? 71  THR A C   1 
ATOM   555  O  O   . THR A 1 71  ? -6.581  8.181   -11.032 1.00 15.40 ? 71  THR A O   1 
ATOM   556  C  CB  . THR A 1 71  ? -4.286  8.745   -9.360  1.00 16.42 ? 71  THR A CB  1 
ATOM   557  O  OG1 . THR A 1 71  ? -3.617  7.477   -9.439  1.00 17.10 ? 71  THR A OG1 1 
ATOM   558  C  CG2 . THR A 1 71  ? -3.485  9.685   -8.446  1.00 17.25 ? 71  THR A CG2 1 
ATOM   559  N  N   . GLY A 1 72  ? -7.425  6.931   -9.354  1.00 14.32 ? 72  GLY A N   1 
ATOM   560  C  CA  . GLY A 1 72  ? -8.456  6.293   -10.151 1.00 15.94 ? 72  GLY A CA  1 
ATOM   561  C  C   . GLY A 1 72  ? -9.168  5.302   -9.255  1.00 14.42 ? 72  GLY A C   1 
ATOM   562  O  O   . GLY A 1 72  ? -8.751  5.103   -8.104  1.00 17.33 ? 72  GLY A O   1 
ATOM   563  N  N   . PRO A 1 73  ? -10.227 4.659   -9.755  1.00 14.20 ? 73  PRO A N   1 
ATOM   564  C  CA  . PRO A 1 73  ? -10.990 3.733   -8.917  1.00 17.21 ? 73  PRO A CA  1 
ATOM   565  C  C   . PRO A 1 73  ? -10.242 2.437   -8.637  1.00 14.84 ? 73  PRO A C   1 
ATOM   566  O  O   . PRO A 1 73  ? -9.349  2.009   -9.405  1.00 13.23 ? 73  PRO A O   1 
ATOM   567  C  CB  . PRO A 1 73  ? -12.260 3.474   -9.730  1.00 19.01 ? 73  PRO A CB  1 
ATOM   568  C  CG  . PRO A 1 73  ? -11.873 3.779   -11.135 1.00 21.42 ? 73  PRO A CG  1 
ATOM   569  C  CD  . PRO A 1 73  ? -10.851 4.867   -11.072 1.00 16.83 ? 73  PRO A CD  1 
ATOM   570  N  N   . VAL A 1 74  ? -10.589 1.823   -7.515  1.00 13.70 ? 74  VAL A N   1 
ATOM   571  C  CA  . VAL A 1 74  ? -10.149 0.479   -7.231  1.00 13.56 ? 74  VAL A CA  1 
ATOM   572  C  C   . VAL A 1 74  ? -10.821 -0.504  -8.184  1.00 15.17 ? 74  VAL A C   1 
ATOM   573  O  O   . VAL A 1 74  ? -12.035 -0.458  -8.383  1.00 16.12 ? 74  VAL A O   1 
ATOM   574  C  CB  . VAL A 1 74  ? -10.452 0.095   -5.776  1.00 13.72 ? 74  VAL A CB  1 
ATOM   575  C  CG1 . VAL A 1 74  ? -10.049 -1.335  -5.527  1.00 14.91 ? 74  VAL A CG1 1 
ATOM   576  C  CG2 . VAL A 1 74  ? -9.720  1.045   -4.806  1.00 14.77 ? 74  VAL A CG2 1 
ATOM   577  N  N   . ARG A 1 75  ? -10.018 -1.368  -8.797  1.00 13.01 ? 75  ARG A N   1 
ATOM   578  C  CA  . ARG A 1 75  ? -10.509 -2.468  -9.614  1.00 13.53 ? 75  ARG A CA  1 
ATOM   579  C  C   . ARG A 1 75  ? -10.537 -3.734  -8.768  1.00 15.37 ? 75  ARG A C   1 
ATOM   580  O  O   . ARG A 1 75  ? -9.497  -4.226  -8.354  1.00 20.14 ? 75  ARG A O   1 
ATOM   581  C  CB  . ARG A 1 75  ? -9.626  -2.671  -10.854 1.00 12.25 ? 75  ARG A CB  1 
ATOM   582  C  CG  . ARG A 1 75  ? -9.860  -1.656  -11.984 1.00 12.02 ? 75  ARG A CG  1 
ATOM   583  C  CD  . ARG A 1 75  ? -9.412  -0.244  -11.675 1.00 12.41 ? 75  ARG A CD  1 
ATOM   584  N  NE  . ARG A 1 75  ? -9.235  0.462   -12.938 1.00 12.89 ? 75  ARG A NE  1 
ATOM   585  C  CZ  . ARG A 1 75  ? -8.771  1.693   -13.068 1.00 12.54 ? 75  ARG A CZ  1 
ATOM   586  N  NH1 . ARG A 1 75  ? -8.488  2.439   -12.004 1.00 13.62 1 75  ARG A NH1 1 
ATOM   587  N  NH2 . ARG A 1 75  ? -8.613  2.192   -14.291 1.00 13.09 ? 75  ARG A NH2 1 
ATOM   588  N  N   . ALA A 1 76  ? -11.721 -4.274  -8.503  1.00 14.57 ? 76  ALA A N   1 
ATOM   589  C  CA  . ALA A 1 76  ? -11.821 -5.416  -7.598  1.00 13.82 ? 76  ALA A CA  1 
ATOM   590  C  C   . ALA A 1 76  ? -12.263 -6.672  -8.337  1.00 14.15 ? 76  ALA A C   1 
ATOM   591  O  O   . ALA A 1 76  ? -12.994 -6.596  -9.334  1.00 21.53 ? 76  ALA A O   1 
ATOM   592  C  CB  . ALA A 1 76  ? -12.780 -5.107  -6.441  1.00 17.06 ? 76  ALA A CB  1 
ATOM   593  N  N   . SER A 1 77  ? -11.814 -7.829  -7.866  1.00 17.06 ? 77  SER A N   1 
ATOM   594  C  CA  . SER A 1 77  ? -12.236 -9.127  -8.396  1.00 16.96 ? 77  SER A CA  1 
ATOM   595  C  C   . SER A 1 77  ? -13.303 -9.752  -7.502  1.00 17.43 ? 77  SER A C   1 
ATOM   596  O  O   . SER A 1 77  ? -13.646 -9.198  -6.447  1.00 19.49 ? 77  SER A O   1 
ATOM   597  C  CB  . SER A 1 77  ? -11.048 -10.087 -8.492  1.00 16.92 ? 77  SER A CB  1 
ATOM   598  O  OG  . SER A 1 77  ? -10.769 -10.663 -7.212  1.00 18.43 ? 77  SER A OG  1 
ATOM   599  N  N   . HIS A 1 78  ? -13.795 -10.924 -7.911  1.00 16.28 ? 78  HIS A N   1 
ATOM   600  C  CA  . HIS A 1 78  ? -14.737 -11.698 -7.105  1.00 17.70 ? 78  HIS A CA  1 
ATOM   601  C  C   . HIS A 1 78  ? -14.053 -12.815 -6.335  1.00 24.09 ? 78  HIS A C   1 
ATOM   602  O  O   . HIS A 1 78  ? -14.727 -13.655 -5.736  1.00 23.68 ? 78  HIS A O   1 
ATOM   603  C  CB  . HIS A 1 78  ? -15.842 -12.277 -7.988  1.00 18.91 ? 78  HIS A CB  1 
ATOM   604  C  CG  . HIS A 1 78  ? -16.750 -11.230 -8.543  1.00 18.88 ? 78  HIS A CG  1 
ATOM   605  N  ND1 . HIS A 1 78  ? -17.502 -10.406 -7.735  1.00 22.91 ? 78  HIS A ND1 1 
ATOM   606  C  CD2 . HIS A 1 78  ? -17.008 -10.848 -9.816  1.00 17.30 ? 78  HIS A CD2 1 
ATOM   607  C  CE1 . HIS A 1 78  ? -18.197 -9.570  -8.485  1.00 23.94 ? 78  HIS A CE1 1 
ATOM   608  N  NE2 . HIS A 1 78  ? -17.912 -9.816  -9.750  1.00 20.75 ? 78  HIS A NE2 1 
ATOM   609  N  N   . ASN A 1 79  ? -12.722 -12.822 -6.335  1.00 18.10 ? 79  ASN A N   1 
ATOM   610  C  CA  . ASN A 1 79  ? -11.974 -13.784 -5.531  1.00 19.05 ? 79  ASN A CA  1 
ATOM   611  C  C   . ASN A 1 79  ? -11.058 -13.111 -4.499  1.00 16.37 ? 79  ASN A C   1 
ATOM   612  O  O   . ASN A 1 79  ? -9.968  -13.600 -4.207  1.00 18.01 ? 79  ASN A O   1 
ATOM   613  C  CB  . ASN A 1 79  ? -11.174 -14.739 -6.434  1.00 21.43 ? 79  ASN A CB  1 
ATOM   614  C  CG  . ASN A 1 79  ? -10.013 -14.066 -7.158  1.00 22.32 ? 79  ASN A CG  1 
ATOM   615  O  OD1 . ASN A 1 79  ? -9.968  -12.850 -7.297  1.00 22.37 ? 79  ASN A OD1 1 
ATOM   616  N  ND2 . ASN A 1 79  ? -9.074  -14.874 -7.640  1.00 26.96 ? 79  ASN A ND2 1 
ATOM   617  N  N   . GLY A 1 80  ? -11.521 -11.994 -3.945  1.00 16.19 ? 80  GLY A N   1 
ATOM   618  C  CA  . GLY A 1 80  ? -10.848 -11.353 -2.827  1.00 15.61 ? 80  GLY A CA  1 
ATOM   619  C  C   . GLY A 1 80  ? -9.601  -10.560 -3.182  1.00 14.30 ? 80  GLY A C   1 
ATOM   620  O  O   . GLY A 1 80  ? -8.778  -10.300 -2.300  1.00 16.17 ? 80  GLY A O   1 
ATOM   621  N  N   . CYS A 1 81  ? -9.463  -10.184 -4.451  1.00 14.10 ? 81  CYS A N   1 
ATOM   622  C  CA  . CYS A 1 81  ? -8.285  -9.464  -4.923  1.00 13.17 ? 81  CYS A CA  1 
ATOM   623  C  C   . CYS A 1 81  ? -8.675  -8.130  -5.526  1.00 14.51 ? 81  CYS A C   1 
ATOM   624  O  O   . CYS A 1 81  ? -9.833  -7.887  -5.864  1.00 15.23 ? 81  CYS A O   1 
ATOM   625  C  CB  . CYS A 1 81  ? -7.518  -10.285 -5.955  1.00 16.35 ? 81  CYS A CB  1 
ATOM   626  S  SG  . CYS A 1 81  ? -6.935  -11.883 -5.346  1.00 15.65 ? 81  CYS A SG  1 
ATOM   627  N  N   . GLY A 1 82  ? -7.688  -7.258  -5.681  1.00 12.00 ? 82  GLY A N   1 
ATOM   628  C  CA  . GLY A 1 82  ? -7.912  -5.997  -6.345  1.00 13.09 ? 82  GLY A CA  1 
ATOM   629  C  C   . GLY A 1 82  ? -6.637  -5.284  -6.722  1.00 11.60 ? 82  GLY A C   1 
ATOM   630  O  O   . GLY A 1 82  ? -5.556  -5.656  -6.294  1.00 11.34 ? 82  GLY A O   1 
ATOM   631  N  N   . ALA A 1 83  ? -6.794  -4.229  -7.510  1.00 11.89 ? 83  ALA A N   1 
ATOM   632  C  CA  . ALA A 1 83  ? -5.682  -3.390  -7.948  1.00 9.84  ? 83  ALA A CA  1 
ATOM   633  C  C   . ALA A 1 83  ? -6.099  -1.925  -7.931  1.00 11.10 ? 83  ALA A C   1 
ATOM   634  O  O   . ALA A 1 83  ? -7.251  -1.604  -8.238  1.00 12.81 ? 83  ALA A O   1 
ATOM   635  C  CB  . ALA A 1 83  ? -5.202  -3.800  -9.351  1.00 11.14 ? 83  ALA A CB  1 
ATOM   636  N  N   . MET A 1 84  ? -5.182  -1.029  -7.591  1.00 10.73 ? 84  MET A N   1 
ATOM   637  C  CA  . MET A 1 84  ? -5.535  0.389   -7.551  1.00 12.47 ? 84  MET A CA  1 
ATOM   638  C  C   . MET A 1 84  ? -4.366  1.258   -7.960  1.00 10.46 ? 84  MET A C   1 
ATOM   639  O  O   . MET A 1 84  ? -3.214  0.920   -7.672  1.00 11.12 ? 84  MET A O   1 
ATOM   640  C  CB  . MET A 1 84  ? -5.984  0.801   -6.147  1.00 11.10 ? 84  MET A CB  1 
ATOM   641  C  CG  . MET A 1 84  ? -4.909  0.575   -5.080  1.00 11.47 ? 84  MET A CG  1 
ATOM   642  S  SD  . MET A 1 84  ? -5.512  0.939   -3.426  1.00 12.71 ? 84  MET A SD  1 
ATOM   643  C  CE  . MET A 1 84  ? -4.274  0.136   -2.415  1.00 15.13 ? 84  MET A CE  1 
ATOM   644  N  N   . PRO A 1 85  ? -4.644  2.404   -8.596  1.00 11.50 ? 85  PRO A N   1 
ATOM   645  C  CA  . PRO A 1 85  ? -3.619  3.391   -8.935  1.00 10.38 ? 85  PRO A CA  1 
ATOM   646  C  C   . PRO A 1 85  ? -3.607  4.528   -7.930  1.00 11.65 ? 85  PRO A C   1 
ATOM   647  O  O   . PRO A 1 85  ? -4.678  5.016   -7.530  1.00 12.06 ? 85  PRO A O   1 
ATOM   648  C  CB  . PRO A 1 85  ? -4.071  3.894   -10.311 1.00 12.05 ? 85  PRO A CB  1 
ATOM   649  C  CG  . PRO A 1 85  ? -5.596  3.844   -10.228 1.00 13.03 ? 85  PRO A CG  1 
ATOM   650  C  CD  . PRO A 1 85  ? -5.957  2.794   -9.145  1.00 10.80 ? 85  PRO A CD  1 
ATOM   651  N  N   . PHE A 1 86  ? -2.424  4.943   -7.513  1.00 12.26 ? 86  PHE A N   1 
ATOM   652  C  CA  . PHE A 1 86  ? -2.344  6.062   -6.570  1.00 10.91 ? 86  PHE A CA  1 
ATOM   653  C  C   . PHE A 1 86  ? -1.043  6.807   -6.715  1.00 12.82 ? 86  PHE A C   1 
ATOM   654  O  O   . PHE A 1 86  ? -0.144  6.388   -7.461  1.00 13.26 ? 86  PHE A O   1 
ATOM   655  C  CB  . PHE A 1 86  ? -2.551  5.609   -5.097  1.00 11.44 ? 86  PHE A CB  1 
ATOM   656  C  CG  . PHE A 1 86  ? -1.538  4.608   -4.590  1.00 11.29 ? 86  PHE A CG  1 
ATOM   657  C  CD1 . PHE A 1 86  ? -1.600  3.271   -4.994  1.00 13.18 ? 86  PHE A CD1 1 
ATOM   658  C  CD2 . PHE A 1 86  ? -0.545  4.992   -3.687  1.00 12.61 ? 86  PHE A CD2 1 
ATOM   659  C  CE1 . PHE A 1 86  ? -0.683  2.344   -4.508  1.00 11.81 ? 86  PHE A CE1 1 
ATOM   660  C  CE2 . PHE A 1 86  ? 0.359   4.067   -3.199  1.00 13.86 ? 86  PHE A CE2 1 
ATOM   661  C  CZ  . PHE A 1 86  ? 0.287   2.744   -3.603  1.00 14.79 ? 86  PHE A CZ  1 
ATOM   662  N  N   . ARG A 1 87  ? -0.975  7.953   -6.056  1.00 15.49 ? 87  ARG A N   1 
ATOM   663  C  CA  . ARG A 1 87  ? 0.212   8.792   -6.082  1.00 16.79 ? 87  ARG A CA  1 
ATOM   664  C  C   . ARG A 1 87  ? 0.645   9.080   -4.658  1.00 15.68 ? 87  ARG A C   1 
ATOM   665  O  O   . ARG A 1 87  ? -0.189  9.384   -3.803  1.00 18.17 ? 87  ARG A O   1 
ATOM   666  C  CB  . ARG A 1 87  ? -0.061  10.093  -6.846  1.00 18.92 ? 87  ARG A CB  1 
ATOM   667  C  CG  . ARG A 1 87  ? 1.165   10.994  -6.976  1.00 23.11 ? 87  ARG A CG  1 
ATOM   668  C  CD  . ARG A 1 87  ? 0.845   12.331  -7.648  1.00 30.41 ? 87  ARG A CD  1 
ATOM   669  N  NE  . ARG A 1 87  ? 0.211   12.171  -8.955  1.00 46.21 ? 87  ARG A NE  1 
ATOM   670  C  CZ  . ARG A 1 87  ? -1.068  12.448  -9.204  1.00 48.00 ? 87  ARG A CZ  1 
ATOM   671  N  NH1 . ARG A 1 87  ? -1.849  12.905  -8.233  1.00 42.45 1 87  ARG A NH1 1 
ATOM   672  N  NH2 . ARG A 1 87  ? -1.566  12.271  -10.421 1.00 41.94 ? 87  ARG A NH2 1 
ATOM   673  N  N   . VAL A 1 88  ? 1.936   8.937   -4.407  1.00 17.07 ? 88  VAL A N   1 
ATOM   674  C  CA  . VAL A 1 88  ? 2.503   9.171   -3.094  1.00 18.65 ? 88  VAL A CA  1 
ATOM   675  C  C   . VAL A 1 88  ? 3.362   10.413  -3.169  1.00 23.20 ? 88  VAL A C   1 
ATOM   676  O  O   . VAL A 1 88  ? 4.237   10.518  -4.016  1.00 21.96 ? 88  VAL A O   1 
ATOM   677  C  CB  . VAL A 1 88  ? 3.351   7.981   -2.613  1.00 19.06 ? 88  VAL A CB  1 
ATOM   678  C  CG1 . VAL A 1 88  ? 4.017   8.308   -1.283  1.00 27.28 ? 88  VAL A CG1 1 
ATOM   679  C  CG2 . VAL A 1 88  ? 2.489   6.724   -2.495  1.00 22.54 ? 88  VAL A CG2 1 
ATOM   680  N  N   . GLU A 1 89  ? 3.085   11.379  -2.311  1.00 19.79 ? 89  GLU A N   1 
ATOM   681  C  CA  A GLU A 1 89  ? 3.911   12.571  -2.242  0.71 29.17 ? 89  GLU A CA  1 
ATOM   682  C  CA  B GLU A 1 89  ? 3.897   12.582  -2.233  0.29 29.17 ? 89  GLU A CA  1 
ATOM   683  C  C   . GLU A 1 89  ? 4.804   12.495  -1.017  1.00 25.83 ? 89  GLU A C   1 
ATOM   684  O  O   . GLU A 1 89  ? 4.355   12.163  0.081   1.00 25.23 ? 89  GLU A O   1 
ATOM   685  C  CB  A GLU A 1 89  ? 3.050   13.833  -2.226  0.71 28.84 ? 89  GLU A CB  1 
ATOM   686  C  CB  B GLU A 1 89  ? 3.017   13.832  -2.173  0.29 28.96 ? 89  GLU A CB  1 
ATOM   687  C  CG  A GLU A 1 89  ? 2.437   14.144  -3.583  0.71 33.50 ? 89  GLU A CG  1 
ATOM   688  C  CG  B GLU A 1 89  ? 2.076   13.970  -3.361  0.29 34.04 ? 89  GLU A CG  1 
ATOM   689  C  CD  A GLU A 1 89  ? 1.461   15.297  -3.536  0.71 43.06 ? 89  GLU A CD  1 
ATOM   690  C  CD  B GLU A 1 89  ? 1.291   15.266  -3.340  0.29 42.66 ? 89  GLU A CD  1 
ATOM   691  O  OE1 A GLU A 1 89  ? 1.251   15.854  -2.437  0.71 44.39 ? 89  GLU A OE1 1 
ATOM   692  O  OE1 B GLU A 1 89  ? 1.838   16.285  -2.869  0.29 43.05 ? 89  GLU A OE1 1 
ATOM   693  O  OE2 A GLU A 1 89  ? 0.905   15.648  -4.600  0.71 45.43 1 89  GLU A OE2 1 
ATOM   694  O  OE2 B GLU A 1 89  ? 0.127   15.266  -3.796  0.29 43.59 1 89  GLU A OE2 1 
ATOM   695  N  N   . MET A 1 90  ? 6.079   12.778  -1.225  1.00 32.12 ? 90  MET A N   1 
ATOM   696  C  CA  . MET A 1 90  ? 7.065   12.665  -0.172  1.00 42.95 ? 90  MET A CA  1 
ATOM   697  C  C   . MET A 1 90  ? 8.169   13.686  -0.391  1.00 45.52 ? 90  MET A C   1 
ATOM   698  O  O   . MET A 1 90  ? 8.357   14.185  -1.500  1.00 42.77 ? 90  MET A O   1 
ATOM   699  C  CB  . MET A 1 90  ? 7.628   11.244  -0.131  1.00 42.09 ? 90  MET A CB  1 
ATOM   700  C  CG  . MET A 1 90  ? 7.893   10.663  -1.517  1.00 51.08 ? 90  MET A CG  1 
ATOM   701  S  SD  . MET A 1 90  ? 8.006   8.865   -1.575  1.00 67.13 ? 90  MET A SD  1 
ATOM   702  C  CE  . MET A 1 90  ? 8.682   8.504   0.046   1.00 65.21 ? 90  MET A CE  1 
ATOM   703  N  N   . VAL A 1 91  ? 8.889   13.997  0.679   1.00 55.44 ? 91  VAL A N   1 
ATOM   704  C  CA  . VAL A 1 91  ? 9.948   14.992  0.627   1.00 57.71 ? 91  VAL A CA  1 
ATOM   705  C  C   . VAL A 1 91  ? 11.316  14.307  0.594   1.00 56.28 ? 91  VAL A C   1 
ATOM   706  O  O   . VAL A 1 91  ? 11.676  13.583  1.525   1.00 55.41 ? 91  VAL A O   1 
ATOM   707  C  CB  . VAL A 1 91  ? 9.863   15.949  1.834   1.00 51.76 ? 91  VAL A CB  1 
ATOM   708  C  CG1 . VAL A 1 91  ? 11.008  16.929  1.817   1.00 61.23 ? 91  VAL A CG1 1 
ATOM   709  C  CG2 . VAL A 1 91  ? 8.518   16.677  1.850   1.00 55.64 ? 91  VAL A CG2 1 
ATOM   710  N  N   . TRP A 1 92  ? 12.063  14.524  -0.490  1.00 54.54 ? 92  TRP A N   1 
ATOM   711  C  CA  . TRP A 1 92  ? 13.391  13.926  -0.658  1.00 63.56 ? 92  TRP A CA  1 
ATOM   712  C  C   . TRP A 1 92  ? 14.505  14.968  -0.867  1.00 65.29 ? 92  TRP A C   1 
ATOM   713  O  O   . TRP A 1 92  ? 14.392  15.830  -1.738  1.00 59.35 ? 92  TRP A O   1 
ATOM   714  C  CB  . TRP A 1 92  ? 13.377  12.938  -1.823  1.00 59.89 ? 92  TRP A CB  1 
ATOM   715  C  CG  . TRP A 1 92  ? 14.663  12.208  -1.927  1.00 66.84 ? 92  TRP A CG  1 
ATOM   716  C  CD1 . TRP A 1 92  ? 15.343  11.617  -0.907  1.00 68.35 ? 92  TRP A CD1 1 
ATOM   717  C  CD2 . TRP A 1 92  ? 15.453  12.009  -3.109  1.00 70.70 ? 92  TRP A CD2 1 
ATOM   718  N  NE1 . TRP A 1 92  ? 16.506  11.055  -1.376  1.00 69.67 ? 92  TRP A NE1 1 
ATOM   719  C  CE2 . TRP A 1 92  ? 16.597  11.281  -2.724  1.00 74.57 ? 92  TRP A CE2 1 
ATOM   720  C  CE3 . TRP A 1 92  ? 15.302  12.370  -4.452  1.00 62.82 ? 92  TRP A CE3 1 
ATOM   721  C  CZ2 . TRP A 1 92  ? 17.583  10.906  -3.632  1.00 69.86 ? 92  TRP A CZ2 1 
ATOM   722  C  CZ3 . TRP A 1 92  ? 16.285  11.996  -5.354  1.00 59.96 ? 92  TRP A CZ3 1 
ATOM   723  C  CH2 . TRP A 1 92  ? 17.412  11.272  -4.939  1.00 62.18 ? 92  TRP A CH2 1 
ATOM   724  N  N   . ASN A 1 93  ? 15.591  14.851  -0.095  1.00 66.76 ? 93  ASN A N   1 
ATOM   725  C  CA  . ASN A 1 93  ? 16.567  15.944  0.070   1.00 64.89 ? 93  ASN A CA  1 
ATOM   726  C  C   . ASN A 1 93  ? 15.859  17.279  0.241   1.00 67.57 ? 93  ASN A C   1 
ATOM   727  O  O   . ASN A 1 93  ? 16.255  18.294  -0.351  1.00 69.88 ? 93  ASN A O   1 
ATOM   728  C  CB  . ASN A 1 93  ? 17.556  16.048  -1.103  1.00 63.51 ? 93  ASN A CB  1 
ATOM   729  C  CG  . ASN A 1 93  ? 18.385  14.790  -1.287  1.00 64.70 ? 93  ASN A CG  1 
ATOM   730  O  OD1 . ASN A 1 93  ? 18.861  14.207  -0.310  1.00 68.68 ? 93  ASN A OD1 1 
ATOM   731  N  ND2 . ASN A 1 93  ? 18.655  14.429  -2.542  1.00 69.10 ? 93  ASN A ND2 1 
ATOM   732  N  N   . GLY A 1 94  ? 14.791  17.277  1.033   1.00 67.27 ? 94  GLY A N   1 
ATOM   733  C  CA  . GLY A 1 94  ? 14.014  18.484  1.235   1.00 66.04 ? 94  GLY A CA  1 
ATOM   734  C  C   . GLY A 1 94  ? 13.320  18.978  -0.020  1.00 66.19 ? 94  GLY A C   1 
ATOM   735  O  O   . GLY A 1 94  ? 12.833  20.111  -0.054  1.00 63.92 ? 94  GLY A O   1 
ATOM   736  N  N   . GLN A 1 95  ? 13.295  18.130  -1.048  1.00 63.27 ? 95  GLN A N   1 
ATOM   737  C  CA  . GLN A 1 95  ? 12.616  18.408  -2.314  1.00 58.37 ? 95  GLN A CA  1 
ATOM   738  C  C   . GLN A 1 95  ? 11.349  17.576  -2.341  1.00 53.69 ? 95  GLN A C   1 
ATOM   739  O  O   . GLN A 1 95  ? 11.376  16.379  -2.035  1.00 52.81 ? 95  GLN A O   1 
ATOM   740  C  CB  . GLN A 1 95  ? 13.518  18.066  -3.512  1.00 58.27 ? 95  GLN A CB  1 
ATOM   741  C  CG  . GLN A 1 95  ? 12.958  18.181  -4.955  1.00 66.08 ? 95  GLN A CG  1 
ATOM   742  C  CD  . GLN A 1 95  ? 12.321  19.515  -5.331  1.00 67.60 ? 95  GLN A CD  1 
ATOM   743  O  OE1 . GLN A 1 95  ? 12.521  20.531  -4.667  1.00 73.99 ? 95  GLN A OE1 1 
ATOM   744  N  NE2 . GLN A 1 95  ? 11.535  19.507  -6.406  1.00 58.25 ? 95  GLN A NE2 1 
ATOM   745  N  N   . PRO A 1 96  ? 10.222  18.211  -2.677  1.00 52.59 ? 96  PRO A N   1 
ATOM   746  C  CA  . PRO A 1 96  ? 8.986   17.441  -2.803  1.00 52.95 ? 96  PRO A CA  1 
ATOM   747  C  C   . PRO A 1 96  ? 8.988   16.545  -4.040  1.00 48.63 ? 96  PRO A C   1 
ATOM   748  O  O   . PRO A 1 96  ? 9.133   17.037  -5.160  1.00 48.55 ? 96  PRO A O   1 
ATOM   749  C  CB  . PRO A 1 96  ? 7.904   18.526  -2.903  1.00 48.92 ? 96  PRO A CB  1 
ATOM   750  C  CG  . PRO A 1 96  ? 8.614   19.724  -3.439  1.00 58.34 ? 96  PRO A CG  1 
ATOM   751  C  CD  . PRO A 1 96  ? 9.996   19.657  -2.841  1.00 54.46 ? 96  PRO A CD  1 
ATOM   752  N  N   . CYS A 1 97  ? 8.835   15.240  -3.832  1.00 37.73 ? 97  CYS A N   1 
ATOM   753  C  CA  A CYS A 1 97  ? 8.726   14.333  -4.962  0.62 35.83 ? 97  CYS A CA  1 
ATOM   754  C  CA  B CYS A 1 97  ? 8.764   14.270  -4.919  0.38 35.87 ? 97  CYS A CA  1 
ATOM   755  C  C   . CYS A 1 97  ? 7.423   13.549  -4.915  1.00 29.52 ? 97  CYS A C   1 
ATOM   756  O  O   . CYS A 1 97  ? 6.801   13.404  -3.858  1.00 29.53 ? 97  CYS A O   1 
ATOM   757  C  CB  A CYS A 1 97  ? 9.926   13.382  -5.021  0.62 36.74 ? 97  CYS A CB  1 
ATOM   758  C  CB  B CYS A 1 97  ? 9.890   13.244  -4.808  0.38 36.56 ? 97  CYS A CB  1 
ATOM   759  S  SG  A CYS A 1 97  ? 10.096  12.267  -3.624  0.62 38.86 ? 97  CYS A SG  1 
ATOM   760  S  SG  B CYS A 1 97  ? 11.548  13.938  -4.827  0.38 42.20 ? 97  CYS A SG  1 
ATOM   761  N  N   . ALA A 1 98  ? 7.004   13.078  -6.087  1.00 26.94 ? 98  ALA A N   1 
ATOM   762  C  CA  . ALA A 1 98  ? 5.778   12.305  -6.228  1.00 21.45 ? 98  ALA A CA  1 
ATOM   763  C  C   . ALA A 1 98  ? 6.083   10.982  -6.913  1.00 28.02 ? 98  ALA A C   1 
ATOM   764  O  O   . ALA A 1 98  ? 6.874   10.929  -7.850  1.00 26.60 ? 98  ALA A O   1 
ATOM   765  C  CB  . ALA A 1 98  ? 4.739   13.081  -7.015  1.00 24.92 ? 98  ALA A CB  1 
ATOM   766  N  N   . LEU A 1 99  ? 5.447   9.920   -6.437  1.00 20.76 ? 99  LEU A N   1 
ATOM   767  C  CA  . LEU A 1 99  ? 5.643   8.583   -6.979  1.00 18.39 ? 99  LEU A CA  1 
ATOM   768  C  C   . LEU A 1 99  ? 4.307   7.989   -7.367  1.00 14.60 ? 99  LEU A C   1 
ATOM   769  O  O   . LEU A 1 99  ? 3.403   7.915   -6.537  1.00 16.20 ? 99  LEU A O   1 
ATOM   770  C  CB  . LEU A 1 99  ? 6.319   7.682   -5.954  1.00 17.65 ? 99  LEU A CB  1 
ATOM   771  C  CG  . LEU A 1 99  ? 6.621   6.263   -6.443  1.00 17.40 ? 99  LEU A CG  1 
ATOM   772  C  CD1 . LEU A 1 99  ? 7.725   6.274   -7.494  1.00 21.04 ? 99  LEU A CD1 1 
ATOM   773  C  CD2 . LEU A 1 99  ? 6.986   5.368   -5.285  1.00 18.39 ? 99  LEU A CD2 1 
ATOM   774  N  N   . ASP A 1 100 ? 4.181   7.589   -8.627  1.00 15.26 ? 100 ASP A N   1 
ATOM   775  C  CA  . ASP A 1 100 ? 2.988   6.909   -9.120  1.00 14.30 ? 100 ASP A CA  1 
ATOM   776  C  C   . ASP A 1 100 ? 3.141   5.399   -8.959  1.00 13.86 ? 100 ASP A C   1 
ATOM   777  O  O   . ASP A 1 100 ? 4.143   4.811   -9.361  1.00 14.95 ? 100 ASP A O   1 
ATOM   778  C  CB  . ASP A 1 100 ? 2.730   7.255   -10.583 1.00 15.14 ? 100 ASP A CB  1 
ATOM   779  C  CG  . ASP A 1 100 ? 2.436   8.724   -10.796 1.00 18.51 ? 100 ASP A CG  1 
ATOM   780  O  OD1 . ASP A 1 100 ? 1.538   9.268   -10.110 1.00 19.91 ? 100 ASP A OD1 1 
ATOM   781  O  OD2 . ASP A 1 100 ? 3.113   9.331   -11.658 1.00 21.74 1 100 ASP A OD2 1 
ATOM   782  N  N   . VAL A 1 101 ? 2.134   4.780   -8.355  1.00 13.67 ? 101 VAL A N   1 
ATOM   783  C  CA  . VAL A 1 101 ? 2.194   3.375   -7.939  1.00 12.40 ? 101 VAL A CA  1 
ATOM   784  C  C   . VAL A 1 101 ? 0.902   2.656   -8.286  1.00 11.69 ? 101 VAL A C   1 
ATOM   785  O  O   . VAL A 1 101 ? -0.162  3.268   -8.325  1.00 12.13 ? 101 VAL A O   1 
ATOM   786  C  CB  . VAL A 1 101 ? 2.440   3.256   -6.409  1.00 11.29 ? 101 VAL A CB  1 
ATOM   787  C  CG1 . VAL A 1 101 ? 2.610   1.805   -5.960  1.00 13.52 ? 101 VAL A CG1 1 
ATOM   788  C  CG2 . VAL A 1 101 ? 3.644   4.090   -5.978  1.00 15.12 ? 101 VAL A CG2 1 
ATOM   789  N  N   . ILE A 1 102 ? 0.991   1.363   -8.591  1.00 10.08 ? 102 ILE A N   1 
ATOM   790  C  CA  . ILE A 1 102 ? -0.207  0.511   -8.605  1.00 10.41 ? 102 ILE A CA  1 
ATOM   791  C  C   . ILE A 1 102 ? 0.025   -0.625  -7.630  1.00 10.07 ? 102 ILE A C   1 
ATOM   792  O  O   . ILE A 1 102 ? 1.039   -1.322  -7.697  1.00 10.99 ? 102 ILE A O   1 
ATOM   793  C  CB  . ILE A 1 102 ? -0.540  -0.048  -10.006 1.00 8.85  ? 102 ILE A CB  1 
ATOM   794  C  CG1 . ILE A 1 102 ? -1.195  1.046   -10.861 1.00 11.92 ? 102 ILE A CG1 1 
ATOM   795  C  CG2 . ILE A 1 102 ? -1.459  -1.248  -9.893  1.00 10.62 ? 102 ILE A CG2 1 
ATOM   796  C  CD1 . ILE A 1 102 ? -1.389  0.709   -12.359 1.00 11.16 ? 102 ILE A CD1 1 
ATOM   797  N  N   . ASP A 1 103 ? -0.890  -0.767  -6.677  1.00 10.99 ? 103 ASP A N   1 
ATOM   798  C  CA  . ASP A 1 103 ? -0.857  -1.890  -5.743  1.00 10.43 ? 103 ASP A CA  1 
ATOM   799  C  C   . ASP A 1 103 ? -1.836  -2.956  -6.164  1.00 10.92 ? 103 ASP A C   1 
ATOM   800  O  O   . ASP A 1 103 ? -3.001  -2.651  -6.494  1.00 12.89 ? 103 ASP A O   1 
ATOM   801  C  CB  . ASP A 1 103 ? -1.202  -1.439  -4.322  1.00 12.10 ? 103 ASP A CB  1 
ATOM   802  C  CG  . ASP A 1 103 ? -0.040  -0.822  -3.581  1.00 14.34 ? 103 ASP A CG  1 
ATOM   803  O  OD1 . ASP A 1 103 ? 1.052   -0.625  -4.135  1.00 13.20 ? 103 ASP A OD1 1 
ATOM   804  O  OD2 . ASP A 1 103 ? -0.277  -0.510  -2.388  1.00 14.48 1 103 ASP A OD2 1 
ATOM   805  N  N   . VAL A 1 104 ? -1.372  -4.197  -6.163  1.00 11.44 ? 104 VAL A N   1 
ATOM   806  C  CA  . VAL A 1 104 ? -2.223  -5.363  -6.317  1.00 11.85 ? 104 VAL A CA  1 
ATOM   807  C  C   . VAL A 1 104 ? -2.275  -6.068  -4.956  1.00 12.13 ? 104 VAL A C   1 
ATOM   808  O  O   . VAL A 1 104 ? -1.239  -6.287  -4.333  1.00 12.90 ? 104 VAL A O   1 
ATOM   809  C  CB  . VAL A 1 104 ? -1.691  -6.322  -7.406  1.00 12.68 ? 104 VAL A CB  1 
ATOM   810  C  CG1 . VAL A 1 104 ? -2.591  -7.553  -7.534  1.00 15.33 ? 104 VAL A CG1 1 
ATOM   811  C  CG2 . VAL A 1 104 ? -1.590  -5.599  -8.740  1.00 13.41 ? 104 VAL A CG2 1 
ATOM   812  N  N   . MET A 1 105 ? -3.469  -6.401  -4.464  1.00 12.00 ? 105 MET A N   1 
ATOM   813  C  CA  . MET A 1 105 ? -3.628  -7.055  -3.160  1.00 12.41 ? 105 MET A CA  1 
ATOM   814  C  C   . MET A 1 105 ? -4.514  -8.283  -3.262  1.00 14.95 ? 105 MET A C   1 
ATOM   815  O  O   . MET A 1 105 ? -5.475  -8.305  -4.040  1.00 14.81 ? 105 MET A O   1 
ATOM   816  C  CB  . MET A 1 105 ? -4.237  -6.087  -2.149  1.00 13.11 ? 105 MET A CB  1 
ATOM   817  C  CG  . MET A 1 105 ? -3.317  -4.934  -1.760  1.00 12.66 ? 105 MET A CG  1 
ATOM   818  S  SD  . MET A 1 105 ? -4.073  -3.804  -0.576  1.00 14.70 ? 105 MET A SD  1 
ATOM   819  C  CE  . MET A 1 105 ? -2.615  -2.836  -0.149  1.00 14.40 ? 105 MET A CE  1 
ATOM   820  N  N   . ARG A 1 106 ? -4.168  -9.309  -2.500  1.00 14.90 ? 106 ARG A N   1 
ATOM   821  C  CA  . ARG A 1 106 ? -5.029  -10.456 -2.264  1.00 15.45 ? 106 ARG A CA  1 
ATOM   822  C  C   . ARG A 1 106 ? -5.356  -10.523 -0.776  1.00 15.50 ? 106 ARG A C   1 
ATOM   823  O  O   . ARG A 1 106 ? -4.452  -10.477 0.076   1.00 15.90 ? 106 ARG A O   1 
ATOM   824  C  CB  . ARG A 1 106 ? -4.366  -11.753 -2.714  1.00 16.08 ? 106 ARG A CB  1 
ATOM   825  C  CG  . ARG A 1 106 ? -5.221  -12.966 -2.378  1.00 17.49 ? 106 ARG A CG  1 
ATOM   826  C  CD  . ARG A 1 106 ? -4.740  -14.234 -3.047  1.00 22.17 ? 106 ARG A CD  1 
ATOM   827  N  NE  . ARG A 1 106 ? -3.378  -14.605 -2.675  1.00 24.98 ? 106 ARG A NE  1 
ATOM   828  C  CZ  . ARG A 1 106 ? -3.068  -15.370 -1.633  1.00 25.23 ? 106 ARG A CZ  1 
ATOM   829  N  NH1 . ARG A 1 106 ? -4.019  -15.812 -0.820  1.00 30.51 1 106 ARG A NH1 1 
ATOM   830  N  NH2 . ARG A 1 106 ? -1.798  -15.668 -1.386  1.00 30.58 ? 106 ARG A NH2 1 
ATOM   831  N  N   . PHE A 1 107 ? -6.642  -10.605 -0.462  1.00 15.40 ? 107 PHE A N   1 
ATOM   832  C  CA  . PHE A 1 107 ? -7.099  -10.660 0.921   1.00 15.63 ? 107 PHE A CA  1 
ATOM   833  C  C   . PHE A 1 107 ? -7.370  -12.090 1.350   1.00 18.47 ? 107 PHE A C   1 
ATOM   834  O  O   . PHE A 1 107 ? -7.689  -12.935 0.517   1.00 19.66 ? 107 PHE A O   1 
ATOM   835  C  CB  . PHE A 1 107 ? -8.355  -9.803  1.101   1.00 17.30 ? 107 PHE A CB  1 
ATOM   836  C  CG  . PHE A 1 107 ? -8.093  -8.329  0.971   1.00 14.98 ? 107 PHE A CG  1 
ATOM   837  C  CD1 . PHE A 1 107 ? -8.027  -7.720  -0.274  1.00 15.87 ? 107 PHE A CD1 1 
ATOM   838  C  CD2 . PHE A 1 107 ? -7.881  -7.557  2.099   1.00 16.38 ? 107 PHE A CD2 1 
ATOM   839  C  CE1 . PHE A 1 107 ? -7.760  -6.363  -0.380  1.00 15.35 ? 107 PHE A CE1 1 
ATOM   840  C  CE2 . PHE A 1 107 ? -7.626  -6.208  1.996   1.00 16.59 ? 107 PHE A CE2 1 
ATOM   841  C  CZ  . PHE A 1 107 ? -7.555  -5.609  0.748   1.00 14.98 ? 107 PHE A CZ  1 
ATOM   842  N  N   . ASP A 1 108 ? -7.219  -12.368 2.646   1.00 18.51 ? 108 ASP A N   1 
ATOM   843  C  CA  . ASP A 1 108 ? -7.533  -13.700 3.164   1.00 23.10 ? 108 ASP A CA  1 
ATOM   844  C  C   . ASP A 1 108 ? -9.002  -13.797 3.534   1.00 24.52 ? 108 ASP A C   1 
ATOM   845  O  O   . ASP A 1 108 ? -9.764  -12.846 3.355   1.00 22.40 ? 108 ASP A O   1 
ATOM   846  C  CB  . ASP A 1 108 ? -6.642  -14.075 4.365   1.00 25.70 ? 108 ASP A CB  1 
ATOM   847  C  CG  . ASP A 1 108 ? -6.878  -13.206 5.606   1.00 22.02 ? 108 ASP A CG  1 
ATOM   848  O  OD1 . ASP A 1 108 ? -7.892  -12.493 5.725   1.00 22.19 ? 108 ASP A OD1 1 
ATOM   849  O  OD2 . ASP A 1 108 ? -6.009  -13.251 6.502   1.00 25.44 1 108 ASP A OD2 1 
ATOM   850  N  N   . GLU A 1 109 ? -9.386  -14.941 4.092   1.00 28.27 ? 109 GLU A N   1 
ATOM   851  C  CA  . GLU A 1 109 ? -10.783 -15.215 4.409   1.00 30.49 ? 109 GLU A CA  1 
ATOM   852  C  C   . GLU A 1 109 ? -11.242 -14.524 5.689   1.00 33.56 ? 109 GLU A C   1 
ATOM   853  O  O   . GLU A 1 109 ? -12.327 -14.805 6.191   1.00 33.82 ? 109 GLU A O   1 
ATOM   854  C  CB  . GLU A 1 109 ? -11.002 -16.726 4.504   1.00 36.32 ? 109 GLU A CB  1 
ATOM   855  C  CG  . GLU A 1 109 ? -10.239 -17.501 3.432   1.00 42.42 ? 109 GLU A CG  1 
ATOM   856  C  CD  . GLU A 1 109 ? -10.054 -18.970 3.762   1.00 56.20 ? 109 GLU A CD  1 
ATOM   857  O  OE1 . GLU A 1 109 ? -11.003 -19.755 3.545   1.00 58.10 ? 109 GLU A OE1 1 
ATOM   858  O  OE2 . GLU A 1 109 ? -8.960  -19.339 4.241   1.00 60.21 1 109 GLU A OE2 1 
ATOM   859  N  N   . HIS A 1 110 ? -10.413 -13.617 6.201   1.00 28.56 ? 110 HIS A N   1 
ATOM   860  C  CA  . HIS A 1 110 ? -10.780 -12.788 7.340   1.00 28.54 ? 110 HIS A CA  1 
ATOM   861  C  C   . HIS A 1 110 ? -10.706 -11.306 7.004   1.00 27.13 ? 110 HIS A C   1 
ATOM   862  O  O   . HIS A 1 110 ? -10.829 -10.453 7.878   1.00 28.78 ? 110 HIS A O   1 
ATOM   863  C  CB  . HIS A 1 110 ? -9.882  -13.094 8.537   1.00 29.76 ? 110 HIS A CB  1 
ATOM   864  C  CG  . HIS A 1 110 ? -10.037 -14.487 9.060   1.00 30.39 ? 110 HIS A CG  1 
ATOM   865  N  ND1 . HIS A 1 110 ? -9.085  -15.464 8.867   1.00 39.23 ? 110 HIS A ND1 1 
ATOM   866  C  CD2 . HIS A 1 110 ? -11.043 -15.071 9.753   1.00 42.30 ? 110 HIS A CD2 1 
ATOM   867  C  CE1 . HIS A 1 110 ? -9.494  -16.589 9.426   1.00 44.60 ? 110 HIS A CE1 1 
ATOM   868  N  NE2 . HIS A 1 110 ? -10.678 -16.378 9.972   1.00 48.68 ? 110 HIS A NE2 1 
ATOM   869  N  N   . GLY A 1 111 ? -10.492 -10.999 5.730   1.00 23.34 ? 111 GLY A N   1 
ATOM   870  C  CA  . GLY A 1 111 ? -10.464 -9.613  5.303   1.00 25.20 ? 111 GLY A CA  1 
ATOM   871  C  C   . GLY A 1 111 ? -9.147  -8.890  5.540   1.00 17.03 ? 111 GLY A C   1 
ATOM   872  O  O   . GLY A 1 111 ? -9.108  -7.663  5.526   1.00 19.61 ? 111 GLY A O   1 
ATOM   873  N  N   . ARG A 1 112 ? -8.072  -9.642  5.761   1.00 17.95 ? 112 ARG A N   1 
ATOM   874  C  CA  . ARG A 1 112 ? -6.761  -9.025  5.921   1.00 17.08 ? 112 ARG A CA  1 
ATOM   875  C  C   . ARG A 1 112 ? -5.905  -9.238  4.674   1.00 18.28 ? 112 ARG A C   1 
ATOM   876  O  O   . ARG A 1 112 ? -6.086  -10.203 3.938   1.00 17.75 ? 112 ARG A O   1 
ATOM   877  C  CB  . ARG A 1 112 ? -6.063  -9.570  7.175   1.00 18.22 ? 112 ARG A CB  1 
ATOM   878  C  CG  . ARG A 1 112 ? -6.833  -9.241  8.448   1.00 22.63 ? 112 ARG A CG  1 
ATOM   879  C  CD  . ARG A 1 112 ? -6.104  -9.675  9.708   1.00 34.70 ? 112 ARG A CD  1 
ATOM   880  N  NE  . ARG A 1 112 ? -6.834  -9.272  10.910  1.00 44.07 ? 112 ARG A NE  1 
ATOM   881  C  CZ  . ARG A 1 112 ? -7.634  -10.073 11.608  1.00 49.01 ? 112 ARG A CZ  1 
ATOM   882  N  NH1 . ARG A 1 112 ? -7.812  -11.335 11.236  1.00 41.39 1 112 ARG A NH1 1 
ATOM   883  N  NH2 . ARG A 1 112 ? -8.254  -9.611  12.686  1.00 55.77 ? 112 ARG A NH2 1 
ATOM   884  N  N   . ILE A 1 113 ? -4.977  -8.318  4.435   1.00 15.13 ? 113 ILE A N   1 
ATOM   885  C  CA  . ILE A 1 113 ? -4.131  -8.402  3.243   1.00 14.35 ? 113 ILE A CA  1 
ATOM   886  C  C   . ILE A 1 113 ? -3.166  -9.560  3.389   1.00 16.56 ? 113 ILE A C   1 
ATOM   887  O  O   . ILE A 1 113 ? -2.319  -9.536  4.286   1.00 15.31 ? 113 ILE A O   1 
ATOM   888  C  CB  . ILE A 1 113 ? -3.323  -7.117  3.010   1.00 14.91 ? 113 ILE A CB  1 
ATOM   889  C  CG1 . ILE A 1 113 ? -4.226  -5.881  3.016   1.00 15.51 ? 113 ILE A CG1 1 
ATOM   890  C  CG2 . ILE A 1 113 ? -2.540  -7.232  1.713   1.00 14.32 ? 113 ILE A CG2 1 
ATOM   891  C  CD1 . ILE A 1 113 ? -3.479  -4.585  3.160   1.00 16.85 ? 113 ILE A CD1 1 
ATOM   892  N  N   . GLN A 1 114 ? -3.295  -10.573 2.547   1.00 15.28 ? 114 GLN A N   1 
ATOM   893  C  CA  . GLN A 1 114 ? -2.394  -11.715 2.570   1.00 16.82 ? 114 GLN A CA  1 
ATOM   894  C  C   . GLN A 1 114 ? -1.135  -11.444 1.763   1.00 17.50 ? 114 GLN A C   1 
ATOM   895  O  O   . GLN A 1 114 ? -0.023  -11.757 2.204   1.00 19.30 ? 114 GLN A O   1 
ATOM   896  C  CB  . GLN A 1 114 ? -3.086  -12.962 2.027   1.00 18.05 ? 114 GLN A CB  1 
ATOM   897  C  CG  . GLN A 1 114 ? -2.309  -14.249 2.273   1.00 21.33 ? 114 GLN A CG  1 
ATOM   898  C  CD  . GLN A 1 114 ? -2.170  -14.565 3.758   1.00 22.93 ? 114 GLN A CD  1 
ATOM   899  O  OE1 . GLN A 1 114 ? -3.134  -14.980 4.398   1.00 27.76 ? 114 GLN A OE1 1 
ATOM   900  N  NE2 . GLN A 1 114 ? -0.973  -14.362 4.311   1.00 23.64 ? 114 GLN A NE2 1 
ATOM   901  N  N   . THR A 1 115 ? -1.307  -10.891 0.562   1.00 15.64 ? 115 THR A N   1 
ATOM   902  C  CA  . THR A 1 115 ? -0.171  -10.496 -0.256  1.00 17.07 ? 115 THR A CA  1 
ATOM   903  C  C   . THR A 1 115 ? -0.401  -9.139  -0.876  1.00 14.34 ? 115 THR A C   1 
ATOM   904  O  O   . THR A 1 115 ? -1.528  -8.738  -1.159  1.00 15.28 ? 115 THR A O   1 
ATOM   905  C  CB  . THR A 1 115 ? 0.122   -11.479 -1.403  1.00 16.60 ? 115 THR A CB  1 
ATOM   906  O  OG1 . THR A 1 115 ? -0.866  -11.320 -2.425  1.00 19.28 ? 115 THR A OG1 1 
ATOM   907  C  CG2 . THR A 1 115 ? 0.138   -12.927 -0.919  1.00 23.06 ? 115 THR A CG2 1 
ATOM   908  N  N   . MET A 1 116 ? 0.682   -8.421  -1.097  1.00 14.53 ? 116 MET A N   1 
ATOM   909  C  CA  A MET A 1 116 ? 0.564   -7.226  -1.877  0.54 15.39 ? 116 MET A CA  1 
ATOM   910  C  CA  B MET A 1 116 ? 0.641   -7.115  -1.769  0.46 14.81 ? 116 MET A CA  1 
ATOM   911  C  C   . MET A 1 116 ? 1.812   -7.043  -2.722  1.00 12.89 ? 116 MET A C   1 
ATOM   912  O  O   . MET A 1 116 ? 2.921   -7.435  -2.342  1.00 14.13 ? 116 MET A O   1 
ATOM   913  C  CB  A MET A 1 116 ? 0.288   -6.042  -0.964  0.54 16.02 ? 116 MET A CB  1 
ATOM   914  C  CB  B MET A 1 116 ? 0.708   -5.949  -0.768  0.46 15.77 ? 116 MET A CB  1 
ATOM   915  C  CG  A MET A 1 116 ? 1.494   -5.528  -0.254  0.54 16.49 ? 116 MET A CG  1 
ATOM   916  C  CG  B MET A 1 116 ? 0.471   -4.524  -1.356  0.46 14.27 ? 116 MET A CG  1 
ATOM   917  S  SD  A MET A 1 116 ? 2.252   -4.354  -1.365  0.54 15.99 ? 116 MET A SD  1 
ATOM   918  S  SD  B MET A 1 116 ? 1.851   -3.605  -2.129  0.46 13.27 ? 116 MET A SD  1 
ATOM   919  C  CE  A MET A 1 116 ? 0.761   -3.435  -1.770  0.54 12.18 ? 116 MET A CE  1 
ATOM   920  C  CE  B MET A 1 116 ? 3.295   -4.414  -1.499  0.46 22.18 ? 116 MET A CE  1 
ATOM   921  N  N   . GLN A 1 117 ? 1.590   -6.484  -3.905  1.00 13.81 ? 117 GLN A N   1 
ATOM   922  C  CA  . GLN A 1 117 ? 2.649   -6.183  -4.854  1.00 11.61 ? 117 GLN A CA  1 
ATOM   923  C  C   . GLN A 1 117 ? 2.502   -4.731  -5.258  1.00 11.50 ? 117 GLN A C   1 
ATOM   924  O  O   . GLN A 1 117 ? 1.422   -4.326  -5.706  1.00 13.17 ? 117 GLN A O   1 
ATOM   925  C  CB  . GLN A 1 117 ? 2.581   -7.097  -6.067  1.00 12.99 ? 117 GLN A CB  1 
ATOM   926  C  CG  . GLN A 1 117 ? 2.715   -8.569  -5.743  1.00 18.88 ? 117 GLN A CG  1 
ATOM   927  C  CD  . GLN A 1 117 ? 1.401   -9.208  -5.378  1.00 23.27 ? 117 GLN A CD  1 
ATOM   928  O  OE1 . GLN A 1 117 ? 0.396   -9.021  -6.065  1.00 21.54 ? 117 GLN A OE1 1 
ATOM   929  N  NE2 . GLN A 1 117 ? 1.397   -9.979  -4.299  1.00 29.15 ? 117 GLN A NE2 1 
ATOM   930  N  N   . ALA A 1 118 ? 3.552   -3.941  -5.071  1.00 11.55 ? 118 ALA A N   1 
ATOM   931  C  CA  . ALA A 1 118 ? 3.549   -2.527  -5.443  1.00 11.97 ? 118 ALA A CA  1 
ATOM   932  C  C   . ALA A 1 118 ? 4.388   -2.326  -6.695  1.00 12.67 ? 118 ALA A C   1 
ATOM   933  O  O   . ALA A 1 118 ? 5.623   -2.449  -6.660  1.00 13.27 ? 118 ALA A O   1 
ATOM   934  C  CB  . ALA A 1 118 ? 4.084   -1.672  -4.303  1.00 13.51 ? 118 ALA A CB  1 
ATOM   935  N  N   . TYR A 1 119 ? 3.720   -2.024  -7.800  1.00 10.83 ? 119 TYR A N   1 
ATOM   936  C  CA  . TYR A 1 119 ? 4.384   -1.783  -9.081  1.00 9.58  ? 119 TYR A CA  1 
ATOM   937  C  C   . TYR A 1 119 ? 4.773   -0.331  -9.205  1.00 12.25 ? 119 TYR A C   1 
ATOM   938  O  O   . TYR A 1 119 ? 3.909   0.554   -9.157  1.00 12.18 ? 119 TYR A O   1 
ATOM   939  C  CB  . TYR A 1 119 ? 3.477   -2.188  -10.261 1.00 11.60 ? 119 TYR A CB  1 
ATOM   940  C  CG  . TYR A 1 119 ? 3.266   -3.687  -10.359 1.00 11.49 ? 119 TYR A CG  1 
ATOM   941  C  CD1 . TYR A 1 119 ? 2.317   -4.328  -9.564  1.00 12.70 ? 119 TYR A CD1 1 
ATOM   942  C  CD2 . TYR A 1 119 ? 4.034   -4.464  -11.221 1.00 12.75 ? 119 TYR A CD2 1 
ATOM   943  C  CE1 . TYR A 1 119 ? 2.120   -5.691  -9.632  1.00 12.59 ? 119 TYR A CE1 1 
ATOM   944  C  CE2 . TYR A 1 119 ? 3.840   -5.841  -11.291 1.00 15.46 ? 119 TYR A CE2 1 
ATOM   945  C  CZ  . TYR A 1 119 ? 2.887   -6.434  -10.487 1.00 14.22 ? 119 TYR A CZ  1 
ATOM   946  O  OH  . TYR A 1 119 ? 2.716   -7.800  -10.556 1.00 20.46 ? 119 TYR A OH  1 
ATOM   947  N  N   . TRP A 1 120 ? 6.078   -0.108  -9.371  1.00 12.67 ? 120 TRP A N   1 
ATOM   948  C  CA  . TRP A 1 120 ? 6.658   1.197   -9.660  1.00 12.56 ? 120 TRP A CA  1 
ATOM   949  C  C   . TRP A 1 120 ? 8.137   1.013   -9.879  1.00 12.55 ? 120 TRP A C   1 
ATOM   950  O  O   . TRP A 1 120 ? 8.730   0.032   -9.422  1.00 13.20 ? 120 TRP A O   1 
ATOM   951  C  CB  . TRP A 1 120 ? 6.426   2.198   -8.522  1.00 10.64 ? 120 TRP A CB  1 
ATOM   952  C  CG  . TRP A 1 120 ? 7.079   1.820   -7.223  1.00 13.65 ? 120 TRP A CG  1 
ATOM   953  C  CD1 . TRP A 1 120 ? 6.533   1.076   -6.224  1.00 12.83 ? 120 TRP A CD1 1 
ATOM   954  C  CD2 . TRP A 1 120 ? 8.392   2.194   -6.763  1.00 13.24 ? 120 TRP A CD2 1 
ATOM   955  N  NE1 . TRP A 1 120 ? 7.408   0.961   -5.176  1.00 15.78 ? 120 TRP A NE1 1 
ATOM   956  C  CE2 . TRP A 1 120 ? 8.561   1.624   -5.485  1.00 14.91 ? 120 TRP A CE2 1 
ATOM   957  C  CE3 . TRP A 1 120 ? 9.439   2.937   -7.311  1.00 15.68 ? 120 TRP A CE3 1 
ATOM   958  C  CZ2 . TRP A 1 120 ? 9.732   1.784   -4.742  1.00 20.28 ? 120 TRP A CZ2 1 
ATOM   959  C  CZ3 . TRP A 1 120 ? 10.609  3.096   -6.567  1.00 16.54 ? 120 TRP A CZ3 1 
ATOM   960  C  CH2 . TRP A 1 120 ? 10.744  2.514   -5.306  1.00 19.93 ? 120 TRP A CH2 1 
ATOM   961  N  N   . SER A 1 121 ? 8.717   1.972   -10.579 1.00 13.33 ? 121 SER A N   1 
ATOM   962  C  CA  . SER A 1 121 ? 10.167  2.098   -10.633 1.00 15.78 ? 121 SER A CA  1 
ATOM   963  C  C   . SER A 1 121 ? 10.517  3.568   -10.733 1.00 15.84 ? 121 SER A C   1 
ATOM   964  O  O   . SER A 1 121 ? 9.661   4.444   -10.612 1.00 14.83 ? 121 SER A O   1 
ATOM   965  C  CB  . SER A 1 121 ? 10.771  1.310   -11.798 1.00 16.47 ? 121 SER A CB  1 
ATOM   966  O  OG  . SER A 1 121 ? 10.359  1.835   -13.041 1.00 18.43 ? 121 SER A OG  1 
ATOM   967  N  N   . GLU A 1 122 ? 11.794  3.835   -10.971 1.00 16.14 ? 122 GLU A N   1 
ATOM   968  C  CA  . GLU A 1 122 ? 12.289  5.201   -10.920 1.00 17.36 ? 122 GLU A CA  1 
ATOM   969  C  C   . GLU A 1 122 ? 11.656  6.069   -12.005 1.00 19.44 ? 122 GLU A C   1 
ATOM   970  O  O   . GLU A 1 122 ? 11.506  7.283   -11.826 1.00 24.02 ? 122 GLU A O   1 
ATOM   971  C  CB  . GLU A 1 122 ? 13.820  5.197   -11.012 1.00 19.91 ? 122 GLU A CB  1 
ATOM   972  C  CG  . GLU A 1 122 ? 14.496  4.420   -9.862  1.00 29.07 ? 122 GLU A CG  1 
ATOM   973  C  CD  . GLU A 1 122 ? 14.603  2.906   -10.097 1.00 30.30 ? 122 GLU A CD  1 
ATOM   974  O  OE1 . GLU A 1 122 ? 15.151  2.201   -9.218  1.00 32.23 ? 122 GLU A OE1 1 
ATOM   975  O  OE2 . GLU A 1 122 ? 14.143  2.415   -11.149 1.00 23.53 1 122 GLU A OE2 1 
ATOM   976  N  N   . VAL A 1 123 ? 11.231  5.438   -13.098 1.00 18.18 ? 123 VAL A N   1 
ATOM   977  C  CA  . VAL A 1 123 ? 10.488  6.114   -14.165 1.00 24.50 ? 123 VAL A CA  1 
ATOM   978  C  C   . VAL A 1 123 ? 9.220   6.778   -13.619 1.00 24.65 ? 123 VAL A C   1 
ATOM   979  O  O   . VAL A 1 123 ? 8.733   7.756   -14.179 1.00 28.57 ? 123 VAL A O   1 
ATOM   980  C  CB  . VAL A 1 123 ? 10.104  5.132   -15.348 1.00 20.23 ? 123 VAL A CB  1 
ATOM   981  C  CG1 . VAL A 1 123 ? 11.340  4.432   -15.893 1.00 31.18 ? 123 VAL A CG1 1 
ATOM   982  C  CG2 . VAL A 1 123 ? 9.052   4.112   -14.925 1.00 27.41 ? 123 VAL A CG2 1 
ATOM   983  N  N   . ASN A 1 124 ? 8.706   6.259   -12.504 1.00 17.21 ? 124 ASN A N   1 
ATOM   984  C  CA  . ASN A 1 124 ? 7.456   6.744   -11.922 1.00 19.39 ? 124 ASN A CA  1 
ATOM   985  C  C   . ASN A 1 124 ? 7.647   7.812   -10.855 1.00 17.46 ? 124 ASN A C   1 
ATOM   986  O  O   . ASN A 1 124 ? 6.679   8.271   -10.255 1.00 17.52 ? 124 ASN A O   1 
ATOM   987  C  CB  . ASN A 1 124 ? 6.675   5.563   -11.338 1.00 16.08 ? 124 ASN A CB  1 
ATOM   988  C  CG  . ASN A 1 124 ? 6.267   4.554   -12.401 1.00 13.31 ? 124 ASN A CG  1 
ATOM   989  O  OD1 . ASN A 1 124 ? 6.669   3.388   -12.363 1.00 14.72 ? 124 ASN A OD1 1 
ATOM   990  N  ND2 . ASN A 1 124 ? 5.489   5.012   -13.388 1.00 16.93 ? 124 ASN A ND2 1 
ATOM   991  N  N   . LEU A 1 125 ? 8.898   8.206   -10.634 1.00 20.05 ? 125 LEU A N   1 
ATOM   992  C  CA  . LEU A 1 125 ? 9.224   9.224   -9.641  1.00 20.38 ? 125 LEU A CA  1 
ATOM   993  C  C   . LEU A 1 125 ? 9.383   10.584  -10.309 1.00 21.23 ? 125 LEU A C   1 
ATOM   994  O  O   . LEU A 1 125 ? 9.944   10.684  -11.396 1.00 24.37 ? 125 LEU A O   1 
ATOM   995  C  CB  . LEU A 1 125 ? 10.501  8.846   -8.896  1.00 23.49 ? 125 LEU A CB  1 
ATOM   996  C  CG  . LEU A 1 125 ? 11.028  9.875   -7.898  1.00 28.49 ? 125 LEU A CG  1 
ATOM   997  C  CD1 . LEU A 1 125 ? 10.073  9.996   -6.721  1.00 30.09 ? 125 LEU A CD1 1 
ATOM   998  C  CD2 . LEU A 1 125 ? 12.423  9.499   -7.432  1.00 35.73 ? 125 LEU A CD2 1 
ATOM   999  N  N   . SER A 1 126 ? 8.865   11.629  -9.678  1.00 23.45 ? 126 SER A N   1 
ATOM   1000 C  CA  A SER A 1 126 ? 9.063   12.987  -10.170 0.54 29.15 ? 126 SER A CA  1 
ATOM   1001 C  CA  B SER A 1 126 ? 9.072   12.984  -10.174 0.46 29.15 ? 126 SER A CA  1 
ATOM   1002 C  C   . SER A 1 126 ? 9.576   13.870  -9.045  1.00 28.19 ? 126 SER A C   1 
ATOM   1003 O  O   . SER A 1 126 ? 8.877   14.093  -8.065  1.00 30.10 ? 126 SER A O   1 
ATOM   1004 C  CB  A SER A 1 126 ? 7.765   13.552  -10.749 0.54 29.30 ? 126 SER A CB  1 
ATOM   1005 C  CB  B SER A 1 126 ? 7.785   13.551  -10.781 0.46 29.31 ? 126 SER A CB  1 
ATOM   1006 O  OG  A SER A 1 126 ? 7.368   12.824  -11.896 0.54 34.22 ? 126 SER A OG  1 
ATOM   1007 O  OG  B SER A 1 126 ? 6.702   13.462  -9.874  0.46 34.99 ? 126 SER A OG  1 
ATOM   1008 N  N   . VAL A 1 127 ? 10.805  14.356  -9.196  1.00 30.61 ? 127 VAL A N   1 
ATOM   1009 C  CA  . VAL A 1 127 ? 11.473  15.174  -8.187  1.00 38.56 ? 127 VAL A CA  1 
ATOM   1010 C  C   . VAL A 1 127 ? 11.084  16.648  -8.270  1.00 39.47 ? 127 VAL A C   1 
ATOM   1011 O  O   . VAL A 1 127 ? 10.760  17.158  -9.344  1.00 47.12 ? 127 VAL A O   1 
ATOM   1012 C  CB  . VAL A 1 127 ? 13.007  15.039  -8.322  1.00 38.05 ? 127 VAL A CB  1 
ATOM   1013 C  CG1 . VAL A 1 127 ? 13.715  16.094  -7.519  1.00 39.63 ? 127 VAL A CG1 1 
ATOM   1014 C  CG2 . VAL A 1 127 ? 13.459  13.647  -7.899  1.00 36.85 ? 127 VAL A CG2 1 
HETATM 1015 S  S   . SO4 B 2 .   ? -0.289  -14.107 -4.667  1.00 42.39 ? 201 SO4 A S   1 
HETATM 1016 O  O1  . SO4 B 2 .   ? 0.937   -13.431 -4.251  1.00 43.39 ? 201 SO4 A O1  1 
HETATM 1017 O  O2  . SO4 B 2 .   ? -0.271  -14.279 -6.119  1.00 50.81 ? 201 SO4 A O2  1 
HETATM 1018 O  O3  . SO4 B 2 .   ? -1.455  -13.309 -4.290  1.00 29.83 ? 201 SO4 A O3  1 
HETATM 1019 O  O4  . SO4 B 2 .   ? -0.374  -15.411 -4.007  1.00 44.11 ? 201 SO4 A O4  1 
HETATM 1020 S  S   . SO4 C 2 .   ? -1.949  -18.261 1.501   1.00 64.35 ? 202 SO4 A S   1 
HETATM 1021 O  O1  . SO4 C 2 .   ? -0.878  -17.623 0.738   1.00 51.66 ? 202 SO4 A O1  1 
HETATM 1022 O  O2  . SO4 C 2 .   ? -1.933  -17.755 2.872   1.00 59.06 ? 202 SO4 A O2  1 
HETATM 1023 O  O3  . SO4 C 2 .   ? -1.738  -19.706 1.513   1.00 78.39 ? 202 SO4 A O3  1 
HETATM 1024 O  O4  . SO4 C 2 .   ? -3.241  -17.965 0.885   1.00 53.25 ? 202 SO4 A O4  1 
HETATM 1025 O  O   . HOH D 3 .   ? -20.865 -2.040  -0.524  1.00 44.47 ? 301 HOH A O   1 
HETATM 1026 O  O   . HOH D 3 .   ? 8.858   6.317   13.994  1.00 47.43 ? 302 HOH A O   1 
HETATM 1027 O  O   . HOH D 3 .   ? -0.996  -17.553 5.563   1.00 45.36 ? 303 HOH A O   1 
HETATM 1028 O  O   . HOH D 3 .   ? 0.924   -19.219 7.033   1.00 55.40 ? 304 HOH A O   1 
HETATM 1029 O  O   . HOH D 3 .   ? 9.772   -12.717 8.566   1.00 35.43 ? 305 HOH A O   1 
HETATM 1030 O  O   . HOH D 3 .   ? -7.240  -17.571 4.500   1.00 47.71 ? 306 HOH A O   1 
HETATM 1031 O  O   . HOH D 3 .   ? -0.371  -2.832  14.732  1.00 31.60 ? 307 HOH A O   1 
HETATM 1032 O  O   . HOH D 3 .   ? 10.303  -10.986 11.990  1.00 27.16 ? 308 HOH A O   1 
HETATM 1033 O  O   . HOH D 3 .   ? -14.839 -16.807 6.988   0.50 40.20 ? 309 HOH A O   1 
HETATM 1034 O  O   . HOH D 3 .   ? 3.621   -10.376 -2.323  1.00 23.80 ? 310 HOH A O   1 
HETATM 1035 O  O   . HOH D 3 .   ? -12.388 -10.475 10.062  1.00 34.89 ? 311 HOH A O   1 
HETATM 1036 O  O   . HOH D 3 .   ? 1.643   0.520   -0.975  1.00 16.44 ? 312 HOH A O   1 
HETATM 1037 O  O   . HOH D 3 .   ? -1.748  -9.554  -4.688  1.00 32.82 ? 313 HOH A O   1 
HETATM 1038 O  O   . HOH D 3 .   ? -4.139  -15.278 6.781   1.00 29.18 ? 314 HOH A O   1 
HETATM 1039 O  O   . HOH D 3 .   ? 3.523   -1.913  0.534   1.00 26.89 ? 315 HOH A O   1 
HETATM 1040 O  O   . HOH D 3 .   ? -17.266 -11.019 2.853   1.00 35.62 ? 316 HOH A O   1 
HETATM 1041 O  O   . HOH D 3 .   ? -4.636  -16.767 3.198   1.00 43.54 ? 317 HOH A O   1 
HETATM 1042 O  O   . HOH D 3 .   ? -1.200  -11.009 -6.716  1.00 41.48 ? 318 HOH A O   1 
HETATM 1043 O  O   . HOH D 3 .   ? -16.523 -13.309 -0.990  1.00 32.66 ? 319 HOH A O   1 
HETATM 1044 O  O   . HOH D 3 .   ? -8.618  6.412   -0.154  1.00 22.80 ? 320 HOH A O   1 
HETATM 1045 O  O   . HOH D 3 .   ? 12.735  -11.171 10.340  1.00 42.14 ? 321 HOH A O   1 
HETATM 1046 O  O   . HOH D 3 .   ? -5.684  5.174   15.055  1.00 19.23 ? 322 HOH A O   1 
HETATM 1047 O  O   . HOH D 3 .   ? 9.151   -9.099  -6.155  1.00 22.04 ? 323 HOH A O   1 
HETATM 1048 O  O   . HOH D 3 .   ? -7.063  -15.264 -0.630  1.00 29.15 ? 324 HOH A O   1 
HETATM 1049 O  O   . HOH D 3 .   ? -7.429  -5.586  5.746   1.00 21.46 ? 325 HOH A O   1 
HETATM 1050 O  O   . HOH D 3 .   ? -14.076 -10.801 -4.085  1.00 20.56 ? 326 HOH A O   1 
HETATM 1051 O  O   . HOH D 3 .   ? -6.046  -13.034 9.197   1.00 25.34 ? 327 HOH A O   1 
HETATM 1052 O  O   . HOH D 3 .   ? 3.806   9.692   7.313   1.00 38.47 ? 328 HOH A O   1 
HETATM 1053 O  O   . HOH D 3 .   ? -20.572 -6.671  -0.212  1.00 33.82 ? 329 HOH A O   1 
HETATM 1054 O  O   . HOH D 3 .   ? 12.970  -6.309  -0.266  1.00 34.67 ? 330 HOH A O   1 
HETATM 1055 O  O   . HOH D 3 .   ? 7.232   13.481  3.132   1.00 51.03 ? 331 HOH A O   1 
HETATM 1056 O  O   . HOH D 3 .   ? -6.415  -1.178  10.837  1.00 24.36 ? 332 HOH A O   1 
HETATM 1057 O  O   . HOH D 3 .   ? 13.441  -9.805  1.974   1.00 29.62 ? 333 HOH A O   1 
HETATM 1058 O  O   . HOH D 3 .   ? 3.034   -14.274 11.997  1.00 23.51 ? 334 HOH A O   1 
HETATM 1059 O  O   . HOH D 3 .   ? 11.520  -3.636  -9.935  1.00 17.47 ? 335 HOH A O   1 
HETATM 1060 O  O   . HOH D 3 .   ? 11.329  -4.756  6.704   1.00 29.64 ? 336 HOH A O   1 
HETATM 1061 O  O   . HOH D 3 .   ? -17.763 -10.377 -4.998  1.00 23.09 ? 337 HOH A O   1 
HETATM 1062 O  O   . HOH D 3 .   ? -12.988 2.735   2.587   1.00 26.50 ? 338 HOH A O   1 
HETATM 1063 O  O   . HOH D 3 .   ? -3.727  -12.394 10.648  1.00 23.88 ? 339 HOH A O   1 
HETATM 1064 O  O   . HOH D 3 .   ? -1.020  8.232   -10.288 1.00 19.59 ? 340 HOH A O   1 
HETATM 1065 O  O   . HOH D 3 .   ? 9.174   -3.891  13.414  1.00 23.98 ? 341 HOH A O   1 
HETATM 1066 O  O   . HOH D 3 .   ? -8.351  -15.617 -3.203  1.00 29.04 ? 342 HOH A O   1 
HETATM 1067 O  O   . HOH D 3 .   ? 1.866   9.522   5.909   1.00 24.98 ? 343 HOH A O   1 
HETATM 1068 O  O   . HOH D 3 .   ? 6.913   0.160   13.945  1.00 40.58 ? 344 HOH A O   1 
HETATM 1069 O  O   . HOH D 3 .   ? 11.318  -1.013  -9.453  1.00 18.45 ? 345 HOH A O   1 
HETATM 1070 O  O   . HOH D 3 .   ? -7.682  -5.928  9.980   1.00 38.50 ? 346 HOH A O   1 
HETATM 1071 O  O   . HOH D 3 .   ? -6.267  10.035  0.183   1.00 22.99 ? 347 HOH A O   1 
HETATM 1072 O  O   . HOH D 3 .   ? -2.752  3.594   15.814  1.00 25.19 ? 348 HOH A O   1 
HETATM 1073 O  O   . HOH D 3 .   ? 6.444   -12.607 -7.266  1.00 35.12 ? 349 HOH A O   1 
HETATM 1074 O  O   . HOH D 3 .   ? -14.637 -3.045  3.096   1.00 22.41 ? 350 HOH A O   1 
HETATM 1075 O  O   . HOH D 3 .   ? -5.399  6.482   -12.940 0.50 15.65 ? 351 HOH A O   1 
HETATM 1076 O  O   . HOH D 3 .   ? -2.303  -15.720 8.836   1.00 30.66 ? 352 HOH A O   1 
HETATM 1077 O  O   . HOH D 3 .   ? 9.689   -6.035  -0.941  1.00 26.74 ? 353 HOH A O   1 
HETATM 1078 O  O   . HOH D 3 .   ? 12.911  -1.854  6.998   1.00 47.68 ? 354 HOH A O   1 
HETATM 1079 O  O   . HOH D 3 .   ? 4.798   7.901   -13.482 1.00 20.64 ? 355 HOH A O   1 
HETATM 1080 O  O   . HOH D 3 .   ? 0.543   -8.883  -9.029  1.00 24.30 ? 356 HOH A O   1 
HETATM 1081 O  O   . HOH D 3 .   ? -7.609  4.907   -13.185 1.00 14.36 ? 357 HOH A O   1 
HETATM 1082 O  O   . HOH D 3 .   ? 1.573   -14.494 2.974   1.00 30.01 ? 358 HOH A O   1 
HETATM 1083 O  O   . HOH D 3 .   ? 5.504   10.882  -10.555 1.00 27.29 ? 359 HOH A O   1 
HETATM 1084 O  O   . HOH D 3 .   ? -17.040 -0.196  -0.717  1.00 36.90 ? 360 HOH A O   1 
HETATM 1085 O  O   . HOH D 3 .   ? 7.705   -2.752  -9.829  1.00 18.47 ? 361 HOH A O   1 
HETATM 1086 O  O   . HOH D 3 .   ? -24.222 -3.043  -1.559  1.00 33.02 ? 362 HOH A O   1 
HETATM 1087 O  O   . HOH D 3 .   ? -12.598 3.148   -5.917  1.00 19.32 ? 363 HOH A O   1 
HETATM 1088 O  O   . HOH D 3 .   ? -5.179  10.164  -12.619 1.00 31.33 ? 364 HOH A O   1 
HETATM 1089 O  O   . HOH D 3 .   ? -13.001 2.369   -3.153  1.00 22.13 ? 365 HOH A O   1 
HETATM 1090 O  O   . HOH D 3 .   ? 3.300   -13.290 -2.569  1.00 37.15 ? 366 HOH A O   1 
HETATM 1091 O  O   . HOH D 3 .   ? -0.911  12.208  -3.583  1.00 40.90 ? 367 HOH A O   1 
HETATM 1092 O  O   . HOH D 3 .   ? 3.575   -9.307  -12.932 1.00 29.07 ? 368 HOH A O   1 
HETATM 1093 O  O   . HOH D 3 .   ? 11.786  0.979   10.939  1.00 32.70 ? 369 HOH A O   1 
HETATM 1094 O  O   . HOH D 3 .   ? -19.511 -6.905  -4.337  1.00 24.57 ? 370 HOH A O   1 
HETATM 1095 O  O   . HOH D 3 .   ? -5.805  12.202  -6.911  1.00 32.56 ? 371 HOH A O   1 
HETATM 1096 O  O   . HOH D 3 .   ? -7.558  8.314   -1.803  1.00 19.14 ? 372 HOH A O   1 
HETATM 1097 O  O   . HOH D 3 .   ? -16.583 -12.554 -3.691  1.00 27.31 ? 373 HOH A O   1 
HETATM 1098 O  O   . HOH D 3 .   ? -1.935  0.122   18.166  1.00 37.85 ? 374 HOH A O   1 
HETATM 1099 O  O   . HOH D 3 .   ? -3.564  -13.403 -6.407  1.00 30.21 ? 375 HOH A O   1 
HETATM 1100 O  O   . HOH D 3 .   ? -4.331  13.343  6.154   1.00 40.37 ? 376 HOH A O   1 
HETATM 1101 O  O   . HOH D 3 .   ? -8.276  -16.670 -9.950  1.00 35.81 ? 377 HOH A O   1 
HETATM 1102 O  O   . HOH D 3 .   ? -16.349 1.716   -8.738  1.00 33.99 ? 378 HOH A O   1 
HETATM 1103 O  O   . HOH D 3 .   ? 13.442  -0.013  -7.996  1.00 29.92 ? 379 HOH A O   1 
HETATM 1104 O  O   . HOH D 3 .   ? 6.396   17.281  -6.496  1.00 46.34 ? 380 HOH A O   1 
HETATM 1105 O  O   . HOH D 3 .   ? 5.155   16.142  -10.134 1.00 44.97 ? 381 HOH A O   1 
HETATM 1106 O  O   . HOH D 3 .   ? 11.824  -4.825  13.662  1.00 38.09 ? 382 HOH A O   1 
HETATM 1107 O  O   . HOH D 3 .   ? 3.182   16.436  -6.631  1.00 48.98 ? 383 HOH A O   1 
HETATM 1108 O  O   . HOH D 3 .   ? -1.736  13.912  4.726   1.00 38.62 ? 384 HOH A O   1 
HETATM 1109 O  O   . HOH D 3 .   ? -10.512 9.427   5.801   1.00 41.11 ? 385 HOH A O   1 
HETATM 1110 O  O   . HOH D 3 .   ? -13.092 -1.244  4.482   1.00 28.90 ? 386 HOH A O   1 
HETATM 1111 O  O   . HOH D 3 .   ? 13.630  -13.290 6.729   1.00 45.21 ? 387 HOH A O   1 
HETATM 1112 O  O   . HOH D 3 .   ? 3.913   2.485   -1.369  1.00 38.67 ? 388 HOH A O   1 
HETATM 1113 O  O   . HOH D 3 .   ? -7.521  -18.889 7.449   1.00 60.66 ? 389 HOH A O   1 
HETATM 1114 O  O   . HOH D 3 .   ? 9.155   -1.162  13.624  1.00 30.80 ? 390 HOH A O   1 
HETATM 1115 O  O   . HOH D 3 .   ? -5.582  -15.333 -6.496  1.00 32.73 ? 391 HOH A O   1 
HETATM 1116 O  O   . HOH D 3 .   ? -11.889 5.900   -6.257  1.00 38.06 ? 392 HOH A O   1 
HETATM 1117 O  O   . HOH D 3 .   ? -8.816  -4.790  7.925   1.00 26.29 ? 393 HOH A O   1 
HETATM 1118 O  O   . HOH D 3 .   ? 13.641  -13.476 9.798   1.00 46.50 ? 394 HOH A O   1 
HETATM 1119 O  O   . HOH D 3 .   ? -2.270  9.292   -12.676 1.00 24.11 ? 395 HOH A O   1 
HETATM 1120 O  O   . HOH D 3 .   ? -7.894  -3.284  10.630  1.00 37.30 ? 396 HOH A O   1 
HETATM 1121 O  O   . HOH D 3 .   ? -17.190 -2.189  2.339   1.00 37.22 ? 397 HOH A O   1 
HETATM 1122 O  O   . HOH D 3 .   ? 13.944  -4.056  -8.619  1.00 32.83 ? 398 HOH A O   1 
HETATM 1123 O  O   . HOH D 3 .   ? 12.938  3.121   11.109  1.00 44.95 ? 399 HOH A O   1 
HETATM 1124 O  O   . HOH D 3 .   ? -6.697  -16.724 -4.849  1.00 41.82 ? 400 HOH A O   1 
HETATM 1125 O  O   . HOH D 3 .   ? -20.165 -10.062 -4.620  1.00 36.67 ? 401 HOH A O   1 
HETATM 1126 O  O   . HOH D 3 .   ? -6.607  12.626  -0.297  1.00 36.83 ? 402 HOH A O   1 
HETATM 1127 O  O   . HOH D 3 .   ? -9.566  9.538   -3.082  1.00 36.23 ? 403 HOH A O   1 
HETATM 1128 O  O   . HOH D 3 .   ? 11.311  -13.680 13.408  1.00 38.43 ? 404 HOH A O   1 
HETATM 1129 O  O   . HOH D 3 .   ? -14.961 -5.202  4.926   1.00 35.14 ? 405 HOH A O   1 
HETATM 1130 O  O   . HOH D 3 .   ? 11.219  0.127   13.154  1.00 34.67 ? 406 HOH A O   1 
HETATM 1131 O  O   . HOH D 3 .   ? -15.108 3.479   0.725   1.00 42.74 ? 407 HOH A O   1 
HETATM 1132 O  O   . HOH D 3 .   ? 5.115   -15.764 -4.336  1.00 56.41 ? 408 HOH A O   1 
HETATM 1133 O  O   . HOH D 3 .   ? -15.036 5.664   -7.329  1.00 48.47 ? 409 HOH A O   1 
# 
